data_8TRR
#
_entry.id   8TRR
#
_cell.length_a   98.929
_cell.length_b   59.970
_cell.length_c   379.159
_cell.angle_alpha   90.000
_cell.angle_beta   90.160
_cell.angle_gamma   90.000
#
_symmetry.space_group_name_H-M   'I 1 2 1'
#
loop_
_entity.id
_entity.type
_entity.pdbx_description
1 polymer 'HLA class II histocompatibility antigen, DR alpha chain'
2 polymer 'HLA class II histocompatibility antigen, DRB1 beta chain'
3 polymer Vimentin
4 polymer 'A03 TCR alpha chain'
5 polymer 'A03 TCR beta chain'
6 branched 2-acetamido-2-deoxy-beta-D-glucopyranose-(1-4)-2-acetamido-2-deoxy-beta-D-glucopyranose
7 branched 2-acetamido-2-deoxy-beta-D-glucopyranose-(1-4)-2-acetamido-2-deoxy-beta-D-glucopyranose-(1-4)-2-acetamido-2-deoxy-beta-D-glucopyranose
8 non-polymer GLYCEROL
9 non-polymer 'SULFATE ION'
10 non-polymer 2-acetamido-2-deoxy-beta-D-glucopyranose
11 water water
#
loop_
_entity_poly.entity_id
_entity_poly.type
_entity_poly.pdbx_seq_one_letter_code
_entity_poly.pdbx_strand_id
1 'polypeptide(L)'
;IKEEHVIIQAEFYLNPDQSGEFMFDFDGDEIFHVDMAKKETVWRLEEFGRFASFEAQGALANIAVDKANLEIMTKRSNYT
PITNVPPEVTVLTNSPVELREPNVLICFIDKFTPPVVNVTWLRNGKPVTTGVSETVFLPREDHLFRKFHYLPFLPSTEDV
YDCRVEHWGLDEPLLKHWEFD
;
A,F
2 'polypeptide(L)'
;GDTRPRFLEQVKHECHFFNGTERVRFLDRYFYHQEEYVRFDSDVGEYRAVTELGRPDAEYWNSQKDLLEQKRAAVDTYCR
HNYGVGESFTVQRRVYPEVTVYPAKTQPLQHHNLLVCSVNGFYPGSIEVRWFRNGQEEKTGVVSTGLIQNGDWTFQTLVM
LETVPRSGEVYTCQVEHPSLTSPLTVEWRA
;
B,G
3 'polypeptide(L)' GVYAT(CIR)SSAVRLR C,H
4 'polypeptide(L)'
;MGDSVTQTEGQVTVSESKSLIINCTYSTTSIAYPNLFWYVRYPGEGLQLLLKVITAGQKGSSRGFEATYNKETTSFHLQK
ASVQESDSAVYYCALGDTGNYKYVFGAGTRLKVIAHIQNPDPAVYQLRDSKSSDKSVCLFTDFDSQTNVSQSKDSDVYIT
DKCVLDMRSMDFKSNSAVAWSNKSDFACANAFNNSIIPEDTFFPSPESS
;
D,I
5 'polypeptide(L)'
;EAAVTQSPRSKVAVTGGKVTLSCHQTNNHDYMYWYRQDTGHGLRLIHYSYVADSTEKGDIPDGYKASRPSQENFSLILEL
ASLSQTAVYFCASSAVNSGNTLYFGEGSRLIVVEDLNKVFPPEVAVFEPSEAEISHTQKATLVCLATGFFPDHVELSWWV
NGKEVHSGVCTDPQPLKEQPALNDSRYALSSRLRVSATFWQNPRNHFRCQVQFYGLSENDEWTQDRAKPVTQIVSAEAWG
RAD
;
E,J
#
loop_
_chem_comp.id
_chem_comp.type
_chem_comp.name
_chem_comp.formula
GOL non-polymer GLYCEROL 'C3 H8 O3'
NAG D-saccharide, beta linking 2-acetamido-2-deoxy-beta-D-glucopyranose 'C8 H15 N O6'
SO4 non-polymer 'SULFATE ION' 'O4 S -2'
#
# COMPACT_ATOMS: atom_id res chain seq x y z
N GLU A 3 -71.33 -13.29 -32.70
CA GLU A 3 -72.29 -13.39 -31.61
C GLU A 3 -71.97 -12.39 -30.50
N GLU A 4 -72.98 -11.64 -30.06
CA GLU A 4 -72.78 -10.60 -29.05
C GLU A 4 -72.56 -11.24 -27.69
N HIS A 5 -71.49 -10.81 -27.01
CA HIS A 5 -71.18 -11.27 -25.67
C HIS A 5 -70.50 -10.16 -24.89
N VAL A 6 -70.66 -10.18 -23.58
CA VAL A 6 -70.08 -9.16 -22.72
C VAL A 6 -69.48 -9.87 -21.52
N ILE A 7 -68.20 -9.66 -21.29
CA ILE A 7 -67.54 -10.11 -20.06
C ILE A 7 -67.21 -8.85 -19.25
N ILE A 8 -67.54 -8.87 -17.95
CA ILE A 8 -67.26 -7.74 -17.06
C ILE A 8 -66.54 -8.21 -15.81
N GLN A 9 -65.42 -7.53 -15.47
CA GLN A 9 -64.73 -7.71 -14.19
C GLN A 9 -65.16 -6.55 -13.28
N ALA A 10 -65.92 -6.85 -12.24
CA ALA A 10 -66.69 -5.86 -11.47
C ALA A 10 -66.18 -5.82 -10.04
N GLU A 11 -65.83 -4.63 -9.58
CA GLU A 11 -65.28 -4.47 -8.26
C GLU A 11 -66.09 -3.40 -7.54
N PHE A 12 -66.28 -3.59 -6.23
CA PHE A 12 -66.62 -2.42 -5.43
C PHE A 12 -65.86 -2.42 -4.11
N TYR A 13 -65.87 -1.26 -3.45
CA TYR A 13 -65.39 -1.15 -2.07
C TYR A 13 -66.28 -0.19 -1.31
N LEU A 14 -66.62 -0.56 -0.08
CA LEU A 14 -67.66 0.12 0.71
C LEU A 14 -67.08 0.58 2.05
N ASN A 15 -67.06 1.92 2.26
CA ASN A 15 -66.75 2.49 3.55
C ASN A 15 -68.02 2.96 4.23
N PRO A 16 -68.08 2.86 5.55
CA PRO A 16 -67.02 2.42 6.46
C PRO A 16 -67.04 0.93 6.80
N ASP A 17 -67.90 0.16 6.12
CA ASP A 17 -67.95 -1.28 6.35
C ASP A 17 -66.64 -1.98 6.02
N GLN A 18 -65.80 -1.39 5.16
CA GLN A 18 -64.57 -2.04 4.71
C GLN A 18 -64.85 -3.36 4.00
N SER A 19 -65.95 -3.42 3.24
CA SER A 19 -66.34 -4.60 2.49
C SER A 19 -65.98 -4.45 1.02
N GLY A 20 -65.21 -5.40 0.50
CA GLY A 20 -64.83 -5.39 -0.90
C GLY A 20 -65.34 -6.62 -1.63
N GLU A 21 -65.57 -6.52 -2.94
CA GLU A 21 -66.01 -7.67 -3.70
C GLU A 21 -65.32 -7.64 -5.05
N PHE A 22 -65.15 -8.82 -5.65
CA PHE A 22 -64.46 -8.95 -6.94
C PHE A 22 -65.07 -10.14 -7.64
N MET A 23 -65.64 -9.91 -8.82
CA MET A 23 -66.31 -11.00 -9.50
C MET A 23 -66.25 -10.80 -11.01
N PHE A 24 -66.43 -11.91 -11.73
CA PHE A 24 -66.48 -11.86 -13.18
C PHE A 24 -67.90 -12.19 -13.63
N ASP A 25 -68.39 -11.42 -14.59
CA ASP A 25 -69.72 -11.56 -15.14
C ASP A 25 -69.61 -11.96 -16.61
N PHE A 26 -70.41 -12.94 -17.00
CA PHE A 26 -70.56 -13.33 -18.39
C PHE A 26 -72.05 -13.25 -18.70
N ASP A 27 -72.44 -12.28 -19.53
CA ASP A 27 -73.80 -12.21 -20.05
C ASP A 27 -74.83 -12.23 -18.91
N GLY A 28 -74.45 -11.71 -17.75
CA GLY A 28 -75.35 -11.57 -16.64
C GLY A 28 -75.23 -12.64 -15.58
N ASP A 29 -74.32 -13.59 -15.75
CA ASP A 29 -74.10 -14.68 -14.82
C ASP A 29 -72.69 -14.56 -14.28
N GLU A 30 -72.48 -15.15 -13.11
CA GLU A 30 -71.23 -15.06 -12.41
C GLU A 30 -70.37 -16.24 -12.83
N ILE A 31 -69.17 -15.95 -13.34
CA ILE A 31 -68.18 -17.00 -13.53
C ILE A 31 -67.59 -17.41 -12.19
N PHE A 32 -67.10 -16.43 -11.42
CA PHE A 32 -66.49 -16.64 -10.10
C PHE A 32 -66.38 -15.32 -9.32
N HIS A 33 -66.16 -15.47 -8.02
CA HIS A 33 -65.80 -14.34 -7.17
C HIS A 33 -64.65 -14.78 -6.27
N VAL A 34 -64.04 -13.81 -5.61
CA VAL A 34 -62.93 -14.07 -4.71
C VAL A 34 -63.43 -13.92 -3.27
N ASP A 35 -63.28 -14.97 -2.48
CA ASP A 35 -63.47 -14.88 -1.04
C ASP A 35 -62.38 -14.01 -0.46
N MET A 36 -62.73 -12.76 -0.13
CA MET A 36 -61.76 -11.83 0.41
C MET A 36 -61.16 -12.34 1.74
N ALA A 37 -61.94 -13.05 2.56
CA ALA A 37 -61.43 -13.51 3.86
C ALA A 37 -60.45 -14.66 3.73
N LYS A 38 -60.75 -15.62 2.86
CA LYS A 38 -59.92 -16.81 2.71
C LYS A 38 -58.91 -16.67 1.58
N LYS A 39 -58.94 -15.56 0.84
CA LYS A 39 -58.05 -15.31 -0.28
C LYS A 39 -58.09 -16.47 -1.27
N GLU A 40 -59.30 -16.82 -1.71
CA GLU A 40 -59.55 -18.00 -2.53
C GLU A 40 -60.54 -17.69 -3.65
N THR A 41 -60.37 -18.38 -4.76
CA THR A 41 -61.33 -18.29 -5.85
C THR A 41 -62.51 -19.22 -5.60
N VAL A 42 -63.72 -18.68 -5.70
CA VAL A 42 -64.94 -19.46 -5.56
C VAL A 42 -65.65 -19.45 -6.91
N TRP A 43 -65.85 -20.64 -7.51
CA TRP A 43 -66.51 -20.76 -8.81
C TRP A 43 -68.02 -20.87 -8.61
N ARG A 44 -68.77 -20.19 -9.48
CA ARG A 44 -70.23 -20.25 -9.36
C ARG A 44 -70.73 -21.66 -9.55
N LEU A 45 -70.19 -22.35 -10.55
CA LEU A 45 -70.44 -23.76 -10.79
C LEU A 45 -69.13 -24.50 -10.57
N GLU A 46 -69.18 -25.58 -9.78
CA GLU A 46 -67.97 -26.32 -9.45
C GLU A 46 -67.21 -26.75 -10.71
N GLU A 47 -67.93 -27.10 -11.79
CA GLU A 47 -67.28 -27.51 -13.02
C GLU A 47 -66.32 -26.45 -13.53
N PHE A 48 -66.56 -25.18 -13.24
CA PHE A 48 -65.68 -24.16 -13.79
C PHE A 48 -64.26 -24.33 -13.31
N GLY A 49 -64.07 -24.81 -12.07
CA GLY A 49 -62.75 -24.97 -11.50
C GLY A 49 -61.96 -26.13 -12.06
N ARG A 50 -62.56 -26.92 -12.94
CA ARG A 50 -61.85 -27.98 -13.64
C ARG A 50 -61.28 -27.52 -14.97
N PHE A 51 -61.69 -26.35 -15.47
CA PHE A 51 -61.26 -25.90 -16.78
C PHE A 51 -60.53 -24.57 -16.76
N ALA A 52 -60.55 -23.87 -15.65
CA ALA A 52 -59.87 -22.59 -15.60
C ALA A 52 -59.40 -22.40 -14.17
N SER A 53 -58.48 -21.45 -14.00
CA SER A 53 -57.95 -21.08 -12.69
C SER A 53 -57.73 -19.56 -12.63
N PHE A 54 -57.49 -19.06 -11.43
CA PHE A 54 -57.28 -17.63 -11.24
C PHE A 54 -56.36 -17.39 -10.04
N GLU A 55 -55.38 -16.49 -10.19
CA GLU A 55 -54.52 -16.05 -9.08
C GLU A 55 -55.22 -14.92 -8.33
N ALA A 56 -55.71 -15.20 -7.11
CA ALA A 56 -56.56 -14.24 -6.39
C ALA A 56 -55.82 -12.98 -5.96
N GLN A 57 -54.49 -13.03 -5.82
CA GLN A 57 -53.75 -11.88 -5.31
C GLN A 57 -53.88 -10.69 -6.24
N GLY A 58 -54.20 -10.94 -7.52
CA GLY A 58 -54.57 -9.85 -8.38
C GLY A 58 -55.84 -9.17 -7.92
N ALA A 59 -56.79 -9.95 -7.40
CA ALA A 59 -58.02 -9.30 -6.97
C ALA A 59 -57.78 -8.51 -5.70
N LEU A 60 -57.00 -9.08 -4.78
CA LEU A 60 -56.69 -8.37 -3.54
C LEU A 60 -55.92 -7.08 -3.82
N ALA A 61 -55.08 -7.08 -4.85
CA ALA A 61 -54.36 -5.87 -5.22
C ALA A 61 -55.31 -4.77 -5.66
N ASN A 62 -56.18 -5.11 -6.61
CA ASN A 62 -57.22 -4.18 -7.06
C ASN A 62 -58.09 -3.69 -5.89
N ILE A 63 -58.43 -4.56 -4.93
CA ILE A 63 -59.24 -4.11 -3.80
C ILE A 63 -58.47 -3.06 -2.99
N ALA A 64 -57.19 -3.32 -2.68
CA ALA A 64 -56.41 -2.33 -1.91
C ALA A 64 -56.34 -1.00 -2.65
N VAL A 65 -56.16 -1.06 -3.96
CA VAL A 65 -56.21 0.17 -4.74
C VAL A 65 -57.60 0.81 -4.68
N ASP A 66 -58.68 0.02 -4.79
CA ASP A 66 -59.99 0.68 -4.79
C ASP A 66 -60.24 1.36 -3.44
N LYS A 67 -59.82 0.72 -2.35
CA LYS A 67 -59.99 1.33 -1.03
C LYS A 67 -59.23 2.65 -0.95
N ALA A 68 -58.05 2.72 -1.54
CA ALA A 68 -57.31 3.96 -1.50
C ALA A 68 -57.94 5.00 -2.41
N ASN A 69 -58.47 4.57 -3.56
CA ASN A 69 -59.13 5.54 -4.43
C ASN A 69 -60.38 6.09 -3.76
N LEU A 70 -61.11 5.25 -3.03
CA LEU A 70 -62.34 5.70 -2.46
C LEU A 70 -62.10 6.79 -1.42
N GLU A 71 -61.02 6.66 -0.65
CA GLU A 71 -60.74 7.67 0.36
C GLU A 71 -60.42 9.01 -0.31
N ILE A 72 -59.66 8.99 -1.39
CA ILE A 72 -59.42 10.24 -2.11
C ILE A 72 -60.70 10.81 -2.72
N MET A 73 -61.60 9.96 -3.20
CA MET A 73 -62.82 10.42 -3.88
C MET A 73 -63.84 10.91 -2.87
N THR A 74 -63.98 10.22 -1.75
CA THR A 74 -64.79 10.75 -0.66
C THR A 74 -64.44 12.20 -0.34
N LYS A 75 -63.15 12.51 -0.17
CA LYS A 75 -62.76 13.87 0.16
C LYS A 75 -62.98 14.80 -1.04
N ARG A 76 -62.78 14.32 -2.26
CA ARG A 76 -62.93 15.22 -3.40
C ARG A 76 -64.40 15.57 -3.64
N SER A 77 -65.32 14.67 -3.29
CA SER A 77 -66.74 14.98 -3.35
C SER A 77 -67.24 15.79 -2.14
N ASN A 78 -66.33 16.32 -1.30
CA ASN A 78 -66.72 17.02 -0.07
C ASN A 78 -67.55 16.10 0.83
N TYR A 79 -67.13 14.85 0.92
CA TYR A 79 -67.75 13.84 1.79
C TYR A 79 -69.22 13.57 1.45
N THR A 80 -69.58 13.69 0.17
CA THR A 80 -70.94 13.42 -0.28
C THR A 80 -71.27 11.93 -0.17
N PRO A 81 -72.23 11.53 0.64
CA PRO A 81 -72.51 10.11 0.82
C PRO A 81 -73.49 9.60 -0.21
N ILE A 82 -73.63 8.27 -0.22
CA ILE A 82 -74.56 7.58 -1.11
C ILE A 82 -75.98 7.69 -0.56
N THR A 83 -76.93 7.89 -1.46
CA THR A 83 -78.33 7.80 -1.09
C THR A 83 -78.80 6.36 -1.27
N ASN A 84 -79.39 5.80 -0.22
CA ASN A 84 -79.87 4.43 -0.25
C ASN A 84 -80.98 4.28 -1.26
N VAL A 85 -80.96 3.18 -2.00
CA VAL A 85 -82.03 2.82 -2.91
C VAL A 85 -82.61 1.49 -2.42
N PRO A 86 -83.87 1.44 -1.98
CA PRO A 86 -84.44 0.19 -1.47
C PRO A 86 -84.59 -0.83 -2.59
N PRO A 87 -84.50 -2.14 -2.27
CA PRO A 87 -84.69 -3.20 -3.27
C PRO A 87 -86.14 -3.53 -3.60
N GLU A 88 -86.35 -3.92 -4.85
CA GLU A 88 -87.49 -4.74 -5.21
C GLU A 88 -87.15 -6.22 -4.96
N VAL A 89 -88.09 -6.95 -4.38
CA VAL A 89 -87.96 -8.37 -4.04
C VAL A 89 -89.09 -9.15 -4.73
N THR A 90 -88.77 -10.24 -5.41
CA THR A 90 -89.75 -11.18 -5.96
C THR A 90 -89.35 -12.60 -5.58
N VAL A 91 -90.32 -13.47 -5.37
CA VAL A 91 -90.10 -14.86 -4.99
C VAL A 91 -90.75 -15.73 -6.04
N LEU A 92 -89.99 -16.65 -6.61
CA LEU A 92 -90.50 -17.58 -7.60
C LEU A 92 -89.82 -18.91 -7.37
N THR A 93 -90.30 -19.94 -8.07
CA THR A 93 -89.65 -21.24 -8.11
C THR A 93 -88.88 -21.38 -9.41
N ASN A 94 -88.00 -22.36 -9.46
CA ASN A 94 -87.26 -22.54 -10.71
C ASN A 94 -87.90 -23.59 -11.60
N SER A 95 -88.96 -24.22 -11.12
CA SER A 95 -89.63 -25.31 -11.81
C SER A 95 -91.09 -25.34 -11.36
N PRO A 96 -92.04 -25.75 -12.22
CA PRO A 96 -93.45 -25.80 -11.80
C PRO A 96 -93.64 -26.73 -10.61
N VAL A 97 -94.50 -26.34 -9.71
CA VAL A 97 -94.52 -26.97 -8.38
C VAL A 97 -95.47 -28.15 -8.40
N GLU A 98 -95.09 -29.22 -7.72
CA GLU A 98 -95.93 -30.39 -7.53
C GLU A 98 -95.72 -30.90 -6.12
N LEU A 99 -96.77 -31.43 -5.54
CA LEU A 99 -96.72 -31.82 -4.13
C LEU A 99 -95.65 -32.89 -3.93
N ARG A 100 -94.73 -32.61 -2.98
CA ARG A 100 -93.65 -33.51 -2.56
C ARG A 100 -92.59 -33.73 -3.64
N GLU A 101 -92.66 -33.04 -4.75
CA GLU A 101 -91.61 -33.16 -5.75
C GLU A 101 -90.57 -32.08 -5.52
N PRO A 102 -89.29 -32.44 -5.45
CA PRO A 102 -88.28 -31.46 -5.00
C PRO A 102 -88.26 -30.24 -5.89
N ASN A 103 -88.15 -29.07 -5.24
CA ASN A 103 -88.20 -27.77 -5.92
C ASN A 103 -87.26 -26.85 -5.18
N VAL A 104 -87.13 -25.61 -5.69
CA VAL A 104 -86.32 -24.57 -5.07
C VAL A 104 -87.05 -23.22 -5.09
N LEU A 105 -87.23 -22.62 -3.91
CA LEU A 105 -87.65 -21.22 -3.84
C LEU A 105 -86.50 -20.27 -4.14
N ILE A 106 -86.77 -19.26 -4.96
CA ILE A 106 -85.77 -18.28 -5.37
C ILE A 106 -86.25 -16.91 -4.92
N CYS A 107 -85.45 -16.25 -4.10
CA CYS A 107 -85.71 -14.88 -3.66
C CYS A 107 -84.76 -13.98 -4.43
N PHE A 108 -85.32 -13.18 -5.34
CA PHE A 108 -84.55 -12.27 -6.19
C PHE A 108 -84.59 -10.87 -5.57
N ILE A 109 -83.44 -10.39 -5.08
CA ILE A 109 -83.31 -9.05 -4.50
C ILE A 109 -82.65 -8.16 -5.55
N ASP A 110 -83.34 -7.10 -5.97
CA ASP A 110 -82.91 -6.39 -7.18
C ASP A 110 -83.06 -4.89 -7.00
N LYS A 111 -82.20 -4.15 -7.70
CA LYS A 111 -82.30 -2.69 -7.84
C LYS A 111 -82.06 -1.98 -6.50
N PHE A 112 -80.87 -2.19 -5.94
CA PHE A 112 -80.61 -1.61 -4.64
C PHE A 112 -79.15 -1.23 -4.53
N THR A 113 -78.87 -0.35 -3.57
CA THR A 113 -77.53 0.06 -3.21
C THR A 113 -77.67 0.73 -1.85
N PRO A 114 -76.64 0.70 -0.99
CA PRO A 114 -75.33 0.04 -1.14
C PRO A 114 -75.41 -1.48 -1.02
N PRO A 115 -74.36 -2.21 -1.39
CA PRO A 115 -74.48 -3.67 -1.35
C PRO A 115 -74.37 -4.29 0.05
N VAL A 116 -75.44 -4.17 0.84
CA VAL A 116 -75.55 -4.75 2.18
C VAL A 116 -77.01 -5.10 2.39
N VAL A 117 -77.28 -6.36 2.78
CA VAL A 117 -78.65 -6.80 3.00
C VAL A 117 -78.64 -7.87 4.07
N ASN A 118 -79.78 -8.09 4.68
CA ASN A 118 -80.01 -9.26 5.53
C ASN A 118 -81.18 -10.02 4.94
N VAL A 119 -80.96 -11.24 4.49
CA VAL A 119 -82.03 -12.05 3.92
C VAL A 119 -82.30 -13.23 4.84
N THR A 120 -83.58 -13.53 5.07
CA THR A 120 -84.00 -14.62 5.96
C THR A 120 -85.14 -15.39 5.28
N TRP A 121 -85.09 -16.72 5.36
CA TRP A 121 -86.20 -17.55 4.88
C TRP A 121 -87.11 -17.91 6.06
N LEU A 122 -88.41 -17.75 5.90
CA LEU A 122 -89.34 -18.16 6.95
C LEU A 122 -90.31 -19.21 6.42
N ARG A 123 -90.56 -20.24 7.23
CA ARG A 123 -91.61 -21.23 6.97
C ARG A 123 -92.61 -21.20 8.13
N ASN A 124 -93.84 -20.78 7.83
CA ASN A 124 -94.90 -20.68 8.82
C ASN A 124 -94.50 -19.72 9.94
N GLY A 125 -93.73 -18.70 9.57
CA GLY A 125 -93.29 -17.69 10.50
C GLY A 125 -92.08 -18.06 11.32
N LYS A 126 -91.47 -19.21 11.08
CA LYS A 126 -90.25 -19.58 11.79
C LYS A 126 -89.06 -19.63 10.84
N PRO A 127 -87.85 -19.27 11.29
CA PRO A 127 -86.71 -19.29 10.38
C PRO A 127 -86.35 -20.70 9.94
N VAL A 128 -85.88 -20.82 8.70
CA VAL A 128 -85.41 -22.08 8.16
C VAL A 128 -84.04 -21.87 7.53
N THR A 129 -83.15 -22.85 7.71
CA THR A 129 -81.83 -22.76 7.12
C THR A 129 -81.42 -24.00 6.35
N THR A 130 -82.18 -25.08 6.40
CA THR A 130 -81.77 -26.33 5.76
C THR A 130 -81.66 -26.15 4.25
N GLY A 131 -80.45 -26.37 3.71
CA GLY A 131 -80.14 -26.37 2.31
C GLY A 131 -79.96 -25.02 1.66
N VAL A 132 -80.19 -23.92 2.40
CA VAL A 132 -80.14 -22.58 1.82
C VAL A 132 -78.76 -22.32 1.25
N SER A 133 -78.72 -21.40 0.29
CA SER A 133 -77.51 -20.92 -0.37
C SER A 133 -77.84 -19.57 -0.96
N GLU A 134 -76.81 -18.82 -1.32
CA GLU A 134 -76.97 -17.46 -1.79
C GLU A 134 -75.81 -17.08 -2.68
N THR A 135 -75.99 -16.04 -3.49
CA THR A 135 -74.88 -15.47 -4.26
C THR A 135 -74.34 -14.21 -3.62
N VAL A 136 -73.24 -13.72 -4.17
CA VAL A 136 -72.74 -12.39 -3.83
C VAL A 136 -73.57 -11.33 -4.54
N PHE A 137 -73.21 -10.06 -4.37
CA PHE A 137 -73.89 -8.95 -5.01
C PHE A 137 -73.45 -8.88 -6.46
N LEU A 138 -74.42 -8.89 -7.37
CA LEU A 138 -74.25 -8.92 -8.82
C LEU A 138 -74.49 -7.55 -9.42
N PRO A 139 -73.62 -7.13 -10.33
CA PRO A 139 -73.71 -5.78 -10.89
C PRO A 139 -74.91 -5.68 -11.82
N ARG A 140 -75.52 -4.48 -11.86
CA ARG A 140 -76.53 -4.12 -12.85
C ARG A 140 -75.98 -3.06 -13.80
N GLU A 141 -76.52 -3.00 -15.01
CA GLU A 141 -76.05 -1.97 -15.94
C GLU A 141 -76.38 -0.55 -15.49
N ASP A 142 -77.34 -0.33 -14.59
CA ASP A 142 -77.52 1.02 -14.05
C ASP A 142 -76.67 1.24 -12.82
N HIS A 143 -75.84 0.28 -12.48
CA HIS A 143 -74.83 0.42 -11.44
C HIS A 143 -75.39 0.25 -10.05
N LEU A 144 -76.64 -0.24 -9.94
CA LEU A 144 -77.16 -0.82 -8.71
C LEU A 144 -76.76 -2.30 -8.60
N PHE A 145 -77.33 -3.00 -7.62
CA PHE A 145 -76.97 -4.41 -7.41
C PHE A 145 -78.20 -5.32 -7.42
N ARG A 146 -77.94 -6.61 -7.63
CA ARG A 146 -78.94 -7.66 -7.49
C ARG A 146 -78.31 -8.88 -6.83
N LYS A 147 -79.14 -9.84 -6.46
CA LYS A 147 -78.69 -10.94 -5.62
C LYS A 147 -79.76 -12.04 -5.60
N PHE A 148 -79.32 -13.29 -5.47
CA PHE A 148 -80.25 -14.40 -5.35
C PHE A 148 -80.04 -15.15 -4.05
N HIS A 149 -81.14 -15.54 -3.42
CA HIS A 149 -81.12 -16.52 -2.33
C HIS A 149 -82.03 -17.69 -2.68
N TYR A 150 -81.56 -18.90 -2.33
CA TYR A 150 -82.21 -20.13 -2.73
C TYR A 150 -82.58 -20.99 -1.53
N LEU A 151 -83.71 -21.70 -1.65
CA LEU A 151 -84.24 -22.56 -0.60
C LEU A 151 -84.86 -23.80 -1.26
N PRO A 152 -84.17 -24.93 -1.23
CA PRO A 152 -84.81 -26.19 -1.66
C PRO A 152 -85.87 -26.61 -0.66
N PHE A 153 -87.00 -27.12 -1.18
CA PHE A 153 -88.16 -27.44 -0.35
C PHE A 153 -89.09 -28.42 -1.06
N LEU A 154 -89.91 -29.11 -0.25
CA LEU A 154 -90.96 -30.00 -0.72
C LEU A 154 -92.31 -29.31 -0.61
N PRO A 155 -92.98 -29.05 -1.74
CA PRO A 155 -94.24 -28.29 -1.69
C PRO A 155 -95.29 -29.02 -0.88
N SER A 156 -96.07 -28.25 -0.13
CA SER A 156 -97.23 -28.76 0.57
C SER A 156 -98.32 -27.71 0.57
N THR A 157 -99.55 -28.18 0.80
CA THR A 157 -100.66 -27.27 0.96
C THR A 157 -100.68 -26.58 2.32
N GLU A 158 -99.93 -27.10 3.30
CA GLU A 158 -99.98 -26.58 4.65
C GLU A 158 -98.82 -25.66 5.01
N ASP A 159 -97.80 -25.57 4.18
CA ASP A 159 -96.66 -24.71 4.47
C ASP A 159 -96.82 -23.37 3.75
N VAL A 160 -96.43 -22.29 4.43
CA VAL A 160 -96.32 -20.98 3.80
C VAL A 160 -94.89 -20.47 3.98
N TYR A 161 -94.46 -19.65 3.03
CA TYR A 161 -93.09 -19.19 2.99
C TYR A 161 -93.04 -17.67 2.83
N ASP A 162 -91.96 -17.08 3.35
CA ASP A 162 -91.68 -15.67 3.25
C ASP A 162 -90.19 -15.46 3.07
N CYS A 163 -89.84 -14.49 2.24
CA CYS A 163 -88.47 -14.04 2.09
C CYS A 163 -88.35 -12.66 2.75
N ARG A 164 -87.56 -12.55 3.83
CA ARG A 164 -87.49 -11.31 4.59
C ARG A 164 -86.15 -10.64 4.35
N VAL A 165 -86.17 -9.45 3.75
CA VAL A 165 -84.93 -8.73 3.44
C VAL A 165 -84.88 -7.44 4.23
N GLU A 166 -83.70 -7.12 4.77
CA GLU A 166 -83.43 -5.88 5.46
C GLU A 166 -82.44 -5.06 4.64
N HIS A 167 -82.72 -3.77 4.52
CA HIS A 167 -81.87 -2.85 3.77
C HIS A 167 -82.10 -1.46 4.33
N TRP A 168 -81.02 -0.66 4.38
CA TRP A 168 -81.10 0.67 4.96
C TRP A 168 -82.05 1.60 4.21
N GLY A 169 -82.40 1.29 2.97
CA GLY A 169 -83.38 2.09 2.25
C GLY A 169 -84.83 1.81 2.60
N LEU A 170 -85.09 0.72 3.34
CA LEU A 170 -86.42 0.31 3.76
C LEU A 170 -86.74 0.84 5.16
N ASP A 171 -87.98 1.26 5.37
CA ASP A 171 -88.40 1.71 6.70
C ASP A 171 -88.67 0.54 7.63
N GLU A 172 -89.15 -0.58 7.11
CA GLU A 172 -89.35 -1.80 7.88
C GLU A 172 -88.92 -2.97 7.00
N PRO A 173 -88.59 -4.11 7.60
CA PRO A 173 -88.19 -5.28 6.79
C PRO A 173 -89.27 -5.65 5.78
N LEU A 174 -88.83 -5.90 4.56
CA LEU A 174 -89.73 -6.25 3.46
C LEU A 174 -89.99 -7.75 3.48
N LEU A 175 -91.26 -8.13 3.38
CA LEU A 175 -91.66 -9.53 3.41
C LEU A 175 -92.28 -9.89 2.07
N LYS A 176 -91.68 -10.84 1.38
CA LYS A 176 -92.25 -11.35 0.13
C LYS A 176 -92.80 -12.75 0.39
N HIS A 177 -94.10 -12.93 0.14
CA HIS A 177 -94.81 -14.13 0.54
C HIS A 177 -94.96 -15.09 -0.64
N TRP A 178 -94.94 -16.40 -0.34
CA TRP A 178 -95.18 -17.44 -1.33
C TRP A 178 -95.99 -18.58 -0.71
N GLU A 179 -97.00 -19.07 -1.43
CA GLU A 179 -97.75 -20.24 -0.97
C GLU A 179 -98.17 -21.08 -2.16
N PHE A 180 -98.41 -22.36 -1.90
CA PHE A 180 -98.79 -23.27 -2.97
C PHE A 180 -100.07 -22.81 -3.66
N ASP A 181 -99.98 -22.57 -4.97
CA ASP A 181 -101.15 -22.17 -5.78
C ASP A 181 -101.89 -20.93 -5.27
N ASP B 2 -76.83 2.69 14.07
CA ASP B 2 -75.89 2.84 12.95
C ASP B 2 -76.54 3.47 11.73
N THR B 3 -76.55 4.80 11.72
CA THR B 3 -77.00 5.58 10.57
C THR B 3 -75.84 6.31 9.89
N ARG B 4 -74.61 5.77 10.03
CA ARG B 4 -73.41 6.39 9.49
C ARG B 4 -73.47 6.46 7.97
N PRO B 5 -72.89 7.49 7.37
CA PRO B 5 -73.00 7.61 5.91
C PRO B 5 -72.10 6.60 5.23
N ARG B 6 -72.48 6.21 4.02
CA ARG B 6 -71.69 5.23 3.28
C ARG B 6 -71.12 5.84 2.02
N PHE B 7 -69.98 5.32 1.60
CA PHE B 7 -69.25 5.82 0.44
C PHE B 7 -68.83 4.63 -0.40
N LEU B 8 -69.19 4.64 -1.67
CA LEU B 8 -69.10 3.46 -2.52
C LEU B 8 -68.21 3.74 -3.72
N GLU B 9 -67.17 2.92 -3.86
CA GLU B 9 -66.30 2.95 -5.05
C GLU B 9 -66.64 1.73 -5.89
N GLN B 10 -66.84 1.94 -7.20
CA GLN B 10 -67.03 0.81 -8.12
C GLN B 10 -66.05 0.89 -9.29
N VAL B 11 -65.66 -0.28 -9.81
CA VAL B 11 -64.80 -0.34 -10.99
C VAL B 11 -65.31 -1.45 -11.88
N LYS B 12 -65.58 -1.13 -13.14
CA LYS B 12 -66.03 -2.14 -14.08
C LYS B 12 -65.10 -2.14 -15.28
N HIS B 13 -64.43 -3.28 -15.50
CA HIS B 13 -63.58 -3.49 -16.67
C HIS B 13 -64.39 -4.35 -17.64
N GLU B 14 -64.69 -3.81 -18.81
CA GLU B 14 -65.75 -4.36 -19.64
C GLU B 14 -65.17 -4.75 -20.99
N CYS B 15 -65.55 -5.94 -21.46
CA CYS B 15 -65.12 -6.43 -22.76
C CYS B 15 -66.36 -6.80 -23.57
N HIS B 16 -66.57 -6.09 -24.67
CA HIS B 16 -67.72 -6.30 -25.53
C HIS B 16 -67.24 -6.99 -26.78
N PHE B 17 -67.85 -8.14 -27.10
CA PHE B 17 -67.48 -8.96 -28.25
C PHE B 17 -68.57 -8.94 -29.32
N PHE B 18 -68.14 -8.70 -30.56
CA PHE B 18 -68.99 -8.72 -31.73
C PHE B 18 -68.44 -9.73 -32.73
N ASN B 19 -69.29 -10.65 -33.19
CA ASN B 19 -68.89 -11.75 -34.07
C ASN B 19 -67.67 -12.47 -33.50
N GLY B 20 -67.92 -13.19 -32.42
CA GLY B 20 -66.85 -13.88 -31.75
C GLY B 20 -65.89 -12.90 -31.12
N THR B 21 -64.62 -12.97 -31.52
CA THR B 21 -63.59 -12.04 -31.07
C THR B 21 -63.08 -11.18 -32.22
N GLU B 22 -63.88 -10.99 -33.25
CA GLU B 22 -63.40 -10.27 -34.42
C GLU B 22 -63.45 -8.75 -34.26
N ARG B 23 -64.45 -8.22 -33.56
CA ARG B 23 -64.47 -6.84 -33.08
C ARG B 23 -64.62 -6.89 -31.57
N VAL B 24 -63.78 -6.15 -30.87
CA VAL B 24 -63.80 -6.12 -29.41
C VAL B 24 -63.63 -4.68 -28.94
N ARG B 25 -64.49 -4.26 -28.04
CA ARG B 25 -64.40 -2.93 -27.45
C ARG B 25 -64.20 -3.09 -25.96
N PHE B 26 -63.24 -2.35 -25.40
CA PHE B 26 -62.82 -2.47 -24.00
C PHE B 26 -63.10 -1.17 -23.27
N LEU B 27 -63.62 -1.28 -22.03
CA LEU B 27 -64.00 -0.12 -21.21
C LEU B 27 -63.47 -0.26 -19.79
N ASP B 28 -62.68 0.71 -19.37
CA ASP B 28 -62.13 0.74 -18.02
C ASP B 28 -62.93 1.84 -17.33
N ARG B 29 -63.88 1.45 -16.46
CA ARG B 29 -64.94 2.35 -15.97
C ARG B 29 -64.91 2.45 -14.45
N TYR B 30 -64.87 3.70 -13.96
CA TYR B 30 -64.73 4.04 -12.55
C TYR B 30 -65.96 4.80 -12.08
N PHE B 31 -66.54 4.39 -10.95
CA PHE B 31 -67.82 4.92 -10.46
C PHE B 31 -67.73 5.34 -9.01
N TYR B 32 -68.45 6.40 -8.67
CA TYR B 32 -68.53 6.89 -7.30
C TYR B 32 -69.99 6.81 -6.93
N HIS B 33 -70.31 5.98 -5.94
CA HIS B 33 -71.68 5.57 -5.72
C HIS B 33 -72.26 4.93 -6.98
N GLN B 34 -73.05 5.67 -7.74
CA GLN B 34 -73.55 5.16 -9.01
C GLN B 34 -73.16 6.05 -10.16
N GLU B 35 -72.32 7.04 -9.94
CA GLU B 35 -71.97 8.01 -10.97
C GLU B 35 -70.66 7.61 -11.63
N GLU B 36 -70.71 7.33 -12.91
CA GLU B 36 -69.48 7.11 -13.65
C GLU B 36 -68.79 8.45 -13.83
N TYR B 37 -67.53 8.57 -13.39
CA TYR B 37 -66.83 9.84 -13.53
C TYR B 37 -65.63 9.81 -14.46
N VAL B 38 -65.03 8.66 -14.71
CA VAL B 38 -63.95 8.60 -15.69
C VAL B 38 -63.97 7.23 -16.36
N ARG B 39 -63.62 7.22 -17.64
CA ARG B 39 -63.58 5.94 -18.33
C ARG B 39 -62.47 5.95 -19.39
N PHE B 40 -61.93 4.76 -19.65
CA PHE B 40 -61.09 4.53 -20.81
C PHE B 40 -61.91 3.72 -21.82
N ASP B 41 -62.01 4.24 -23.04
CA ASP B 41 -62.64 3.54 -24.17
C ASP B 41 -61.54 3.16 -25.16
N SER B 42 -61.51 1.88 -25.56
CA SER B 42 -60.49 1.48 -26.52
C SER B 42 -60.71 2.18 -27.87
N ASP B 43 -61.94 2.62 -28.13
CA ASP B 43 -62.23 3.34 -29.36
C ASP B 43 -61.79 4.78 -29.30
N VAL B 44 -61.49 5.30 -28.12
CA VAL B 44 -61.01 6.66 -27.97
C VAL B 44 -59.49 6.69 -27.81
N GLY B 45 -58.95 5.82 -26.97
CA GLY B 45 -57.53 5.69 -26.79
C GLY B 45 -56.96 6.41 -25.59
N GLU B 46 -57.79 7.14 -24.86
CA GLU B 46 -57.37 7.90 -23.69
C GLU B 46 -58.45 7.78 -22.63
N TYR B 47 -58.10 8.17 -21.41
CA TYR B 47 -59.11 8.32 -20.39
C TYR B 47 -59.84 9.64 -20.63
N ARG B 48 -61.15 9.63 -20.45
CA ARG B 48 -61.93 10.86 -20.57
C ARG B 48 -62.77 11.01 -19.31
N ALA B 49 -62.85 12.23 -18.79
CA ALA B 49 -63.72 12.49 -17.66
C ALA B 49 -65.18 12.38 -18.09
N VAL B 50 -65.96 11.63 -17.33
CA VAL B 50 -67.38 11.59 -17.61
C VAL B 50 -68.09 12.75 -16.94
N THR B 51 -67.72 13.06 -15.69
CA THR B 51 -68.16 14.22 -14.93
C THR B 51 -66.95 15.04 -14.50
N GLU B 52 -67.20 16.24 -13.99
CA GLU B 52 -66.08 17.05 -13.55
C GLU B 52 -65.35 16.44 -12.35
N LEU B 53 -65.98 15.54 -11.63
CA LEU B 53 -65.31 14.90 -10.51
C LEU B 53 -64.16 13.99 -10.94
N GLY B 54 -64.14 13.57 -12.19
CA GLY B 54 -63.12 12.70 -12.73
C GLY B 54 -62.12 13.36 -13.65
N ARG B 55 -62.19 14.70 -13.77
CA ARG B 55 -61.21 15.40 -14.59
C ARG B 55 -59.78 15.31 -14.05
N PRO B 56 -59.55 15.30 -12.73
CA PRO B 56 -58.17 15.06 -12.26
C PRO B 56 -57.64 13.70 -12.63
N ASP B 57 -58.48 12.67 -12.60
CA ASP B 57 -57.97 11.33 -12.87
C ASP B 57 -57.67 11.15 -14.35
N ALA B 58 -58.45 11.78 -15.21
CA ALA B 58 -58.19 11.66 -16.63
C ALA B 58 -56.86 12.30 -16.97
N GLU B 59 -56.60 13.49 -16.41
CA GLU B 59 -55.38 14.21 -16.76
C GLU B 59 -54.14 13.51 -16.22
N TYR B 60 -54.26 12.89 -15.06
CA TYR B 60 -53.10 12.24 -14.47
C TYR B 60 -52.81 10.90 -15.12
N TRP B 61 -53.85 10.11 -15.38
CA TRP B 61 -53.65 8.78 -15.95
C TRP B 61 -53.18 8.88 -17.40
N ASN B 62 -53.65 9.89 -18.12
CA ASN B 62 -53.15 10.05 -19.48
C ASN B 62 -51.68 10.46 -19.51
N SER B 63 -51.13 10.84 -18.38
CA SER B 63 -49.70 11.12 -18.33
C SER B 63 -48.88 9.88 -18.04
N GLN B 64 -49.51 8.77 -17.67
CA GLN B 64 -48.79 7.54 -17.33
C GLN B 64 -48.76 6.67 -18.57
N LYS B 65 -47.73 6.87 -19.40
CA LYS B 65 -47.72 6.20 -20.71
C LYS B 65 -47.71 4.68 -20.57
N ASP B 66 -47.01 4.15 -19.56
CA ASP B 66 -47.02 2.69 -19.37
C ASP B 66 -48.39 2.20 -18.96
N LEU B 67 -49.14 3.05 -18.25
CA LEU B 67 -50.52 2.71 -17.93
C LEU B 67 -51.38 2.70 -19.19
N LEU B 68 -51.21 3.70 -20.07
CA LEU B 68 -51.96 3.70 -21.32
C LEU B 68 -51.62 2.49 -22.18
N GLU B 69 -50.35 2.07 -22.19
CA GLU B 69 -49.99 0.96 -23.07
C GLU B 69 -50.72 -0.30 -22.70
N GLN B 70 -50.92 -0.56 -21.41
CA GLN B 70 -51.72 -1.72 -21.05
C GLN B 70 -53.18 -1.57 -21.49
N LYS B 71 -53.83 -0.44 -21.18
CA LYS B 71 -55.23 -0.26 -21.54
C LYS B 71 -55.44 -0.35 -23.05
N ARG B 72 -54.56 0.28 -23.84
CA ARG B 72 -54.66 0.25 -25.29
C ARG B 72 -54.48 -1.14 -25.85
N ALA B 73 -53.93 -2.04 -25.07
CA ALA B 73 -53.70 -3.39 -25.54
C ALA B 73 -54.65 -4.38 -24.89
N ALA B 74 -55.63 -3.88 -24.13
CA ALA B 74 -56.39 -4.83 -23.33
C ALA B 74 -57.33 -5.65 -24.21
N VAL B 75 -57.74 -5.11 -25.36
CA VAL B 75 -58.56 -5.89 -26.28
C VAL B 75 -57.90 -7.21 -26.62
N ASP B 76 -56.56 -7.23 -26.67
CA ASP B 76 -55.81 -8.42 -26.98
C ASP B 76 -55.34 -9.17 -25.74
N THR B 77 -54.76 -8.44 -24.78
CA THR B 77 -54.11 -9.10 -23.65
C THR B 77 -55.08 -9.48 -22.55
N TYR B 78 -56.34 -9.09 -22.66
CA TYR B 78 -57.26 -9.25 -21.55
C TYR B 78 -58.60 -9.77 -22.05
N CYS B 79 -59.28 -8.95 -22.86
CA CYS B 79 -60.56 -9.33 -23.47
C CYS B 79 -60.44 -10.63 -24.27
N ARG B 80 -59.71 -10.61 -25.39
CA ARG B 80 -59.63 -11.82 -26.19
C ARG B 80 -58.99 -12.95 -25.41
N HIS B 81 -58.11 -12.64 -24.46
CA HIS B 81 -57.50 -13.72 -23.69
C HIS B 81 -58.53 -14.43 -22.82
N ASN B 82 -59.33 -13.65 -22.05
CA ASN B 82 -60.29 -14.25 -21.13
C ASN B 82 -61.43 -14.93 -21.88
N TYR B 83 -61.90 -14.32 -22.97
CA TYR B 83 -62.80 -15.01 -23.89
C TYR B 83 -62.34 -16.44 -24.18
N GLY B 84 -61.08 -16.62 -24.60
CA GLY B 84 -60.61 -17.95 -24.94
C GLY B 84 -60.56 -18.88 -23.73
N VAL B 85 -60.34 -18.32 -22.54
CA VAL B 85 -60.05 -19.13 -21.36
C VAL B 85 -61.29 -19.87 -20.90
N GLY B 86 -62.47 -19.28 -21.09
CA GLY B 86 -63.70 -19.88 -20.62
C GLY B 86 -64.68 -20.24 -21.72
N GLU B 87 -64.20 -20.17 -22.96
CA GLU B 87 -65.04 -20.41 -24.11
C GLU B 87 -65.80 -21.74 -23.99
N SER B 88 -65.14 -22.77 -23.51
CA SER B 88 -65.76 -24.09 -23.63
C SER B 88 -66.94 -24.27 -22.70
N PHE B 89 -67.04 -23.45 -21.65
CA PHE B 89 -68.11 -23.56 -20.68
C PHE B 89 -68.93 -22.29 -20.53
N THR B 90 -68.68 -21.28 -21.36
CA THR B 90 -69.48 -20.06 -21.37
C THR B 90 -70.07 -19.86 -22.76
N VAL B 91 -69.27 -19.49 -23.76
CA VAL B 91 -69.81 -19.32 -25.10
C VAL B 91 -70.44 -20.62 -25.60
N GLN B 92 -69.81 -21.77 -25.34
CA GLN B 92 -70.28 -23.03 -25.91
C GLN B 92 -71.24 -23.79 -24.99
N ARG B 93 -71.60 -23.21 -23.84
CA ARG B 93 -72.50 -23.89 -22.94
C ARG B 93 -73.88 -24.07 -23.57
N ARG B 94 -74.40 -25.31 -23.53
CA ARG B 94 -75.74 -25.62 -24.02
C ARG B 94 -76.43 -26.51 -23.01
N VAL B 95 -77.58 -26.11 -22.49
CA VAL B 95 -78.38 -26.96 -21.62
C VAL B 95 -79.79 -27.14 -22.21
N TYR B 96 -80.27 -28.37 -22.24
CA TYR B 96 -81.60 -28.67 -22.76
C TYR B 96 -82.70 -28.03 -21.90
N PRO B 97 -83.71 -27.41 -22.52
CA PRO B 97 -84.91 -26.99 -21.78
C PRO B 97 -85.84 -28.16 -21.45
N GLU B 98 -86.42 -28.12 -20.26
CA GLU B 98 -87.52 -29.00 -19.88
C GLU B 98 -88.82 -28.28 -20.14
N VAL B 99 -89.77 -28.99 -20.77
CA VAL B 99 -91.02 -28.41 -21.24
C VAL B 99 -92.16 -29.16 -20.56
N THR B 100 -93.09 -28.41 -19.98
CA THR B 100 -94.25 -28.92 -19.26
C THR B 100 -95.44 -28.05 -19.60
N VAL B 101 -96.56 -28.68 -19.95
CA VAL B 101 -97.80 -27.96 -20.23
C VAL B 101 -98.82 -28.35 -19.18
N TYR B 102 -99.47 -27.35 -18.58
CA TYR B 102 -100.49 -27.59 -17.58
C TYR B 102 -101.55 -26.49 -17.68
N PRO B 103 -102.81 -26.81 -17.38
CA PRO B 103 -103.84 -25.76 -17.37
C PRO B 103 -103.69 -24.86 -16.16
N ALA B 104 -103.88 -23.56 -16.39
CA ALA B 104 -103.75 -22.57 -15.32
C ALA B 104 -104.97 -22.60 -14.40
N ASN B 113 -109.33 -21.84 -18.41
CA ASN B 113 -109.43 -21.19 -19.70
C ASN B 113 -108.06 -20.67 -20.15
N LEU B 114 -107.01 -21.00 -19.39
CA LEU B 114 -105.64 -20.63 -19.72
C LEU B 114 -104.73 -21.85 -19.69
N LEU B 115 -103.90 -21.97 -20.72
CA LEU B 115 -102.89 -23.01 -20.80
C LEU B 115 -101.52 -22.38 -20.62
N VAL B 116 -100.70 -23.02 -19.80
CA VAL B 116 -99.36 -22.55 -19.53
C VAL B 116 -98.39 -23.56 -20.10
N CYS B 117 -97.38 -23.07 -20.82
CA CYS B 117 -96.22 -23.83 -21.26
C CYS B 117 -95.01 -23.39 -20.44
N SER B 118 -94.53 -24.28 -19.56
CA SER B 118 -93.39 -23.98 -18.69
C SER B 118 -92.10 -24.55 -19.30
N VAL B 119 -91.20 -23.65 -19.71
CA VAL B 119 -89.87 -24.00 -20.21
C VAL B 119 -88.82 -23.63 -19.16
N ASN B 120 -88.13 -24.62 -18.63
CA ASN B 120 -87.28 -24.43 -17.48
C ASN B 120 -85.89 -24.99 -17.72
N GLY B 121 -84.88 -24.29 -17.15
CA GLY B 121 -83.58 -24.87 -16.92
C GLY B 121 -82.59 -24.81 -18.06
N PHE B 122 -82.85 -23.96 -19.07
CA PHE B 122 -82.13 -23.95 -20.34
C PHE B 122 -81.06 -22.86 -20.40
N TYR B 123 -80.10 -23.06 -21.32
CA TYR B 123 -79.00 -22.12 -21.51
C TYR B 123 -78.45 -22.35 -22.91
N PRO B 124 -78.23 -21.28 -23.70
CA PRO B 124 -78.39 -19.87 -23.31
C PRO B 124 -79.82 -19.33 -23.41
N GLY B 125 -79.97 -18.01 -23.34
CA GLY B 125 -81.30 -17.44 -23.25
C GLY B 125 -82.04 -17.33 -24.56
N SER B 126 -81.34 -17.32 -25.68
CA SER B 126 -82.03 -17.18 -26.96
C SER B 126 -82.98 -18.36 -27.20
N ILE B 127 -84.29 -18.13 -27.21
CA ILE B 127 -85.26 -19.21 -27.29
C ILE B 127 -86.50 -18.71 -28.03
N GLU B 128 -87.26 -19.65 -28.59
CA GLU B 128 -88.52 -19.35 -29.25
C GLU B 128 -89.56 -20.35 -28.77
N VAL B 129 -90.68 -19.86 -28.24
CA VAL B 129 -91.75 -20.73 -27.76
C VAL B 129 -93.02 -20.39 -28.53
N ARG B 130 -93.69 -21.42 -29.07
CA ARG B 130 -94.87 -21.25 -29.90
C ARG B 130 -96.03 -22.04 -29.32
N TRP B 131 -97.24 -21.51 -29.50
CA TRP B 131 -98.47 -22.25 -29.23
C TRP B 131 -99.15 -22.59 -30.54
N PHE B 132 -99.61 -23.84 -30.63
CA PHE B 132 -100.33 -24.36 -31.78
C PHE B 132 -101.71 -24.84 -31.34
N ARG B 133 -102.73 -24.53 -32.14
CA ARG B 133 -104.06 -25.10 -32.00
C ARG B 133 -104.42 -25.73 -33.34
N ASN B 134 -104.65 -27.04 -33.35
CA ASN B 134 -104.93 -27.78 -34.58
C ASN B 134 -103.91 -27.49 -35.67
N GLY B 135 -102.62 -27.50 -35.31
CA GLY B 135 -101.63 -27.38 -36.36
C GLY B 135 -101.46 -25.98 -36.92
N GLN B 136 -102.07 -24.99 -36.26
CA GLN B 136 -101.95 -23.59 -36.63
C GLN B 136 -101.42 -22.79 -35.43
N GLU B 137 -100.46 -21.89 -35.68
CA GLU B 137 -99.83 -21.15 -34.60
C GLU B 137 -100.72 -20.00 -34.14
N GLU B 138 -100.94 -19.91 -32.82
CA GLU B 138 -101.77 -18.85 -32.27
C GLU B 138 -100.96 -17.57 -32.12
N LYS B 139 -101.64 -16.42 -32.27
CA LYS B 139 -101.06 -15.12 -32.01
C LYS B 139 -101.92 -14.26 -31.10
N THR B 140 -103.19 -14.56 -30.96
CA THR B 140 -104.05 -13.85 -30.02
C THR B 140 -104.15 -14.61 -28.70
N GLY B 141 -104.08 -13.87 -27.60
CA GLY B 141 -104.16 -14.49 -26.30
C GLY B 141 -102.89 -15.20 -25.88
N VAL B 142 -101.76 -14.77 -26.40
CA VAL B 142 -100.48 -15.36 -26.05
C VAL B 142 -99.66 -14.30 -25.32
N VAL B 143 -99.35 -14.56 -24.06
CA VAL B 143 -98.53 -13.66 -23.28
C VAL B 143 -97.42 -14.46 -22.61
N SER B 144 -96.25 -13.85 -22.56
CA SER B 144 -95.05 -14.52 -22.08
C SER B 144 -94.39 -13.69 -20.98
N THR B 145 -93.87 -14.39 -19.97
CA THR B 145 -93.14 -13.72 -18.90
C THR B 145 -91.83 -13.13 -19.39
N GLY B 146 -91.37 -13.53 -20.54
CA GLY B 146 -90.08 -13.09 -20.98
C GLY B 146 -89.00 -14.00 -20.44
N LEU B 147 -87.76 -13.55 -20.61
CA LEU B 147 -86.63 -14.35 -20.18
C LEU B 147 -86.41 -14.12 -18.69
N ILE B 148 -86.35 -15.19 -17.90
CA ILE B 148 -86.15 -15.07 -16.45
C ILE B 148 -84.86 -15.79 -16.09
N GLN B 149 -83.92 -15.05 -15.50
CA GLN B 149 -82.64 -15.62 -15.13
C GLN B 149 -82.72 -16.19 -13.71
N ASN B 150 -82.42 -17.47 -13.55
CA ASN B 150 -82.42 -18.09 -12.23
C ASN B 150 -81.18 -17.78 -11.39
N GLY B 151 -80.14 -17.14 -11.93
CA GLY B 151 -78.96 -16.86 -11.12
C GLY B 151 -77.93 -17.99 -11.03
N ASP B 152 -78.10 -19.08 -11.78
CA ASP B 152 -77.27 -20.27 -11.69
C ASP B 152 -76.98 -20.81 -13.07
N TRP B 153 -76.77 -19.90 -14.02
CA TRP B 153 -76.53 -20.24 -15.42
C TRP B 153 -77.68 -21.02 -16.05
N THR B 154 -78.93 -20.85 -15.61
CA THR B 154 -80.09 -21.41 -16.32
C THR B 154 -81.20 -20.38 -16.38
N PHE B 155 -81.93 -20.40 -17.49
CA PHE B 155 -83.13 -19.56 -17.60
C PHE B 155 -84.40 -20.39 -17.46
N GLN B 156 -85.51 -19.66 -17.32
CA GLN B 156 -86.87 -20.19 -17.42
C GLN B 156 -87.77 -19.13 -18.07
N THR B 157 -88.89 -19.59 -18.61
CA THR B 157 -89.88 -18.71 -19.25
C THR B 157 -91.22 -19.44 -19.32
N LEU B 158 -92.30 -18.68 -19.06
CA LEU B 158 -93.67 -19.19 -19.04
C LEU B 158 -94.45 -18.49 -20.14
N VAL B 159 -95.19 -19.26 -20.93
CA VAL B 159 -95.98 -18.73 -22.06
C VAL B 159 -97.41 -19.18 -21.90
N MET B 160 -98.31 -18.23 -21.68
CA MET B 160 -99.72 -18.51 -21.48
C MET B 160 -100.51 -18.43 -22.78
N LEU B 161 -101.56 -19.24 -22.87
CA LEU B 161 -102.47 -19.23 -24.02
C LEU B 161 -103.87 -19.02 -23.52
N GLU B 162 -104.50 -17.90 -23.91
CA GLU B 162 -105.92 -17.64 -23.58
C GLU B 162 -106.78 -18.32 -24.62
N THR B 163 -107.39 -19.44 -24.26
CA THR B 163 -108.11 -20.22 -25.24
C THR B 163 -109.37 -20.81 -24.63
N VAL B 164 -110.33 -21.09 -25.50
CA VAL B 164 -111.58 -21.74 -25.09
C VAL B 164 -111.50 -23.21 -25.50
N PRO B 165 -111.10 -24.10 -24.59
CA PRO B 165 -110.92 -25.52 -24.96
C PRO B 165 -112.21 -26.13 -25.46
N ARG B 166 -112.18 -26.62 -26.69
CA ARG B 166 -113.26 -27.41 -27.25
C ARG B 166 -112.86 -28.87 -27.27
N SER B 167 -113.86 -29.75 -27.24
CA SER B 167 -113.61 -31.18 -27.26
C SER B 167 -112.97 -31.57 -28.58
N GLY B 168 -111.93 -32.41 -28.51
CA GLY B 168 -111.20 -32.81 -29.69
C GLY B 168 -110.07 -31.88 -30.10
N GLU B 169 -110.07 -30.63 -29.63
CA GLU B 169 -109.01 -29.71 -29.98
C GLU B 169 -107.69 -30.19 -29.43
N VAL B 170 -106.62 -29.97 -30.20
CA VAL B 170 -105.27 -30.35 -29.80
C VAL B 170 -104.44 -29.08 -29.67
N TYR B 171 -103.87 -28.86 -28.50
CA TYR B 171 -102.96 -27.75 -28.28
C TYR B 171 -101.54 -28.28 -28.14
N THR B 172 -100.59 -27.60 -28.78
CA THR B 172 -99.21 -28.05 -28.82
C THR B 172 -98.29 -26.87 -28.55
N CYS B 173 -97.36 -27.07 -27.60
CA CYS B 173 -96.33 -26.10 -27.28
C CYS B 173 -95.03 -26.53 -27.93
N GLN B 174 -94.37 -25.62 -28.65
CA GLN B 174 -93.17 -25.95 -29.41
C GLN B 174 -92.03 -25.05 -28.99
N VAL B 175 -90.89 -25.66 -28.64
CA VAL B 175 -89.76 -24.91 -28.13
C VAL B 175 -88.58 -25.10 -29.07
N GLU B 176 -87.98 -23.99 -29.49
CA GLU B 176 -86.82 -23.94 -30.36
C GLU B 176 -85.68 -23.34 -29.56
N HIS B 177 -84.50 -23.97 -29.63
CA HIS B 177 -83.42 -23.62 -28.72
C HIS B 177 -82.11 -24.09 -29.30
N PRO B 178 -81.03 -23.29 -29.21
CA PRO B 178 -79.79 -23.66 -29.91
C PRO B 178 -79.22 -24.98 -29.46
N SER B 179 -79.62 -25.50 -28.29
CA SER B 179 -79.16 -26.82 -27.88
C SER B 179 -79.91 -27.96 -28.55
N LEU B 180 -80.93 -27.69 -29.35
CA LEU B 180 -81.75 -28.72 -29.96
C LEU B 180 -81.51 -28.76 -31.46
N THR B 181 -81.35 -29.96 -32.00
CA THR B 181 -81.33 -30.15 -33.45
C THR B 181 -82.73 -30.29 -34.04
N SER B 182 -83.77 -30.45 -33.22
CA SER B 182 -85.11 -30.45 -33.76
C SER B 182 -86.02 -29.99 -32.64
N PRO B 183 -87.01 -29.17 -32.94
CA PRO B 183 -87.80 -28.54 -31.87
C PRO B 183 -88.40 -29.60 -30.97
N LEU B 184 -88.63 -29.19 -29.70
CA LEU B 184 -89.36 -30.02 -28.75
C LEU B 184 -90.82 -29.63 -28.76
N THR B 185 -91.69 -30.62 -28.64
CA THR B 185 -93.12 -30.35 -28.64
C THR B 185 -93.81 -31.11 -27.51
N VAL B 186 -94.79 -30.46 -26.88
CA VAL B 186 -95.63 -31.09 -25.88
C VAL B 186 -97.10 -30.83 -26.21
N GLU B 187 -97.94 -31.86 -26.13
CA GLU B 187 -99.34 -31.74 -26.50
C GLU B 187 -100.27 -31.79 -25.30
N TRP B 188 -101.33 -30.99 -25.35
CA TRP B 188 -102.39 -31.06 -24.34
C TRP B 188 -103.75 -31.17 -25.04
N ARG B 189 -104.58 -32.14 -24.64
CA ARG B 189 -105.90 -32.35 -25.24
C ARG B 189 -107.03 -32.19 -24.22
N ALA B 190 -108.24 -32.54 -24.63
CA ALA B 190 -109.41 -32.46 -23.75
C ALA B 190 -109.26 -33.30 -22.48
N GLY C 1 -56.48 -23.07 -18.79
CA GLY C 1 -56.53 -21.62 -18.95
C GLY C 1 -56.57 -20.85 -17.64
N VAL C 2 -56.00 -19.63 -17.63
CA VAL C 2 -55.91 -18.75 -16.46
C VAL C 2 -56.50 -17.38 -16.83
N TYR C 3 -57.50 -16.93 -16.06
CA TYR C 3 -58.08 -15.61 -16.25
C TYR C 3 -57.07 -14.50 -15.91
N ALA C 4 -57.03 -13.46 -16.74
CA ALA C 4 -56.25 -12.26 -16.48
C ALA C 4 -57.06 -11.19 -15.72
N THR C 5 -56.40 -10.53 -14.78
CA THR C 5 -56.87 -9.33 -14.09
C THR C 5 -56.44 -8.02 -14.74
C CIR C 6 -57.01 -5.20 -14.37
O CIR C 6 -57.78 -5.15 -13.38
CA CIR C 6 -57.28 -6.14 -15.54
N CIR C 6 -57.72 -7.43 -14.98
C3 CIR C 6 -58.32 -5.52 -16.50
C4 CIR C 6 -57.93 -4.12 -16.92
C5 CIR C 6 -57.47 -4.14 -18.37
N6 CIR C 6 -56.16 -4.75 -18.55
C7 CIR C 6 -54.99 -4.15 -17.99
O7 CIR C 6 -55.02 -3.16 -17.33
N8 CIR C 6 -53.72 -4.79 -18.22
N SER C 7 -55.80 -4.47 -14.26
CA SER C 7 -55.63 -3.66 -13.05
C SER C 7 -56.42 -2.35 -12.92
N SER C 8 -56.86 -2.03 -11.71
CA SER C 8 -57.45 -0.72 -11.48
C SER C 8 -56.34 0.32 -11.33
N ALA C 9 -56.50 1.46 -12.01
CA ALA C 9 -55.51 2.53 -11.93
C ALA C 9 -55.57 3.17 -10.54
N VAL C 10 -54.51 3.91 -10.20
CA VAL C 10 -54.35 4.46 -8.86
C VAL C 10 -54.35 5.97 -9.00
N ARG C 11 -55.25 6.65 -8.30
CA ARG C 11 -55.28 8.10 -8.45
C ARG C 11 -54.26 8.75 -7.52
N LEU C 12 -53.92 10.01 -7.83
CA LEU C 12 -53.08 10.90 -7.02
C LEU C 12 -51.61 10.56 -7.19
N MET D 1 -43.06 -28.93 -14.67
CA MET D 1 -44.50 -28.88 -14.88
C MET D 1 -45.15 -27.71 -14.12
N GLY D 2 -44.77 -26.48 -14.48
CA GLY D 2 -45.26 -25.29 -13.82
C GLY D 2 -44.90 -24.06 -14.63
N ASP D 3 -44.18 -23.11 -14.03
CA ASP D 3 -43.71 -21.91 -14.71
C ASP D 3 -42.20 -21.96 -14.86
N SER D 4 -41.70 -21.59 -16.04
CA SER D 4 -40.27 -21.68 -16.28
C SER D 4 -39.91 -20.84 -17.48
N VAL D 5 -38.69 -20.30 -17.45
CA VAL D 5 -38.08 -19.60 -18.57
C VAL D 5 -36.72 -20.22 -18.80
N THR D 6 -36.51 -20.73 -20.02
CA THR D 6 -35.30 -21.45 -20.36
C THR D 6 -34.44 -20.59 -21.26
N GLN D 7 -33.22 -20.32 -20.80
CA GLN D 7 -32.28 -19.44 -21.45
C GLN D 7 -31.05 -20.23 -21.88
N THR D 8 -30.24 -19.65 -22.77
CA THR D 8 -28.96 -20.23 -23.15
C THR D 8 -28.06 -20.41 -21.93
N GLU D 9 -27.65 -21.65 -21.66
CA GLU D 9 -26.97 -21.91 -20.40
C GLU D 9 -25.53 -21.37 -20.41
N GLY D 10 -25.08 -20.91 -19.24
CA GLY D 10 -23.71 -20.49 -19.05
C GLY D 10 -23.38 -19.18 -19.73
N GLN D 11 -22.15 -19.10 -20.23
CA GLN D 11 -21.62 -17.91 -20.90
C GLN D 11 -21.69 -18.07 -22.40
N VAL D 12 -21.54 -16.94 -23.10
CA VAL D 12 -21.52 -16.89 -24.55
C VAL D 12 -20.49 -15.83 -24.93
N THR D 13 -19.51 -16.21 -25.73
CA THR D 13 -18.42 -15.33 -26.11
C THR D 13 -18.54 -15.01 -27.59
N VAL D 14 -18.52 -13.72 -27.92
CA VAL D 14 -18.68 -13.25 -29.28
C VAL D 14 -17.62 -12.18 -29.56
N SER D 15 -17.18 -12.10 -30.80
CA SER D 15 -16.19 -11.10 -31.18
C SER D 15 -16.90 -9.83 -31.63
N GLU D 16 -16.17 -8.73 -31.56
CA GLU D 16 -16.76 -7.45 -31.93
C GLU D 16 -17.22 -7.45 -33.39
N SER D 17 -18.26 -6.66 -33.65
CA SER D 17 -18.94 -6.48 -34.93
C SER D 17 -19.64 -7.75 -35.43
N LYS D 18 -19.78 -8.76 -34.60
CA LYS D 18 -20.34 -10.05 -34.99
C LYS D 18 -21.74 -10.21 -34.45
N SER D 19 -22.50 -11.15 -35.03
CA SER D 19 -23.90 -11.30 -34.68
C SER D 19 -24.06 -11.98 -33.32
N LEU D 20 -25.25 -11.83 -32.76
CA LEU D 20 -25.57 -12.44 -31.48
C LEU D 20 -26.99 -12.97 -31.54
N ILE D 21 -27.20 -14.11 -30.91
CA ILE D 21 -28.56 -14.56 -30.68
C ILE D 21 -28.58 -15.33 -29.37
N ILE D 22 -29.43 -14.91 -28.44
CA ILE D 22 -29.59 -15.57 -27.15
C ILE D 22 -30.93 -16.28 -27.14
N ASN D 23 -30.93 -17.57 -26.81
CA ASN D 23 -32.16 -18.35 -26.82
C ASN D 23 -33.04 -18.04 -25.60
N CYS D 24 -34.36 -17.86 -25.83
CA CYS D 24 -35.31 -17.78 -24.72
C CYS D 24 -36.66 -18.34 -25.16
N THR D 25 -37.11 -19.40 -24.48
CA THR D 25 -38.47 -19.90 -24.60
C THR D 25 -39.06 -20.08 -23.21
N TYR D 26 -40.39 -20.20 -23.13
CA TYR D 26 -41.08 -20.22 -21.84
C TYR D 26 -42.27 -21.17 -21.86
N SER D 27 -42.64 -21.62 -20.67
CA SER D 27 -43.79 -22.46 -20.51
C SER D 27 -44.46 -22.11 -19.18
N THR D 28 -45.74 -21.78 -19.20
CA THR D 28 -46.43 -21.28 -18.02
C THR D 28 -47.65 -22.12 -17.73
N THR D 29 -47.95 -22.27 -16.45
CA THR D 29 -49.22 -22.87 -16.07
C THR D 29 -50.04 -22.02 -15.12
N SER D 30 -49.50 -20.92 -14.61
CA SER D 30 -50.25 -20.10 -13.69
C SER D 30 -50.28 -18.63 -14.10
N ILE D 31 -49.65 -18.27 -15.23
CA ILE D 31 -49.74 -16.95 -15.85
C ILE D 31 -50.97 -16.86 -16.75
N ALA D 32 -51.48 -15.66 -16.91
CA ALA D 32 -52.59 -15.53 -17.84
C ALA D 32 -52.08 -15.16 -19.22
N TYR D 33 -51.79 -13.89 -19.45
CA TYR D 33 -51.27 -13.45 -20.73
C TYR D 33 -49.92 -12.80 -20.44
N PRO D 34 -48.80 -13.43 -20.78
CA PRO D 34 -47.51 -12.87 -20.35
C PRO D 34 -47.17 -11.58 -21.10
N ASN D 35 -46.43 -10.71 -20.41
CA ASN D 35 -45.58 -9.74 -21.09
C ASN D 35 -44.17 -10.29 -21.02
N LEU D 36 -43.36 -9.98 -22.04
CA LEU D 36 -42.00 -10.53 -22.12
C LEU D 36 -40.98 -9.42 -21.97
N PHE D 37 -39.93 -9.71 -21.23
CA PHE D 37 -38.92 -8.73 -20.86
C PHE D 37 -37.52 -9.30 -21.05
N TRP D 38 -36.60 -8.43 -21.46
CA TRP D 38 -35.16 -8.65 -21.34
C TRP D 38 -34.61 -7.62 -20.37
N TYR D 39 -33.91 -8.10 -19.32
CA TYR D 39 -33.16 -7.24 -18.43
C TYR D 39 -31.67 -7.50 -18.58
N VAL D 40 -30.87 -6.44 -18.41
CA VAL D 40 -29.41 -6.50 -18.57
C VAL D 40 -28.72 -5.96 -17.32
N ARG D 41 -27.66 -6.64 -16.93
CA ARG D 41 -26.90 -6.30 -15.73
C ARG D 41 -25.43 -6.14 -16.09
N TYR D 42 -24.97 -4.89 -16.25
CA TYR D 42 -23.58 -4.65 -16.59
C TYR D 42 -22.71 -4.83 -15.35
N PRO D 43 -21.42 -5.14 -15.54
CA PRO D 43 -20.53 -5.38 -14.40
C PRO D 43 -20.58 -4.23 -13.42
N GLY D 44 -20.88 -4.56 -12.17
CA GLY D 44 -20.85 -3.60 -11.08
C GLY D 44 -22.21 -2.96 -10.91
N GLU D 45 -22.88 -2.70 -12.03
CA GLU D 45 -24.18 -2.09 -11.95
C GLU D 45 -25.23 -3.13 -11.52
N GLY D 46 -26.44 -2.66 -11.23
CA GLY D 46 -27.57 -3.54 -10.96
C GLY D 46 -28.36 -3.81 -12.23
N LEU D 47 -29.53 -4.43 -12.06
CA LEU D 47 -30.38 -4.81 -13.18
C LEU D 47 -31.11 -3.62 -13.77
N GLN D 48 -31.28 -3.61 -15.09
CA GLN D 48 -32.06 -2.56 -15.73
C GLN D 48 -32.72 -3.09 -16.99
N LEU D 49 -33.89 -2.54 -17.31
CA LEU D 49 -34.68 -3.02 -18.44
C LEU D 49 -33.96 -2.74 -19.74
N LEU D 50 -33.89 -3.74 -20.60
CA LEU D 50 -33.36 -3.53 -21.93
C LEU D 50 -34.48 -3.33 -22.96
N LEU D 51 -35.48 -4.21 -22.97
CA LEU D 51 -36.63 -4.02 -23.84
C LEU D 51 -37.77 -4.85 -23.29
N LYS D 52 -38.99 -4.55 -23.77
CA LYS D 52 -40.17 -5.32 -23.40
C LYS D 52 -41.22 -5.32 -24.52
N VAL D 53 -42.04 -6.37 -24.58
CA VAL D 53 -43.16 -6.41 -25.50
C VAL D 53 -44.42 -6.84 -24.76
N ILE D 54 -45.52 -6.13 -25.01
CA ILE D 54 -46.82 -6.39 -24.35
C ILE D 54 -47.68 -7.39 -25.13
N THR D 55 -47.89 -7.17 -26.44
CA THR D 55 -48.81 -8.04 -27.20
C THR D 55 -48.03 -8.97 -28.16
N ALA D 56 -48.45 -10.23 -28.18
CA ALA D 56 -47.84 -11.24 -29.02
C ALA D 56 -47.83 -10.80 -30.50
N GLY D 57 -46.74 -11.11 -31.18
CA GLY D 57 -46.56 -10.79 -32.56
C GLY D 57 -45.70 -9.57 -32.83
N GLN D 58 -45.30 -8.85 -31.79
CA GLN D 58 -44.60 -7.60 -32.00
C GLN D 58 -43.22 -7.67 -31.38
N LYS D 59 -42.36 -6.75 -31.80
CA LYS D 59 -40.99 -6.78 -31.34
C LYS D 59 -40.61 -5.46 -30.68
N GLY D 60 -39.78 -5.56 -29.63
CA GLY D 60 -39.10 -4.41 -29.05
C GLY D 60 -37.66 -4.26 -29.51
N SER D 61 -37.15 -3.03 -29.60
CA SER D 61 -35.73 -2.90 -29.91
C SER D 61 -35.13 -1.74 -29.14
N SER D 62 -33.89 -1.93 -28.65
CA SER D 62 -33.16 -0.89 -27.92
C SER D 62 -31.66 -1.14 -28.05
N ARG D 63 -30.89 -0.10 -28.37
CA ARG D 63 -29.43 -0.21 -28.41
C ARG D 63 -28.98 -1.30 -29.39
N GLY D 64 -29.70 -1.41 -30.51
CA GLY D 64 -29.38 -2.39 -31.53
C GLY D 64 -29.79 -3.82 -31.22
N PHE D 65 -30.24 -4.09 -30.01
CA PHE D 65 -30.87 -5.37 -29.72
C PHE D 65 -32.32 -5.41 -30.24
N GLU D 66 -32.82 -6.63 -30.49
CA GLU D 66 -34.19 -6.90 -30.94
C GLU D 66 -34.66 -8.23 -30.35
N ALA D 67 -35.96 -8.30 -30.04
CA ALA D 67 -36.62 -9.52 -29.60
C ALA D 67 -38.08 -9.43 -30.01
N THR D 68 -38.62 -10.56 -30.49
CA THR D 68 -39.99 -10.69 -30.95
C THR D 68 -40.76 -11.58 -30.00
N TYR D 69 -41.88 -11.06 -29.51
CA TYR D 69 -42.86 -11.86 -28.76
C TYR D 69 -43.61 -12.77 -29.73
N ASN D 70 -43.35 -14.06 -29.63
CA ASN D 70 -43.90 -15.07 -30.52
C ASN D 70 -44.70 -16.09 -29.71
N LYS D 71 -46.03 -16.00 -29.77
CA LYS D 71 -46.87 -16.92 -29.00
C LYS D 71 -47.02 -18.28 -29.66
N GLU D 72 -46.76 -18.38 -30.97
CA GLU D 72 -46.85 -19.66 -31.66
C GLU D 72 -45.84 -20.64 -31.08
N THR D 73 -44.62 -20.17 -30.87
CA THR D 73 -43.55 -21.03 -30.38
C THR D 73 -43.06 -20.61 -29.00
N THR D 74 -43.80 -19.71 -28.32
CA THR D 74 -43.51 -19.26 -26.96
C THR D 74 -42.02 -19.01 -26.78
N SER D 75 -41.54 -18.10 -27.60
CA SER D 75 -40.14 -17.75 -27.62
C SER D 75 -40.03 -16.23 -27.56
N PHE D 76 -38.82 -15.77 -27.25
CA PHE D 76 -38.49 -14.36 -27.10
C PHE D 76 -36.97 -14.19 -27.31
N HIS D 77 -36.47 -14.71 -28.44
CA HIS D 77 -35.04 -14.73 -28.68
C HIS D 77 -34.49 -13.32 -28.89
N LEU D 78 -33.42 -13.00 -28.15
CA LEU D 78 -32.72 -11.73 -28.24
C LEU D 78 -31.64 -11.81 -29.31
N GLN D 79 -31.56 -10.77 -30.15
CA GLN D 79 -30.68 -10.74 -31.31
C GLN D 79 -30.05 -9.37 -31.45
N LYS D 80 -28.87 -9.33 -32.06
CA LYS D 80 -28.22 -8.07 -32.40
C LYS D 80 -27.23 -8.32 -33.55
N ALA D 81 -27.28 -7.45 -34.56
CA ALA D 81 -26.50 -7.68 -35.77
C ALA D 81 -25.01 -7.53 -35.51
N SER D 82 -24.59 -6.44 -34.84
CA SER D 82 -23.17 -6.12 -34.66
C SER D 82 -22.89 -5.78 -33.19
N VAL D 83 -22.23 -6.68 -32.50
CA VAL D 83 -22.03 -6.53 -31.06
C VAL D 83 -20.94 -5.49 -30.79
N GLN D 84 -21.12 -4.71 -29.72
CA GLN D 84 -20.21 -3.67 -29.28
C GLN D 84 -19.48 -4.11 -28.03
N GLU D 85 -18.35 -3.44 -27.74
CA GLU D 85 -17.62 -3.75 -26.53
C GLU D 85 -18.44 -3.45 -25.28
N SER D 86 -19.36 -2.48 -25.37
CA SER D 86 -20.20 -2.12 -24.24
C SER D 86 -21.35 -3.10 -24.01
N ASP D 87 -21.48 -4.16 -24.83
CA ASP D 87 -22.59 -5.10 -24.67
C ASP D 87 -22.25 -6.29 -23.77
N SER D 88 -21.14 -6.21 -23.03
CA SER D 88 -20.73 -7.26 -22.10
C SER D 88 -21.46 -7.12 -20.77
N ALA D 89 -22.35 -8.06 -20.49
CA ALA D 89 -23.17 -8.02 -19.31
C ALA D 89 -23.83 -9.38 -19.16
N VAL D 90 -24.75 -9.48 -18.20
CA VAL D 90 -25.58 -10.66 -18.03
C VAL D 90 -26.99 -10.27 -18.45
N TYR D 91 -27.53 -11.06 -19.35
CA TYR D 91 -28.85 -10.81 -19.91
C TYR D 91 -29.84 -11.82 -19.34
N TYR D 92 -30.94 -11.31 -18.78
CA TYR D 92 -32.03 -12.08 -18.19
C TYR D 92 -33.29 -11.94 -19.03
N CYS D 93 -33.82 -13.08 -19.46
CA CYS D 93 -35.14 -13.17 -20.10
C CYS D 93 -36.21 -13.39 -19.04
N ALA D 94 -37.31 -12.65 -19.11
CA ALA D 94 -38.31 -12.77 -18.06
C ALA D 94 -39.71 -12.57 -18.63
N LEU D 95 -40.71 -13.16 -17.96
CA LEU D 95 -42.11 -12.82 -18.20
C LEU D 95 -42.82 -12.46 -16.90
N GLY D 96 -43.79 -11.56 -17.01
CA GLY D 96 -44.61 -11.13 -15.88
C GLY D 96 -46.06 -11.13 -16.31
N ASP D 97 -46.95 -11.22 -15.30
CA ASP D 97 -48.39 -11.05 -15.46
C ASP D 97 -48.77 -9.71 -14.85
N THR D 98 -49.11 -8.75 -15.72
CA THR D 98 -49.38 -7.36 -15.32
C THR D 98 -50.48 -7.23 -14.29
N GLY D 99 -51.34 -8.21 -14.11
CA GLY D 99 -52.35 -7.97 -13.13
C GLY D 99 -52.08 -8.52 -11.77
N ASN D 100 -50.92 -9.11 -11.53
CA ASN D 100 -50.63 -9.57 -10.17
C ASN D 100 -49.12 -9.47 -9.93
N TYR D 101 -48.64 -10.21 -8.92
CA TYR D 101 -47.24 -10.12 -8.54
C TYR D 101 -46.33 -10.99 -9.40
N LYS D 102 -46.86 -11.99 -10.12
CA LYS D 102 -46.06 -13.06 -10.71
C LYS D 102 -45.06 -12.56 -11.74
N TYR D 103 -43.85 -13.11 -11.66
CA TYR D 103 -42.73 -12.88 -12.55
C TYR D 103 -42.03 -14.22 -12.61
N VAL D 104 -41.57 -14.61 -13.81
CA VAL D 104 -40.69 -15.77 -13.96
C VAL D 104 -39.41 -15.31 -14.63
N PHE D 105 -38.27 -15.61 -14.02
CA PHE D 105 -36.97 -15.28 -14.61
C PHE D 105 -36.24 -16.50 -15.14
N GLY D 106 -35.57 -16.35 -16.28
CA GLY D 106 -34.57 -17.32 -16.69
C GLY D 106 -33.26 -17.26 -15.88
N ALA D 107 -32.37 -18.17 -16.21
CA ALA D 107 -31.18 -18.35 -15.38
C ALA D 107 -30.10 -17.34 -15.72
N GLY D 108 -30.30 -16.56 -16.76
CA GLY D 108 -29.36 -15.53 -17.20
C GLY D 108 -28.26 -16.04 -18.13
N THR D 109 -27.87 -15.20 -19.08
CA THR D 109 -26.83 -15.55 -20.04
C THR D 109 -25.75 -14.46 -19.99
N ARG D 110 -24.50 -14.86 -19.77
CA ARG D 110 -23.40 -13.89 -19.71
C ARG D 110 -22.86 -13.69 -21.12
N LEU D 111 -22.68 -12.45 -21.53
CA LEU D 111 -22.08 -12.16 -22.83
C LEU D 111 -20.65 -11.65 -22.61
N LYS D 112 -19.68 -12.29 -23.25
CA LYS D 112 -18.30 -11.80 -23.24
C LYS D 112 -17.97 -11.35 -24.66
N VAL D 113 -17.71 -10.06 -24.84
CA VAL D 113 -17.22 -9.59 -26.13
C VAL D 113 -15.69 -9.54 -26.08
N ILE D 114 -15.06 -10.12 -27.11
CA ILE D 114 -13.62 -10.14 -27.23
C ILE D 114 -13.21 -9.42 -28.52
N ALA D 115 -11.91 -9.22 -28.68
CA ALA D 115 -11.37 -8.52 -29.84
C ALA D 115 -11.54 -9.36 -31.11
N HIS D 116 -11.86 -8.68 -32.21
CA HIS D 116 -11.95 -9.31 -33.53
C HIS D 116 -10.63 -9.09 -34.24
N ILE D 117 -9.90 -10.17 -34.51
CA ILE D 117 -8.54 -10.11 -35.05
C ILE D 117 -8.50 -10.87 -36.37
N GLN D 118 -8.01 -10.19 -37.41
CA GLN D 118 -7.80 -10.79 -38.72
C GLN D 118 -6.33 -10.90 -39.07
N ASN D 119 -5.44 -10.43 -38.19
CA ASN D 119 -3.99 -10.52 -38.39
C ASN D 119 -3.34 -11.01 -37.10
N PRO D 120 -3.62 -12.26 -36.70
CA PRO D 120 -3.10 -12.75 -35.40
C PRO D 120 -1.60 -12.93 -35.43
N ASP D 121 -0.99 -12.76 -34.26
CA ASP D 121 0.46 -12.89 -34.10
C ASP D 121 0.76 -13.53 -32.74
N PRO D 122 0.25 -14.75 -32.51
CA PRO D 122 0.33 -15.34 -31.17
C PRO D 122 1.76 -15.52 -30.69
N ALA D 123 2.00 -15.14 -29.43
CA ALA D 123 3.32 -15.14 -28.83
C ALA D 123 3.18 -15.00 -27.32
N VAL D 124 4.23 -15.40 -26.60
CA VAL D 124 4.29 -15.25 -25.16
C VAL D 124 5.49 -14.39 -24.81
N TYR D 125 5.36 -13.64 -23.72
CA TYR D 125 6.39 -12.71 -23.27
C TYR D 125 6.59 -12.86 -21.77
N GLN D 126 7.64 -12.20 -21.25
CA GLN D 126 7.96 -12.26 -19.83
C GLN D 126 8.12 -10.86 -19.27
N LEU D 127 7.35 -10.54 -18.22
CA LEU D 127 7.33 -9.22 -17.60
C LEU D 127 7.97 -9.29 -16.21
N ARG D 128 8.61 -8.19 -15.79
CA ARG D 128 9.22 -8.10 -14.47
C ARG D 128 8.49 -7.09 -13.59
N ASP D 129 8.52 -7.35 -12.28
CA ASP D 129 7.88 -6.47 -11.32
C ASP D 129 8.61 -5.13 -11.23
N SER D 130 7.85 -4.05 -11.04
CA SER D 130 8.39 -2.70 -10.95
C SER D 130 8.99 -2.38 -9.60
N LYS D 131 9.03 -3.33 -8.67
CA LYS D 131 9.66 -3.14 -7.37
C LYS D 131 10.74 -4.17 -7.10
N SER D 132 10.40 -5.45 -7.03
CA SER D 132 11.39 -6.52 -6.92
C SER D 132 11.45 -7.22 -8.27
N SER D 133 12.58 -7.09 -8.95
CA SER D 133 12.74 -7.73 -10.25
C SER D 133 12.75 -9.26 -10.18
N ASP D 134 12.61 -9.85 -8.98
CA ASP D 134 12.57 -11.31 -8.85
C ASP D 134 11.22 -11.88 -9.30
N LYS D 135 10.12 -11.24 -8.93
CA LYS D 135 8.80 -11.71 -9.32
C LYS D 135 8.58 -11.50 -10.82
N SER D 136 8.00 -12.50 -11.48
CA SER D 136 7.83 -12.48 -12.93
C SER D 136 6.52 -13.13 -13.31
N VAL D 137 5.94 -12.66 -14.42
CA VAL D 137 4.71 -13.22 -14.98
C VAL D 137 4.87 -13.43 -16.49
N CYS D 138 4.14 -14.41 -17.02
CA CYS D 138 4.10 -14.70 -18.45
C CYS D 138 2.77 -14.23 -19.06
N LEU D 139 2.83 -13.80 -20.31
CA LEU D 139 1.69 -13.20 -20.99
C LEU D 139 1.50 -13.85 -22.34
N PHE D 140 0.37 -14.54 -22.54
CA PHE D 140 0.00 -15.08 -23.83
C PHE D 140 -0.93 -14.09 -24.51
N THR D 141 -0.50 -13.52 -25.63
CA THR D 141 -1.31 -12.48 -26.25
C THR D 141 -1.28 -12.59 -27.77
N ASP D 142 -2.10 -11.74 -28.39
CA ASP D 142 -2.13 -11.58 -29.85
C ASP D 142 -2.58 -12.86 -30.55
N PHE D 143 -3.49 -13.60 -29.93
CA PHE D 143 -4.06 -14.79 -30.55
C PHE D 143 -5.48 -14.53 -31.03
N ASP D 144 -5.93 -15.36 -31.96
CA ASP D 144 -7.25 -15.15 -32.57
C ASP D 144 -8.36 -15.51 -31.59
N SER D 145 -9.58 -15.21 -32.01
CA SER D 145 -10.72 -15.49 -31.16
C SER D 145 -11.03 -16.97 -31.08
N GLN D 146 -10.49 -17.78 -31.99
CA GLN D 146 -10.68 -19.23 -31.99
C GLN D 146 -9.85 -19.94 -30.92
N THR D 147 -8.77 -19.31 -30.44
CA THR D 147 -7.90 -19.92 -29.44
C THR D 147 -8.61 -20.04 -28.10
N ASN D 148 -8.56 -21.24 -27.53
CA ASN D 148 -9.06 -21.49 -26.18
C ASN D 148 -7.87 -21.80 -25.29
N VAL D 149 -7.82 -21.15 -24.13
CA VAL D 149 -6.69 -21.30 -23.21
C VAL D 149 -7.03 -22.37 -22.18
N SER D 150 -6.23 -23.44 -22.14
CA SER D 150 -6.39 -24.48 -21.14
C SER D 150 -5.80 -24.01 -19.82
N GLN D 151 -6.33 -24.54 -18.72
CA GLN D 151 -5.95 -24.10 -17.39
C GLN D 151 -5.73 -25.33 -16.52
N SER D 152 -4.46 -25.58 -16.16
CA SER D 152 -4.12 -26.67 -15.25
C SER D 152 -2.65 -26.64 -14.86
N LYS D 153 -1.90 -27.63 -15.37
CA LYS D 153 -0.48 -27.87 -15.07
C LYS D 153 -0.42 -28.27 -13.60
N ASP D 154 0.30 -27.57 -12.73
CA ASP D 154 0.38 -27.90 -11.30
C ASP D 154 -0.47 -26.92 -10.49
N SER D 155 -0.82 -27.32 -9.27
CA SER D 155 -1.66 -26.48 -8.42
C SER D 155 -0.95 -25.23 -7.93
N ASP D 156 0.38 -25.18 -8.03
CA ASP D 156 1.14 -23.99 -7.69
C ASP D 156 1.52 -23.17 -8.91
N VAL D 157 0.79 -23.32 -10.01
CA VAL D 157 0.85 -22.41 -11.14
C VAL D 157 -0.58 -22.03 -11.52
N TYR D 158 -0.79 -20.76 -11.83
CA TYR D 158 -2.12 -20.23 -12.10
C TYR D 158 -2.19 -19.73 -13.53
N ILE D 159 -3.34 -19.95 -14.17
CA ILE D 159 -3.60 -19.46 -15.53
C ILE D 159 -5.01 -18.88 -15.55
N THR D 160 -5.16 -17.75 -16.26
CA THR D 160 -6.45 -17.10 -16.44
C THR D 160 -7.04 -17.45 -17.80
N ASP D 161 -8.35 -17.26 -17.92
CA ASP D 161 -9.02 -17.47 -19.19
C ASP D 161 -8.74 -16.29 -20.13
N LYS D 162 -9.34 -16.30 -21.32
CA LYS D 162 -9.30 -15.14 -22.21
C LYS D 162 -9.91 -13.93 -21.51
N CYS D 163 -9.22 -12.80 -21.58
CA CYS D 163 -9.69 -11.63 -20.86
C CYS D 163 -10.88 -10.99 -21.60
N VAL D 164 -11.77 -10.38 -20.84
CA VAL D 164 -12.89 -9.64 -21.42
C VAL D 164 -12.47 -8.19 -21.63
N LEU D 165 -12.77 -7.63 -22.80
CA LEU D 165 -12.42 -6.25 -23.08
C LEU D 165 -13.12 -5.29 -22.11
N ASP D 166 -12.54 -4.11 -21.96
CA ASP D 166 -13.17 -3.08 -21.15
C ASP D 166 -14.49 -2.63 -21.79
N MET D 167 -15.50 -2.40 -20.96
CA MET D 167 -16.82 -1.98 -21.45
C MET D 167 -16.69 -0.77 -22.36
N ARG D 168 -15.96 0.27 -21.93
CA ARG D 168 -15.78 1.44 -22.78
C ARG D 168 -14.35 1.58 -23.28
N SER D 169 -13.77 0.49 -23.77
CA SER D 169 -12.53 0.57 -24.52
C SER D 169 -12.81 0.80 -26.00
N MET D 170 -12.04 1.69 -26.61
CA MET D 170 -12.24 2.00 -28.02
C MET D 170 -11.02 1.75 -28.89
N ASP D 171 -9.95 1.20 -28.35
CA ASP D 171 -8.73 0.97 -29.11
C ASP D 171 -7.87 -0.01 -28.34
N PHE D 172 -6.85 -0.53 -29.02
CA PHE D 172 -5.92 -1.54 -28.48
C PHE D 172 -6.69 -2.74 -27.93
N LYS D 173 -7.64 -3.23 -28.73
CA LYS D 173 -8.39 -4.43 -28.37
C LYS D 173 -7.54 -5.64 -28.73
N SER D 174 -7.10 -6.39 -27.73
CA SER D 174 -6.25 -7.55 -27.93
C SER D 174 -6.60 -8.63 -26.94
N ASN D 175 -6.75 -9.86 -27.44
CA ASN D 175 -6.94 -11.01 -26.57
C ASN D 175 -5.64 -11.36 -25.85
N SER D 176 -5.75 -11.66 -24.56
CA SER D 176 -4.57 -11.90 -23.75
C SER D 176 -4.91 -12.82 -22.58
N ALA D 177 -3.89 -13.47 -22.07
CA ALA D 177 -4.01 -14.33 -20.90
C ALA D 177 -2.68 -14.33 -20.18
N VAL D 178 -2.71 -14.58 -18.89
CA VAL D 178 -1.53 -14.40 -18.06
C VAL D 178 -1.37 -15.64 -17.18
N ALA D 179 -0.12 -15.95 -16.85
CA ALA D 179 0.22 -17.08 -16.00
C ALA D 179 1.38 -16.70 -15.11
N TRP D 180 1.40 -17.24 -13.90
CA TRP D 180 2.47 -16.96 -12.95
C TRP D 180 2.57 -18.10 -11.96
N SER D 181 3.72 -18.20 -11.30
CA SER D 181 3.98 -19.27 -10.35
C SER D 181 5.04 -18.80 -9.36
N ASN D 182 5.49 -19.73 -8.51
CA ASN D 182 6.56 -19.46 -7.55
C ASN D 182 7.66 -20.51 -7.53
N LYS D 183 7.53 -21.57 -8.32
CA LYS D 183 8.45 -22.70 -8.24
C LYS D 183 9.87 -22.33 -8.69
N SER D 184 10.01 -21.36 -9.59
CA SER D 184 11.29 -20.89 -10.12
C SER D 184 12.08 -21.99 -10.82
N ASP D 185 11.42 -23.09 -11.18
CA ASP D 185 12.00 -24.12 -12.04
C ASP D 185 11.12 -24.38 -13.26
N PHE D 186 10.44 -23.33 -13.74
CA PHE D 186 9.62 -23.39 -14.94
C PHE D 186 9.50 -21.99 -15.51
N ALA D 187 9.44 -21.89 -16.83
CA ALA D 187 9.46 -20.62 -17.53
C ALA D 187 8.20 -20.49 -18.37
N CYS D 188 8.17 -19.41 -19.17
CA CYS D 188 7.00 -19.11 -19.98
C CYS D 188 6.80 -20.14 -21.09
N ALA D 189 7.86 -20.77 -21.56
CA ALA D 189 7.69 -21.81 -22.56
C ALA D 189 6.97 -23.03 -21.97
N ASN D 190 7.31 -23.40 -20.73
CA ASN D 190 6.66 -24.54 -20.11
C ASN D 190 5.21 -24.25 -19.77
N ALA D 191 4.88 -22.97 -19.58
CA ALA D 191 3.53 -22.60 -19.20
C ALA D 191 2.56 -22.82 -20.36
N PHE D 192 1.30 -23.04 -20.01
CA PHE D 192 0.19 -23.25 -20.95
C PHE D 192 0.49 -24.52 -21.75
N ASN D 193 0.26 -24.52 -23.07
CA ASN D 193 0.47 -25.68 -23.97
C ASN D 193 0.09 -27.02 -23.34
N ASP D 200 1.76 -23.10 -34.30
CA ASP D 200 2.85 -22.17 -34.57
C ASP D 200 2.64 -20.84 -33.86
N THR D 201 3.48 -20.57 -32.87
CA THR D 201 3.50 -19.28 -32.17
C THR D 201 4.96 -18.83 -32.00
N PHE D 202 5.18 -17.79 -31.20
CA PHE D 202 6.53 -17.32 -30.85
C PHE D 202 6.74 -17.48 -29.36
N PHE D 203 7.97 -17.78 -28.96
CA PHE D 203 8.25 -17.95 -27.53
C PHE D 203 9.71 -17.64 -27.21
N PRO D 204 10.16 -16.37 -27.34
CA PRO D 204 11.54 -16.03 -26.96
C PRO D 204 11.80 -16.16 -25.45
N ALA E 2 -31.28 5.52 -8.68
CA ALA E 2 -32.07 6.73 -8.52
C ALA E 2 -33.52 6.41 -8.13
N ALA E 3 -34.16 5.54 -8.91
CA ALA E 3 -35.53 5.12 -8.59
C ALA E 3 -35.56 4.25 -7.34
N VAL E 4 -34.80 3.16 -7.33
CA VAL E 4 -34.71 2.25 -6.19
C VAL E 4 -33.26 2.17 -5.75
N THR E 5 -33.02 2.34 -4.45
CA THR E 5 -31.69 2.32 -3.88
C THR E 5 -31.73 1.37 -2.71
N GLN E 6 -30.72 0.50 -2.60
CA GLN E 6 -30.64 -0.41 -1.48
C GLN E 6 -29.27 -0.28 -0.84
N SER E 7 -29.18 -0.76 0.41
CA SER E 7 -27.96 -0.59 1.20
C SER E 7 -27.92 -1.66 2.27
N PRO E 8 -26.74 -2.21 2.60
CA PRO E 8 -25.46 -1.87 2.00
C PRO E 8 -25.22 -2.53 0.64
N ARG E 9 -24.31 -1.96 -0.14
CA ARG E 9 -23.94 -2.58 -1.41
C ARG E 9 -23.08 -3.82 -1.21
N SER E 10 -22.36 -3.91 -0.09
CA SER E 10 -21.57 -5.07 0.24
C SER E 10 -21.61 -5.25 1.75
N LYS E 11 -21.60 -6.50 2.20
CA LYS E 11 -21.53 -6.80 3.61
C LYS E 11 -20.78 -8.11 3.82
N VAL E 12 -20.02 -8.19 4.91
CA VAL E 12 -19.42 -9.44 5.37
C VAL E 12 -19.84 -9.65 6.81
N ALA E 13 -20.48 -10.79 7.09
CA ALA E 13 -20.99 -11.10 8.41
C ALA E 13 -20.65 -12.53 8.82
N VAL E 14 -20.77 -12.80 10.13
CA VAL E 14 -20.42 -14.09 10.69
C VAL E 14 -21.69 -14.93 10.79
N THR E 15 -21.50 -16.25 10.85
CA THR E 15 -22.63 -17.15 11.02
C THR E 15 -23.28 -16.93 12.38
N GLY E 16 -24.60 -16.95 12.40
CA GLY E 16 -25.33 -16.69 13.63
C GLY E 16 -25.54 -15.23 13.93
N GLY E 17 -25.10 -14.34 13.03
CA GLY E 17 -25.27 -12.93 13.20
C GLY E 17 -26.45 -12.38 12.40
N LYS E 18 -27.00 -11.28 12.89
CA LYS E 18 -28.16 -10.67 12.26
C LYS E 18 -27.72 -9.68 11.20
N VAL E 19 -28.25 -9.85 10.00
CA VAL E 19 -28.01 -8.95 8.87
C VAL E 19 -29.35 -8.47 8.31
N THR E 20 -29.52 -7.16 8.20
CA THR E 20 -30.70 -6.60 7.58
C THR E 20 -30.32 -5.74 6.40
N LEU E 21 -31.04 -5.95 5.29
CA LEU E 21 -30.85 -5.20 4.05
C LEU E 21 -32.01 -4.22 3.90
N SER E 22 -31.67 -2.98 3.60
CA SER E 22 -32.64 -1.91 3.49
C SER E 22 -32.91 -1.64 2.02
N CYS E 23 -34.10 -1.10 1.76
CA CYS E 23 -34.43 -0.76 0.39
C CYS E 23 -35.40 0.42 0.37
N HIS E 24 -35.11 1.41 -0.44
CA HIS E 24 -35.90 2.63 -0.49
C HIS E 24 -36.25 2.95 -1.94
N GLN E 25 -37.50 3.34 -2.18
CA GLN E 25 -37.89 3.77 -3.51
C GLN E 25 -38.61 5.10 -3.44
N THR E 26 -38.41 5.93 -4.47
CA THR E 26 -38.97 7.27 -4.57
C THR E 26 -39.93 7.39 -5.74
N ASN E 27 -40.60 6.29 -6.10
CA ASN E 27 -41.55 6.29 -7.21
C ASN E 27 -42.99 6.14 -6.74
N ASN E 28 -43.24 6.08 -5.43
CA ASN E 28 -44.58 5.88 -4.88
C ASN E 28 -45.18 4.58 -5.38
N HIS E 29 -44.36 3.57 -5.61
CA HIS E 29 -44.87 2.32 -6.14
C HIS E 29 -45.49 1.47 -5.03
N ASP E 30 -46.49 0.69 -5.40
CA ASP E 30 -47.23 -0.18 -4.48
C ASP E 30 -46.56 -1.53 -4.21
N TYR E 31 -45.92 -2.13 -5.21
CA TYR E 31 -45.24 -3.41 -5.06
C TYR E 31 -43.78 -3.17 -4.65
N MET E 32 -43.28 -3.99 -3.72
CA MET E 32 -41.84 -4.11 -3.49
C MET E 32 -41.46 -5.58 -3.34
N TYR E 33 -40.27 -5.94 -3.80
CA TYR E 33 -39.84 -7.33 -3.83
C TYR E 33 -38.39 -7.44 -3.38
N TRP E 34 -38.03 -8.61 -2.83
CA TRP E 34 -36.64 -8.98 -2.54
C TRP E 34 -36.27 -10.27 -3.26
N TYR E 35 -35.28 -10.20 -4.16
CA TYR E 35 -34.86 -11.36 -4.94
C TYR E 35 -33.46 -11.81 -4.51
N ARG E 36 -33.12 -13.04 -4.87
CA ARG E 36 -31.82 -13.61 -4.61
C ARG E 36 -31.22 -14.04 -5.93
N GLN E 37 -29.94 -13.73 -6.17
CA GLN E 37 -29.29 -13.99 -7.45
C GLN E 37 -28.23 -15.06 -7.26
N ASP E 38 -28.48 -16.23 -7.82
CA ASP E 38 -27.53 -17.32 -7.80
C ASP E 38 -27.11 -17.62 -9.23
N THR E 39 -25.85 -18.03 -9.41
CA THR E 39 -25.31 -18.17 -10.74
C THR E 39 -26.00 -19.29 -11.52
N GLY E 40 -26.29 -20.39 -10.86
CA GLY E 40 -26.92 -21.49 -11.57
C GLY E 40 -28.43 -21.50 -11.55
N HIS E 41 -29.02 -20.77 -10.61
CA HIS E 41 -30.47 -20.81 -10.42
C HIS E 41 -31.19 -19.63 -11.05
N GLY E 42 -30.53 -18.49 -11.20
CA GLY E 42 -31.20 -17.31 -11.73
C GLY E 42 -31.64 -16.33 -10.66
N LEU E 43 -32.87 -15.84 -10.77
CA LEU E 43 -33.38 -14.83 -9.83
C LEU E 43 -34.65 -15.36 -9.17
N ARG E 44 -34.56 -15.64 -7.87
CA ARG E 44 -35.65 -16.24 -7.11
C ARG E 44 -36.23 -15.24 -6.12
N LEU E 45 -37.57 -15.22 -6.01
CA LEU E 45 -38.28 -14.30 -5.12
C LEU E 45 -38.35 -14.83 -3.68
N ILE E 46 -37.96 -13.99 -2.72
CA ILE E 46 -37.99 -14.32 -1.29
C ILE E 46 -39.27 -13.85 -0.59
N HIS E 47 -39.55 -12.55 -0.66
CA HIS E 47 -40.74 -11.94 -0.10
C HIS E 47 -41.16 -10.82 -1.03
N TYR E 48 -42.43 -10.49 -0.98
CA TYR E 48 -42.91 -9.30 -1.67
C TYR E 48 -43.98 -8.63 -0.83
N SER E 49 -44.38 -7.44 -1.28
CA SER E 49 -45.37 -6.63 -0.59
C SER E 49 -46.11 -5.81 -1.63
N TYR E 50 -47.43 -5.83 -1.57
CA TYR E 50 -48.22 -4.94 -2.40
C TYR E 50 -49.00 -3.92 -1.57
N VAL E 51 -48.94 -3.96 -0.25
CA VAL E 51 -49.60 -2.95 0.56
C VAL E 51 -48.78 -2.73 1.82
N ALA E 52 -48.81 -1.50 2.32
CA ALA E 52 -47.95 -1.17 3.45
C ALA E 52 -48.40 -1.88 4.71
N ASP E 53 -47.43 -2.18 5.58
CA ASP E 53 -47.62 -2.85 6.87
C ASP E 53 -47.97 -4.32 6.69
N SER E 54 -47.80 -4.85 5.49
CA SER E 54 -48.13 -6.24 5.21
C SER E 54 -47.05 -6.81 4.31
N THR E 55 -46.77 -8.10 4.49
CA THR E 55 -45.77 -8.79 3.68
C THR E 55 -46.30 -10.15 3.23
N GLU E 56 -46.02 -10.51 2.00
CA GLU E 56 -46.36 -11.83 1.47
C GLU E 56 -45.09 -12.63 1.26
N LYS E 57 -45.13 -13.91 1.60
CA LYS E 57 -43.96 -14.75 1.40
C LYS E 57 -43.88 -15.23 -0.04
N GLY E 58 -42.66 -15.22 -0.57
CA GLY E 58 -42.40 -15.61 -1.95
C GLY E 58 -42.15 -17.09 -2.06
N ASP E 59 -41.22 -17.45 -2.93
CA ASP E 59 -40.98 -18.85 -3.25
C ASP E 59 -39.97 -19.50 -2.33
N ILE E 60 -38.94 -18.77 -1.89
CA ILE E 60 -37.94 -19.34 -0.99
C ILE E 60 -37.78 -18.46 0.24
N PRO E 61 -38.78 -18.40 1.12
CA PRO E 61 -38.72 -17.44 2.23
C PRO E 61 -38.03 -17.98 3.47
N ASP E 62 -37.60 -19.24 3.46
CA ASP E 62 -37.01 -19.85 4.63
C ASP E 62 -35.69 -19.16 4.97
N GLY E 63 -35.56 -18.79 6.24
CA GLY E 63 -34.38 -18.12 6.74
C GLY E 63 -34.40 -16.61 6.58
N TYR E 64 -35.39 -16.07 5.89
CA TYR E 64 -35.51 -14.62 5.73
C TYR E 64 -36.80 -14.14 6.35
N LYS E 65 -36.82 -12.87 6.73
CA LYS E 65 -38.00 -12.20 7.24
C LYS E 65 -38.08 -10.82 6.59
N ALA E 66 -39.29 -10.40 6.22
CA ALA E 66 -39.50 -9.10 5.60
C ALA E 66 -40.31 -8.18 6.49
N SER E 67 -40.24 -6.90 6.17
CA SER E 67 -40.96 -5.86 6.88
C SER E 67 -41.13 -4.68 5.96
N ARG E 68 -42.36 -4.14 5.91
CA ARG E 68 -42.65 -2.98 5.09
C ARG E 68 -43.36 -1.96 5.96
N PRO E 69 -42.63 -1.08 6.65
CA PRO E 69 -43.28 -0.13 7.57
C PRO E 69 -43.90 1.10 6.91
N SER E 70 -43.63 1.33 5.63
CA SER E 70 -44.16 2.48 4.91
C SER E 70 -44.15 2.10 3.43
N GLN E 71 -44.75 2.97 2.61
CA GLN E 71 -44.80 2.65 1.20
C GLN E 71 -43.45 2.77 0.51
N GLU E 72 -42.44 3.34 1.16
CA GLU E 72 -41.18 3.62 0.52
C GLU E 72 -40.05 2.70 0.91
N ASN E 73 -40.24 1.83 1.91
CA ASN E 73 -39.16 1.03 2.49
C ASN E 73 -39.57 -0.41 2.67
N PHE E 74 -38.66 -1.31 2.32
CA PHE E 74 -38.90 -2.74 2.39
C PHE E 74 -37.58 -3.37 2.81
N SER E 75 -37.52 -3.91 4.03
CA SER E 75 -36.28 -4.47 4.55
C SER E 75 -36.36 -6.00 4.58
N LEU E 76 -35.19 -6.62 4.56
CA LEU E 76 -35.01 -8.06 4.53
C LEU E 76 -34.10 -8.41 5.71
N ILE E 77 -34.60 -9.17 6.67
CA ILE E 77 -33.88 -9.44 7.90
C ILE E 77 -33.46 -10.90 7.89
N LEU E 78 -32.18 -11.15 8.16
CA LEU E 78 -31.64 -12.51 8.32
C LEU E 78 -31.32 -12.70 9.80
N GLU E 79 -32.17 -13.46 10.50
CA GLU E 79 -32.05 -13.54 11.95
C GLU E 79 -30.76 -14.24 12.35
N LEU E 80 -30.46 -15.39 11.74
CA LEU E 80 -29.24 -16.16 11.97
C LEU E 80 -28.62 -16.43 10.61
N ALA E 81 -27.63 -15.65 10.24
CA ALA E 81 -27.06 -15.76 8.90
C ALA E 81 -26.40 -17.12 8.72
N SER E 82 -26.62 -17.74 7.57
CA SER E 82 -26.08 -19.05 7.25
C SER E 82 -25.20 -18.98 6.01
N LEU E 83 -24.32 -19.98 5.87
CA LEU E 83 -23.47 -20.04 4.70
C LEU E 83 -24.26 -20.09 3.42
N SER E 84 -25.42 -20.76 3.44
CA SER E 84 -26.24 -20.87 2.24
C SER E 84 -26.85 -19.53 1.81
N GLN E 85 -26.75 -18.49 2.62
CA GLN E 85 -27.37 -17.22 2.32
C GLN E 85 -26.43 -16.22 1.67
N THR E 86 -25.26 -16.66 1.21
CA THR E 86 -24.37 -15.75 0.48
C THR E 86 -24.83 -15.71 -0.97
N ALA E 87 -25.13 -14.50 -1.44
CA ALA E 87 -25.57 -14.30 -2.81
C ALA E 87 -25.61 -12.80 -3.04
N VAL E 88 -26.12 -12.39 -4.17
CA VAL E 88 -26.38 -10.99 -4.48
C VAL E 88 -27.87 -10.77 -4.36
N TYR E 89 -28.29 -9.88 -3.46
CA TYR E 89 -29.70 -9.64 -3.21
C TYR E 89 -30.16 -8.37 -3.93
N PHE E 90 -31.25 -8.48 -4.66
CA PHE E 90 -31.81 -7.38 -5.45
C PHE E 90 -33.20 -7.06 -4.94
N CYS E 91 -33.42 -5.78 -4.71
CA CYS E 91 -34.68 -5.19 -4.34
C CYS E 91 -35.33 -4.66 -5.60
N ALA E 92 -36.67 -4.63 -5.61
CA ALA E 92 -37.34 -4.11 -6.79
C ALA E 92 -38.65 -3.50 -6.37
N SER E 93 -39.17 -2.61 -7.22
CA SER E 93 -40.52 -2.08 -7.03
C SER E 93 -41.29 -2.14 -8.33
N SER E 94 -42.60 -1.98 -8.23
CA SER E 94 -43.45 -1.81 -9.41
C SER E 94 -44.78 -1.27 -8.96
N ALA E 95 -45.50 -0.72 -9.94
CA ALA E 95 -46.84 -0.24 -9.69
C ALA E 95 -47.65 -0.39 -10.96
N VAL E 96 -48.95 -0.55 -10.79
CA VAL E 96 -49.84 -0.64 -11.93
C VAL E 96 -49.70 0.58 -12.84
N ASN E 97 -49.50 1.77 -12.26
CA ASN E 97 -49.44 2.96 -13.11
C ASN E 97 -48.26 2.90 -14.09
N SER E 98 -47.32 1.99 -13.85
CA SER E 98 -46.18 1.73 -14.73
C SER E 98 -46.31 0.42 -15.47
N GLY E 99 -47.51 -0.15 -15.48
CA GLY E 99 -47.83 -1.48 -15.97
C GLY E 99 -47.14 -2.62 -15.26
N ASN E 100 -46.69 -2.43 -14.02
CA ASN E 100 -46.01 -3.48 -13.24
C ASN E 100 -44.67 -3.98 -13.84
N THR E 101 -44.05 -3.24 -14.76
CA THR E 101 -42.62 -3.40 -15.02
C THR E 101 -41.80 -3.29 -13.72
N LEU E 102 -40.84 -4.18 -13.53
CA LEU E 102 -39.98 -4.11 -12.36
C LEU E 102 -38.89 -3.05 -12.51
N TYR E 103 -38.63 -2.34 -11.42
CA TYR E 103 -37.47 -1.47 -11.30
C TYR E 103 -36.56 -2.05 -10.23
N PHE E 104 -35.27 -2.19 -10.56
CA PHE E 104 -34.32 -2.84 -9.65
C PHE E 104 -33.33 -1.83 -9.03
N GLY E 105 -32.93 -2.13 -7.81
CA GLY E 105 -31.82 -1.44 -7.17
C GLY E 105 -30.47 -1.93 -7.69
N GLU E 106 -29.43 -1.36 -7.09
CA GLU E 106 -28.06 -1.62 -7.52
C GLU E 106 -27.58 -3.02 -7.13
N GLY E 107 -28.20 -3.66 -6.15
CA GLY E 107 -27.76 -4.97 -5.69
C GLY E 107 -27.01 -4.90 -4.37
N SER E 108 -27.19 -5.90 -3.50
CA SER E 108 -26.45 -6.05 -2.25
C SER E 108 -25.72 -7.39 -2.28
N ARG E 109 -24.40 -7.33 -2.44
CA ARG E 109 -23.56 -8.53 -2.42
C ARG E 109 -23.23 -8.86 -0.99
N LEU E 110 -23.65 -10.03 -0.52
CA LEU E 110 -23.43 -10.46 0.85
C LEU E 110 -22.56 -11.72 0.88
N ILE E 111 -21.49 -11.68 1.67
CA ILE E 111 -20.65 -12.85 1.92
C ILE E 111 -20.67 -13.17 3.41
N VAL E 112 -20.98 -14.43 3.74
CA VAL E 112 -21.02 -14.93 5.10
C VAL E 112 -19.89 -15.94 5.28
N VAL E 113 -19.16 -15.83 6.41
CA VAL E 113 -18.03 -16.69 6.71
C VAL E 113 -18.15 -17.18 8.14
N GLU E 114 -17.28 -18.11 8.51
CA GLU E 114 -17.44 -18.78 9.79
C GLU E 114 -16.61 -18.14 10.89
N ASP E 115 -15.51 -17.47 10.56
CA ASP E 115 -14.61 -16.93 11.58
C ASP E 115 -14.31 -15.44 11.42
N LEU E 116 -14.66 -14.82 10.30
CA LEU E 116 -14.49 -13.38 10.08
C LEU E 116 -13.02 -12.97 10.01
N ASN E 117 -12.12 -13.86 10.39
CA ASN E 117 -10.69 -13.61 10.34
C ASN E 117 -10.06 -14.23 9.12
N LYS E 118 -10.86 -14.71 8.18
CA LYS E 118 -10.37 -15.22 6.92
C LYS E 118 -10.39 -14.16 5.82
N VAL E 119 -10.70 -12.92 6.15
CA VAL E 119 -10.72 -11.85 5.16
C VAL E 119 -9.39 -11.12 5.18
N PHE E 120 -8.75 -11.04 4.00
CA PHE E 120 -7.51 -10.32 3.85
C PHE E 120 -7.64 -9.32 2.71
N PRO E 121 -7.09 -8.13 2.86
CA PRO E 121 -7.02 -7.17 1.75
C PRO E 121 -6.03 -7.64 0.71
N PRO E 122 -6.07 -7.10 -0.49
CA PRO E 122 -5.21 -7.61 -1.55
C PRO E 122 -3.82 -6.98 -1.55
N GLU E 123 -2.89 -7.68 -2.18
CA GLU E 123 -1.54 -7.19 -2.42
C GLU E 123 -1.39 -6.94 -3.91
N VAL E 124 -1.11 -5.69 -4.30
CA VAL E 124 -1.15 -5.28 -5.70
C VAL E 124 0.27 -5.00 -6.16
N ALA E 125 0.60 -5.51 -7.36
CA ALA E 125 1.89 -5.25 -8.00
C ALA E 125 1.70 -5.05 -9.50
N VAL E 126 2.50 -4.16 -10.08
CA VAL E 126 2.47 -3.91 -11.51
C VAL E 126 3.77 -4.43 -12.13
N PHE E 127 3.64 -5.05 -13.31
CA PHE E 127 4.77 -5.63 -14.02
C PHE E 127 5.03 -4.83 -15.29
N GLU E 128 6.30 -4.50 -15.54
CA GLU E 128 6.63 -3.67 -16.68
C GLU E 128 6.65 -4.50 -17.95
N PRO E 129 6.36 -3.89 -19.11
CA PRO E 129 6.36 -4.63 -20.38
C PRO E 129 7.73 -5.22 -20.72
N SER E 130 7.72 -6.23 -21.59
CA SER E 130 8.96 -6.87 -22.03
C SER E 130 9.52 -6.17 -23.25
N GLU E 131 10.83 -6.23 -23.39
CA GLU E 131 11.44 -5.63 -24.57
C GLU E 131 11.04 -6.40 -25.82
N ALA E 132 10.78 -7.70 -25.68
CA ALA E 132 10.49 -8.53 -26.84
C ALA E 132 9.20 -8.08 -27.51
N GLU E 133 8.16 -7.84 -26.71
CA GLU E 133 6.90 -7.32 -27.23
C GLU E 133 7.12 -5.98 -27.93
N ILE E 134 7.94 -5.11 -27.33
CA ILE E 134 8.20 -3.79 -27.91
C ILE E 134 8.87 -3.92 -29.28
N SER E 135 9.90 -4.76 -29.37
CA SER E 135 10.60 -4.87 -30.64
C SER E 135 9.74 -5.59 -31.68
N HIS E 136 8.90 -6.52 -31.25
CA HIS E 136 8.13 -7.33 -32.20
C HIS E 136 6.93 -6.58 -32.74
N THR E 137 6.18 -5.90 -31.88
CA THR E 137 4.88 -5.36 -32.24
C THR E 137 4.76 -3.86 -32.09
N GLN E 138 5.80 -3.17 -31.62
CA GLN E 138 5.74 -1.73 -31.33
C GLN E 138 4.61 -1.41 -30.36
N LYS E 139 4.31 -2.33 -29.45
CA LYS E 139 3.31 -2.12 -28.42
C LYS E 139 3.87 -2.58 -27.08
N ALA E 140 3.35 -1.99 -26.01
CA ALA E 140 3.77 -2.31 -24.65
C ALA E 140 2.53 -2.63 -23.82
N THR E 141 2.55 -3.80 -23.16
CA THR E 141 1.44 -4.27 -22.36
C THR E 141 1.90 -4.37 -20.90
N LEU E 142 1.23 -3.61 -20.03
CA LEU E 142 1.46 -3.65 -18.59
C LEU E 142 0.49 -4.62 -17.95
N VAL E 143 0.98 -5.35 -16.95
CA VAL E 143 0.18 -6.37 -16.28
C VAL E 143 0.13 -6.00 -14.80
N CYS E 144 -1.09 -5.95 -14.27
CA CYS E 144 -1.36 -5.75 -12.85
C CYS E 144 -1.80 -7.07 -12.22
N LEU E 145 -1.38 -7.30 -10.97
CA LEU E 145 -1.66 -8.56 -10.29
C LEU E 145 -2.05 -8.25 -8.86
N ALA E 146 -3.24 -8.70 -8.48
CA ALA E 146 -3.74 -8.60 -7.11
C ALA E 146 -3.88 -10.01 -6.55
N THR E 147 -3.26 -10.26 -5.41
CA THR E 147 -3.23 -11.61 -4.86
C THR E 147 -3.61 -11.58 -3.38
N GLY E 148 -4.04 -12.74 -2.91
CA GLY E 148 -4.17 -12.99 -1.49
C GLY E 148 -5.27 -12.22 -0.80
N PHE E 149 -6.41 -12.05 -1.47
CA PHE E 149 -7.53 -11.31 -0.90
C PHE E 149 -8.70 -12.25 -0.74
N PHE E 150 -9.57 -11.90 0.21
CA PHE E 150 -10.79 -12.61 0.56
C PHE E 150 -11.79 -11.65 1.20
N PRO E 151 -13.04 -11.61 0.71
CA PRO E 151 -13.59 -12.40 -0.40
C PRO E 151 -13.15 -11.92 -1.81
N ASP E 152 -13.70 -12.52 -2.86
CA ASP E 152 -13.36 -12.20 -4.24
C ASP E 152 -14.08 -10.93 -4.77
N HIS E 153 -14.60 -10.08 -3.88
CA HIS E 153 -15.35 -8.90 -4.30
C HIS E 153 -14.36 -7.74 -4.40
N VAL E 154 -13.72 -7.61 -5.58
CA VAL E 154 -12.80 -6.52 -5.87
C VAL E 154 -13.07 -5.94 -7.25
N GLU E 155 -12.81 -4.64 -7.40
CA GLU E 155 -12.92 -3.93 -8.68
C GLU E 155 -11.59 -3.25 -9.01
N LEU E 156 -11.04 -3.60 -10.17
CA LEU E 156 -9.73 -3.19 -10.63
C LEU E 156 -9.85 -2.11 -11.70
N SER E 157 -8.98 -1.10 -11.66
CA SER E 157 -9.03 -0.02 -12.63
C SER E 157 -7.62 0.48 -12.90
N TRP E 158 -7.41 1.06 -14.07
CA TRP E 158 -6.13 1.59 -14.50
C TRP E 158 -6.18 3.12 -14.58
N TRP E 159 -5.06 3.75 -14.22
CA TRP E 159 -4.96 5.20 -14.17
C TRP E 159 -3.66 5.62 -14.84
N VAL E 160 -3.77 6.47 -15.85
CA VAL E 160 -2.62 6.94 -16.62
C VAL E 160 -2.58 8.45 -16.41
N ASN E 161 -1.51 8.91 -15.77
CA ASN E 161 -1.32 10.33 -15.53
C ASN E 161 -2.49 10.89 -14.73
N GLY E 162 -2.96 10.11 -13.76
CA GLY E 162 -3.99 10.59 -12.87
C GLY E 162 -5.42 10.53 -13.36
N LYS E 163 -5.68 10.05 -14.59
CA LYS E 163 -7.04 9.95 -15.13
C LYS E 163 -7.34 8.52 -15.55
N GLU E 164 -8.55 8.06 -15.28
CA GLU E 164 -8.86 6.65 -15.54
C GLU E 164 -8.85 6.37 -17.05
N VAL E 165 -8.21 5.25 -17.46
CA VAL E 165 -8.25 4.86 -18.86
C VAL E 165 -9.04 3.57 -19.03
N HIS E 166 -9.46 3.32 -20.28
CA HIS E 166 -10.24 2.14 -20.64
C HIS E 166 -9.77 1.48 -21.91
N SER E 167 -9.44 2.27 -22.94
CA SER E 167 -8.86 1.72 -24.15
C SER E 167 -7.55 1.01 -23.82
N GLY E 168 -7.42 -0.23 -24.26
CA GLY E 168 -6.25 -1.01 -23.97
C GLY E 168 -6.34 -1.86 -22.73
N VAL E 169 -7.40 -1.72 -21.95
CA VAL E 169 -7.56 -2.48 -20.71
C VAL E 169 -8.31 -3.76 -21.01
N CYS E 170 -7.89 -4.85 -20.36
CA CYS E 170 -8.49 -6.16 -20.57
C CYS E 170 -8.31 -6.95 -19.27
N THR E 171 -9.40 -7.13 -18.53
CA THR E 171 -9.36 -7.77 -17.23
C THR E 171 -9.93 -9.18 -17.27
N ASP E 172 -9.49 -10.00 -16.31
CA ASP E 172 -9.97 -11.36 -16.19
C ASP E 172 -11.47 -11.37 -15.92
N PRO E 173 -12.18 -12.39 -16.42
CA PRO E 173 -13.63 -12.44 -16.18
C PRO E 173 -13.98 -12.57 -14.71
N GLN E 174 -13.24 -13.38 -13.97
CA GLN E 174 -13.47 -13.54 -12.55
C GLN E 174 -12.15 -13.93 -11.89
N PRO E 175 -12.01 -13.69 -10.60
CA PRO E 175 -10.77 -14.09 -9.92
C PRO E 175 -10.64 -15.60 -9.84
N LEU E 176 -9.40 -16.07 -9.76
CA LEU E 176 -9.14 -17.50 -9.60
C LEU E 176 -8.74 -17.81 -8.16
N LYS E 177 -9.02 -19.05 -7.75
CA LYS E 177 -8.76 -19.46 -6.37
C LYS E 177 -7.31 -19.92 -6.26
N GLU E 178 -6.59 -19.34 -5.32
CA GLU E 178 -5.21 -19.73 -5.09
C GLU E 178 -5.12 -21.18 -4.59
N GLN E 179 -6.02 -21.57 -3.68
CA GLN E 179 -6.11 -22.93 -3.16
C GLN E 179 -7.46 -23.50 -3.58
N PRO E 180 -7.59 -24.00 -4.81
CA PRO E 180 -8.91 -24.39 -5.32
C PRO E 180 -9.52 -25.61 -4.62
N ALA E 181 -8.88 -26.13 -3.58
CA ALA E 181 -9.44 -27.26 -2.85
C ALA E 181 -10.20 -26.86 -1.59
N LEU E 182 -9.99 -25.65 -1.09
CA LEU E 182 -10.55 -25.21 0.19
C LEU E 182 -11.73 -24.27 -0.01
N ASN E 183 -12.61 -24.24 0.98
CA ASN E 183 -13.77 -23.37 1.00
C ASN E 183 -13.46 -22.00 1.63
N ASP E 184 -12.21 -21.74 1.99
CA ASP E 184 -11.79 -20.46 2.51
C ASP E 184 -10.60 -19.93 1.73
N SER E 185 -10.50 -20.30 0.45
CA SER E 185 -9.35 -19.93 -0.36
C SER E 185 -9.34 -18.45 -0.67
N ARG E 186 -8.16 -17.84 -0.60
CA ARG E 186 -7.99 -16.46 -1.04
C ARG E 186 -7.83 -16.41 -2.56
N TYR E 187 -8.22 -15.29 -3.14
CA TYR E 187 -8.36 -15.20 -4.57
C TYR E 187 -7.29 -14.31 -5.16
N ALA E 188 -7.15 -14.37 -6.48
CA ALA E 188 -6.20 -13.54 -7.20
C ALA E 188 -6.86 -13.05 -8.48
N LEU E 189 -6.46 -11.87 -8.94
CA LEU E 189 -7.04 -11.27 -10.13
C LEU E 189 -5.96 -10.49 -10.87
N SER E 190 -5.99 -10.53 -12.20
CA SER E 190 -5.03 -9.77 -13.01
C SER E 190 -5.75 -8.96 -14.09
N SER E 191 -5.00 -8.03 -14.69
CA SER E 191 -5.51 -7.19 -15.76
C SER E 191 -4.34 -6.73 -16.62
N ARG E 192 -4.63 -6.40 -17.88
CA ARG E 192 -3.61 -5.99 -18.85
C ARG E 192 -3.92 -4.59 -19.35
N LEU E 193 -2.90 -3.74 -19.42
CA LEU E 193 -3.05 -2.43 -20.04
C LEU E 193 -2.02 -2.36 -21.16
N ARG E 194 -2.50 -2.15 -22.39
CA ARG E 194 -1.65 -2.12 -23.57
C ARG E 194 -1.66 -0.71 -24.17
N VAL E 195 -0.47 -0.18 -24.42
CA VAL E 195 -0.29 1.13 -25.03
C VAL E 195 0.67 1.00 -26.20
N SER E 196 1.01 2.14 -26.80
CA SER E 196 2.02 2.15 -27.85
C SER E 196 3.41 2.10 -27.23
N ALA E 197 4.37 1.61 -28.03
CA ALA E 197 5.75 1.54 -27.57
C ALA E 197 6.26 2.93 -27.18
N THR E 198 6.00 3.94 -28.02
CA THR E 198 6.51 5.27 -27.71
C THR E 198 5.83 5.84 -26.46
N PHE E 199 4.57 5.48 -26.22
CA PHE E 199 3.89 6.00 -25.03
C PHE E 199 4.53 5.45 -23.76
N TRP E 200 4.90 4.17 -23.77
CA TRP E 200 5.56 3.59 -22.60
C TRP E 200 6.99 4.10 -22.46
N GLN E 201 7.65 4.39 -23.58
CA GLN E 201 9.03 4.84 -23.57
C GLN E 201 9.16 6.30 -23.17
N ASN E 202 8.07 6.94 -22.73
CA ASN E 202 8.09 8.32 -22.26
C ASN E 202 8.23 8.30 -20.76
N PRO E 203 9.33 8.79 -20.19
CA PRO E 203 9.48 8.76 -18.74
C PRO E 203 8.56 9.71 -18.03
N ARG E 204 7.81 10.54 -18.75
CA ARG E 204 6.87 11.45 -18.13
C ARG E 204 5.48 10.85 -17.92
N ASN E 205 5.24 9.62 -18.40
CA ASN E 205 3.92 9.00 -18.32
C ASN E 205 3.84 8.13 -17.09
N HIS E 206 2.81 8.35 -16.28
CA HIS E 206 2.65 7.68 -15.00
C HIS E 206 1.51 6.67 -15.13
N PHE E 207 1.76 5.43 -14.69
CA PHE E 207 0.78 4.34 -14.75
C PHE E 207 0.52 3.87 -13.33
N ARG E 208 -0.78 3.72 -12.99
CA ARG E 208 -1.23 3.31 -11.68
C ARG E 208 -2.37 2.31 -11.81
N CYS E 209 -2.27 1.22 -11.06
CA CYS E 209 -3.25 0.16 -11.01
C CYS E 209 -3.95 0.26 -9.66
N GLN E 210 -5.27 0.50 -9.69
CA GLN E 210 -6.07 0.66 -8.48
C GLN E 210 -7.01 -0.53 -8.32
N VAL E 211 -7.06 -1.08 -7.12
CA VAL E 211 -7.90 -2.23 -6.82
C VAL E 211 -8.79 -1.87 -5.65
N GLN E 212 -10.09 -1.73 -5.91
CA GLN E 212 -11.05 -1.47 -4.84
C GLN E 212 -11.39 -2.80 -4.17
N PHE E 213 -11.20 -2.87 -2.87
CA PHE E 213 -11.48 -4.07 -2.08
C PHE E 213 -12.71 -3.79 -1.22
N TYR E 214 -13.57 -4.79 -1.09
CA TYR E 214 -14.74 -4.70 -0.22
C TYR E 214 -14.53 -5.71 0.89
N GLY E 215 -14.44 -5.22 2.13
CA GLY E 215 -14.24 -6.06 3.29
C GLY E 215 -15.07 -5.61 4.47
N LEU E 216 -14.47 -5.48 5.64
CA LEU E 216 -15.24 -5.18 6.83
C LEU E 216 -15.60 -3.70 6.89
N SER E 217 -16.52 -3.39 7.77
CA SER E 217 -16.93 -2.03 8.04
C SER E 217 -16.54 -1.67 9.46
N GLU E 218 -16.89 -0.46 9.89
CA GLU E 218 -16.69 -0.10 11.28
C GLU E 218 -17.70 -0.86 12.14
N ASN E 219 -17.56 -0.69 13.46
CA ASN E 219 -18.42 -1.38 14.42
C ASN E 219 -18.31 -2.89 14.29
N ASP E 220 -17.17 -3.38 13.81
CA ASP E 220 -16.86 -4.80 13.74
C ASP E 220 -15.70 -5.08 14.68
N GLU E 221 -15.96 -5.86 15.73
CA GLU E 221 -14.91 -6.18 16.70
C GLU E 221 -13.76 -6.88 15.99
N TRP E 222 -12.56 -6.32 16.14
CA TRP E 222 -11.34 -6.86 15.52
C TRP E 222 -10.26 -6.97 16.59
N THR E 223 -9.81 -8.20 16.85
CA THR E 223 -8.81 -8.49 17.88
C THR E 223 -7.69 -9.36 17.33
N GLN E 224 -7.16 -9.00 16.17
CA GLN E 224 -6.07 -9.70 15.53
C GLN E 224 -4.84 -8.80 15.46
N ASP E 225 -3.67 -9.42 15.28
CA ASP E 225 -2.44 -8.65 15.20
C ASP E 225 -2.40 -7.79 13.94
N ARG E 226 -2.87 -8.32 12.82
CA ARG E 226 -2.87 -7.57 11.57
C ARG E 226 -3.86 -6.40 11.64
N ALA E 227 -3.81 -5.57 10.62
CA ALA E 227 -4.74 -4.45 10.52
C ALA E 227 -6.12 -4.94 10.11
N LYS E 228 -7.15 -4.22 10.58
CA LYS E 228 -8.53 -4.59 10.28
C LYS E 228 -8.80 -4.47 8.78
N PRO E 229 -9.23 -5.55 8.12
CA PRO E 229 -9.39 -5.52 6.64
C PRO E 229 -10.67 -4.81 6.21
N VAL E 230 -10.66 -3.47 6.34
CA VAL E 230 -11.83 -2.67 6.01
C VAL E 230 -11.89 -2.49 4.51
N THR E 231 -13.01 -2.01 4.01
CA THR E 231 -13.12 -1.66 2.61
C THR E 231 -12.16 -0.53 2.30
N GLN E 232 -11.24 -0.78 1.39
CA GLN E 232 -10.15 0.16 1.10
C GLN E 232 -9.77 0.03 -0.36
N ILE E 233 -8.74 0.78 -0.76
CA ILE E 233 -8.15 0.70 -2.09
C ILE E 233 -6.67 0.47 -1.93
N VAL E 234 -6.14 -0.52 -2.65
CA VAL E 234 -4.72 -0.80 -2.69
C VAL E 234 -4.25 -0.59 -4.12
N SER E 235 -3.06 -0.01 -4.26
CA SER E 235 -2.56 0.48 -5.53
C SER E 235 -1.11 0.09 -5.73
N ALA E 236 -0.72 0.01 -7.01
CA ALA E 236 0.66 -0.20 -7.42
C ALA E 236 0.88 0.62 -8.68
N GLU E 237 2.04 1.26 -8.79
CA GLU E 237 2.29 2.19 -9.88
C GLU E 237 3.65 1.91 -10.49
N ALA E 238 3.85 2.49 -11.68
CA ALA E 238 5.11 2.36 -12.41
C ALA E 238 5.24 3.54 -13.36
N TRP E 239 6.48 3.90 -13.68
CA TRP E 239 6.78 5.00 -14.57
C TRP E 239 7.38 4.47 -15.86
N GLY E 240 7.15 5.19 -16.95
CA GLY E 240 7.72 4.79 -18.22
C GLY E 240 9.23 4.91 -18.22
N ARG E 241 9.87 4.08 -19.06
CA ARG E 241 11.33 3.97 -19.17
C ARG E 241 11.73 4.23 -20.62
N ALA E 242 12.60 5.21 -20.83
CA ALA E 242 13.03 5.52 -22.19
C ALA E 242 13.83 4.39 -22.81
N ASP E 243 14.52 3.59 -22.00
CA ASP E 243 15.32 2.49 -22.51
C ASP E 243 15.22 1.27 -21.60
N GLU F 3 73.97 28.88 9.71
CA GLU F 3 73.46 27.64 10.30
C GLU F 3 73.73 27.60 11.80
N GLU F 4 72.71 27.21 12.56
CA GLU F 4 72.83 27.04 14.01
C GLU F 4 72.54 25.62 14.46
N HIS F 5 71.51 24.98 13.92
CA HIS F 5 71.15 23.61 14.26
C HIS F 5 70.44 22.96 13.08
N VAL F 6 70.51 21.64 13.03
CA VAL F 6 69.88 20.84 11.98
C VAL F 6 69.29 19.60 12.64
N ILE F 7 68.02 19.31 12.36
CA ILE F 7 67.36 18.12 12.88
C ILE F 7 66.95 17.29 11.67
N ILE F 8 67.32 16.01 11.66
CA ILE F 8 67.04 15.13 10.53
C ILE F 8 66.26 13.91 11.01
N GLN F 9 65.18 13.56 10.31
CA GLN F 9 64.47 12.31 10.53
C GLN F 9 64.94 11.36 9.44
N ALA F 10 65.70 10.35 9.81
CA ALA F 10 66.41 9.54 8.81
C ALA F 10 65.82 8.14 8.79
N GLU F 11 65.42 7.69 7.62
CA GLU F 11 64.87 6.34 7.44
C GLU F 11 65.70 5.58 6.41
N PHE F 12 65.71 4.26 6.51
CA PHE F 12 66.13 3.47 5.36
C PHE F 12 65.44 2.10 5.37
N TYR F 13 65.41 1.46 4.20
CA TYR F 13 64.88 0.11 4.06
C TYR F 13 65.77 -0.67 3.09
N LEU F 14 66.22 -1.86 3.52
CA LEU F 14 67.20 -2.63 2.77
C LEU F 14 66.64 -3.98 2.35
N ASN F 15 66.52 -4.19 1.02
CA ASN F 15 66.21 -5.52 0.50
C ASN F 15 67.47 -6.21 -0.01
N PRO F 16 67.52 -7.55 0.07
CA PRO F 16 66.46 -8.44 0.54
C PRO F 16 66.53 -8.77 2.03
N ASP F 17 67.37 -8.06 2.78
CA ASP F 17 67.50 -8.32 4.21
C ASP F 17 66.22 -8.04 4.98
N GLN F 18 65.33 -7.22 4.42
CA GLN F 18 64.10 -6.79 5.08
C GLN F 18 64.38 -6.08 6.40
N SER F 19 65.43 -5.28 6.45
CA SER F 19 65.73 -4.52 7.65
C SER F 19 65.40 -3.05 7.43
N GLY F 20 64.76 -2.45 8.42
CA GLY F 20 64.45 -1.05 8.33
C GLY F 20 64.96 -0.28 9.53
N GLU F 21 65.13 1.02 9.38
CA GLU F 21 65.56 1.81 10.50
C GLU F 21 64.89 3.18 10.47
N PHE F 22 64.69 3.73 11.67
CA PHE F 22 64.07 5.05 11.84
C PHE F 22 64.74 5.75 13.02
N MET F 23 65.32 6.92 12.79
CA MET F 23 65.94 7.65 13.88
C MET F 23 65.85 9.15 13.66
N PHE F 24 66.02 9.91 14.76
CA PHE F 24 66.12 11.37 14.72
C PHE F 24 67.55 11.77 15.05
N ASP F 25 68.06 12.76 14.31
CA ASP F 25 69.42 13.24 14.46
C ASP F 25 69.38 14.72 14.83
N PHE F 26 70.23 15.10 15.78
CA PHE F 26 70.45 16.49 16.13
C PHE F 26 71.96 16.75 16.04
N ASP F 27 72.37 17.57 15.07
CA ASP F 27 73.73 18.09 15.03
C ASP F 27 74.78 16.98 15.05
N GLY F 28 74.45 15.82 14.50
CA GLY F 28 75.35 14.69 14.43
C GLY F 28 75.11 13.61 15.46
N ASP F 29 74.21 13.83 16.39
CA ASP F 29 73.93 12.88 17.46
C ASP F 29 72.50 12.38 17.37
N GLU F 30 72.28 11.19 17.93
CA GLU F 30 71.01 10.52 17.85
C GLU F 30 70.14 10.85 19.07
N ILE F 31 68.95 11.40 18.82
CA ILE F 31 67.96 11.60 19.88
C ILE F 31 67.33 10.27 20.28
N PHE F 32 66.88 9.49 19.28
CA PHE F 32 66.24 8.21 19.55
C PHE F 32 66.10 7.47 18.24
N HIS F 33 65.78 6.19 18.35
CA HIS F 33 65.41 5.36 17.22
C HIS F 33 64.27 4.46 17.65
N VAL F 34 63.65 3.82 16.67
CA VAL F 34 62.55 2.90 16.92
C VAL F 34 63.04 1.47 16.73
N ASP F 35 62.92 0.67 17.79
CA ASP F 35 63.13 -0.77 17.71
C ASP F 35 62.01 -1.39 16.88
N MET F 36 62.35 -1.79 15.66
CA MET F 36 61.34 -2.35 14.76
C MET F 36 60.74 -3.63 15.34
N ALA F 37 61.53 -4.44 16.04
CA ALA F 37 61.03 -5.72 16.50
C ALA F 37 60.10 -5.57 17.70
N LYS F 38 60.46 -4.72 18.66
CA LYS F 38 59.66 -4.53 19.85
C LYS F 38 58.62 -3.42 19.70
N LYS F 39 58.67 -2.65 18.61
CA LYS F 39 57.77 -1.54 18.37
C LYS F 39 57.81 -0.55 19.53
N GLU F 40 59.02 -0.13 19.88
CA GLU F 40 59.25 0.72 21.03
C GLU F 40 60.20 1.85 20.67
N THR F 41 60.08 2.95 21.38
CA THR F 41 60.98 4.09 21.25
C THR F 41 62.17 3.89 22.17
N VAL F 42 63.38 4.03 21.64
CA VAL F 42 64.60 3.81 22.41
C VAL F 42 65.37 5.13 22.42
N TRP F 43 65.51 5.72 23.61
CA TRP F 43 66.18 7.01 23.72
C TRP F 43 67.68 6.81 23.84
N ARG F 44 68.44 7.65 23.12
CA ARG F 44 69.88 7.49 23.15
C ARG F 44 70.43 7.67 24.56
N LEU F 45 70.01 8.75 25.24
CA LEU F 45 70.26 8.97 26.66
C LEU F 45 68.95 8.84 27.43
N GLU F 46 68.97 8.12 28.56
CA GLU F 46 67.72 7.76 29.22
C GLU F 46 66.97 9.01 29.66
N GLU F 47 67.70 10.08 29.96
CA GLU F 47 67.07 11.34 30.36
C GLU F 47 66.11 11.85 29.31
N PHE F 48 66.37 11.59 28.03
CA PHE F 48 65.46 12.10 27.00
C PHE F 48 64.06 11.55 27.18
N GLY F 49 63.94 10.31 27.66
CA GLY F 49 62.65 9.68 27.85
C GLY F 49 61.84 10.23 29.01
N ARG F 50 62.42 11.13 29.78
CA ARG F 50 61.70 11.77 30.85
C ARG F 50 61.14 13.12 30.46
N PHE F 51 61.52 13.63 29.29
CA PHE F 51 61.11 14.96 28.88
C PHE F 51 60.31 14.96 27.58
N ALA F 52 60.30 13.84 26.87
CA ALA F 52 59.70 13.77 25.55
C ALA F 52 59.23 12.35 25.33
N SER F 53 58.25 12.22 24.44
CA SER F 53 57.74 10.91 24.07
C SER F 53 57.56 10.88 22.56
N PHE F 54 57.20 9.71 22.04
CA PHE F 54 57.01 9.57 20.60
C PHE F 54 56.07 8.41 20.35
N GLU F 55 55.14 8.56 19.40
CA GLU F 55 54.32 7.43 18.99
C GLU F 55 55.08 6.57 17.97
N ALA F 56 55.54 5.39 18.37
CA ALA F 56 56.37 4.62 17.44
C ALA F 56 55.62 4.19 16.18
N GLN F 57 54.29 4.06 16.24
CA GLN F 57 53.56 3.53 15.07
C GLN F 57 53.78 4.38 13.82
N GLY F 58 53.97 5.69 13.98
CA GLY F 58 54.30 6.51 12.82
C GLY F 58 55.63 6.16 12.19
N ALA F 59 56.56 5.63 12.97
CA ALA F 59 57.79 5.16 12.34
C ALA F 59 57.52 3.89 11.53
N LEU F 60 56.77 2.95 12.11
CA LEU F 60 56.48 1.70 11.43
C LEU F 60 55.71 1.96 10.13
N ALA F 61 54.78 2.92 10.17
CA ALA F 61 54.07 3.33 8.97
C ALA F 61 55.03 3.81 7.88
N ASN F 62 56.00 4.68 8.23
CA ASN F 62 56.94 5.17 7.22
C ASN F 62 57.83 4.04 6.67
N ILE F 63 58.18 3.08 7.52
CA ILE F 63 59.01 1.97 7.07
C ILE F 63 58.24 1.10 6.07
N ALA F 64 56.97 0.85 6.34
CA ALA F 64 56.13 0.06 5.44
C ALA F 64 56.02 0.72 4.07
N VAL F 65 55.91 2.05 4.04
CA VAL F 65 55.86 2.82 2.80
C VAL F 65 57.22 2.85 2.12
N ASP F 66 58.30 2.93 2.91
CA ASP F 66 59.64 2.87 2.33
C ASP F 66 59.88 1.53 1.64
N LYS F 67 59.46 0.42 2.28
CA LYS F 67 59.63 -0.89 1.66
C LYS F 67 58.81 -1.01 0.38
N ALA F 68 57.60 -0.46 0.34
CA ALA F 68 56.84 -0.47 -0.91
C ALA F 68 57.48 0.45 -1.94
N ASN F 69 57.88 1.65 -1.53
CA ASN F 69 58.58 2.54 -2.46
C ASN F 69 59.85 1.87 -3.00
N LEU F 70 60.55 1.09 -2.16
CA LEU F 70 61.80 0.52 -2.63
C LEU F 70 61.57 -0.52 -3.72
N GLU F 71 60.60 -1.41 -3.54
CA GLU F 71 60.21 -2.35 -4.59
C GLU F 71 59.98 -1.65 -5.93
N ILE F 72 59.27 -0.51 -5.93
CA ILE F 72 59.01 0.15 -7.20
C ILE F 72 60.31 0.77 -7.74
N MET F 73 61.19 1.21 -6.86
CA MET F 73 62.41 1.89 -7.30
C MET F 73 63.44 0.91 -7.85
N THR F 74 63.54 -0.27 -7.26
CA THR F 74 64.48 -1.25 -7.81
C THR F 74 64.06 -1.63 -9.22
N LYS F 75 62.77 -1.81 -9.45
CA LYS F 75 62.33 -2.21 -10.79
C LYS F 75 62.51 -1.08 -11.79
N ARG F 76 62.30 0.16 -11.34
CA ARG F 76 62.49 1.28 -12.24
C ARG F 76 63.97 1.46 -12.62
N SER F 77 64.89 1.12 -11.71
CA SER F 77 66.31 1.23 -12.02
C SER F 77 66.85 0.06 -12.81
N ASN F 78 65.97 -0.81 -13.34
CA ASN F 78 66.36 -2.02 -14.05
C ASN F 78 67.19 -2.93 -13.13
N TYR F 79 66.79 -3.02 -11.86
CA TYR F 79 67.43 -3.86 -10.85
C TYR F 79 68.90 -3.54 -10.62
N THR F 80 69.25 -2.26 -10.71
CA THR F 80 70.61 -1.81 -10.39
C THR F 80 70.89 -1.92 -8.90
N PRO F 81 71.83 -2.77 -8.48
CA PRO F 81 72.09 -2.94 -7.05
C PRO F 81 73.01 -1.85 -6.52
N ILE F 82 73.11 -1.79 -5.19
CA ILE F 82 74.07 -0.90 -4.54
C ILE F 82 75.48 -1.45 -4.68
N THR F 83 76.46 -0.56 -4.87
CA THR F 83 77.85 -0.98 -4.81
C THR F 83 78.34 -0.81 -3.38
N ASN F 84 79.04 -1.83 -2.87
CA ASN F 84 79.56 -1.82 -1.50
C ASN F 84 80.66 -0.78 -1.35
N VAL F 85 80.65 -0.09 -0.21
CA VAL F 85 81.71 0.83 0.17
C VAL F 85 82.26 0.37 1.51
N PRO F 86 83.48 -0.16 1.55
CA PRO F 86 84.01 -0.72 2.80
C PRO F 86 84.20 0.36 3.84
N PRO F 87 84.06 0.03 5.12
CA PRO F 87 84.22 1.02 6.21
C PRO F 87 85.67 1.27 6.60
N GLU F 88 85.88 2.50 7.10
CA GLU F 88 87.05 2.88 7.87
C GLU F 88 86.77 2.64 9.36
N VAL F 89 87.70 1.98 10.04
CA VAL F 89 87.52 1.61 11.44
C VAL F 89 88.67 2.21 12.26
N THR F 90 88.32 2.88 13.35
CA THR F 90 89.26 3.49 14.27
C THR F 90 88.86 3.09 15.67
N VAL F 91 89.86 2.78 16.50
CA VAL F 91 89.62 2.50 17.91
C VAL F 91 90.27 3.59 18.75
N LEU F 92 89.51 4.15 19.68
CA LEU F 92 89.93 5.25 20.55
C LEU F 92 89.43 4.99 21.96
N THR F 93 90.01 5.69 22.93
CA THR F 93 89.36 5.78 24.23
C THR F 93 88.61 7.09 24.30
N ASN F 94 87.78 7.23 25.32
CA ASN F 94 87.04 8.46 25.56
C ASN F 94 87.71 9.35 26.60
N SER F 95 88.76 8.87 27.26
CA SER F 95 89.52 9.68 28.20
C SER F 95 90.96 9.17 28.24
N PRO F 96 91.92 10.02 28.61
CA PRO F 96 93.31 9.56 28.71
C PRO F 96 93.47 8.36 29.65
N VAL F 97 94.34 7.44 29.24
CA VAL F 97 94.43 6.11 29.83
C VAL F 97 95.40 6.13 31.01
N GLU F 98 95.04 5.40 32.06
CA GLU F 98 95.81 5.28 33.29
C GLU F 98 95.59 3.88 33.84
N LEU F 99 96.66 3.28 34.33
CA LEU F 99 96.61 1.91 34.82
C LEU F 99 95.66 1.80 36.01
N ARG F 100 94.80 0.78 35.98
CA ARG F 100 93.81 0.44 36.99
C ARG F 100 92.71 1.51 37.19
N GLU F 101 92.61 2.57 36.30
CA GLU F 101 91.47 3.49 36.38
C GLU F 101 90.46 3.20 35.25
N PRO F 102 89.19 2.93 35.58
CA PRO F 102 88.23 2.52 34.56
C PRO F 102 88.16 3.50 33.41
N ASN F 103 87.95 2.97 32.20
CA ASN F 103 87.93 3.73 30.96
C ASN F 103 86.95 3.06 30.00
N VAL F 104 86.87 3.59 28.77
CA VAL F 104 85.95 3.05 27.77
C VAL F 104 86.64 3.01 26.42
N LEU F 105 86.64 1.83 25.80
CA LEU F 105 87.09 1.69 24.42
C LEU F 105 85.94 1.96 23.46
N ILE F 106 86.25 2.73 22.41
CA ILE F 106 85.30 3.16 21.40
C ILE F 106 85.78 2.63 20.04
N CYS F 107 84.93 1.92 19.34
CA CYS F 107 85.23 1.45 18.00
C CYS F 107 84.34 2.23 17.05
N PHE F 108 84.95 3.06 16.22
CA PHE F 108 84.19 3.93 15.32
C PHE F 108 84.23 3.31 13.92
N ILE F 109 83.06 2.84 13.43
CA ILE F 109 82.93 2.29 12.07
C ILE F 109 82.33 3.38 11.20
N ASP F 110 83.00 3.72 10.09
CA ASP F 110 82.66 4.97 9.40
C ASP F 110 82.74 4.80 7.90
N LYS F 111 81.88 5.56 7.22
CA LYS F 111 81.93 5.76 5.78
C LYS F 111 81.75 4.45 5.02
N PHE F 112 80.56 3.84 5.18
CA PHE F 112 80.30 2.54 4.59
C PHE F 112 78.83 2.42 4.19
N THR F 113 78.55 1.43 3.34
CA THR F 113 77.20 1.07 2.94
C THR F 113 77.30 -0.25 2.18
N PRO F 114 76.25 -1.10 2.21
CA PRO F 114 74.98 -0.96 2.93
C PRO F 114 75.12 -1.03 4.45
N PRO F 115 74.11 -0.49 5.18
CA PRO F 115 74.11 -0.62 6.64
C PRO F 115 73.95 -2.06 7.14
N VAL F 116 74.95 -2.91 6.91
CA VAL F 116 75.03 -4.22 7.56
C VAL F 116 76.47 -4.43 7.98
N VAL F 117 76.71 -4.86 9.23
CA VAL F 117 78.08 -5.10 9.72
C VAL F 117 78.05 -6.18 10.79
N ASN F 118 79.18 -6.83 10.98
CA ASN F 118 79.39 -7.66 12.16
C ASN F 118 80.53 -7.06 12.96
N VAL F 119 80.23 -6.59 14.17
CA VAL F 119 81.24 -6.02 15.05
C VAL F 119 81.42 -6.89 16.29
N THR F 120 82.65 -7.17 16.64
CA THR F 120 82.98 -8.11 17.72
C THR F 120 84.13 -7.52 18.50
N TRP F 121 83.99 -7.48 19.82
CA TRP F 121 85.11 -7.11 20.68
C TRP F 121 85.88 -8.38 21.09
N LEU F 122 87.21 -8.33 20.94
CA LEU F 122 88.13 -9.41 21.29
C LEU F 122 89.10 -8.94 22.36
N ARG F 123 89.23 -9.72 23.43
CA ARG F 123 90.22 -9.50 24.47
C ARG F 123 91.15 -10.70 24.50
N ASN F 124 92.43 -10.47 24.20
CA ASN F 124 93.43 -11.52 24.18
C ASN F 124 93.04 -12.61 23.19
N GLY F 125 92.40 -12.19 22.10
CA GLY F 125 91.98 -13.09 21.06
C GLY F 125 90.65 -13.77 21.30
N LYS F 126 90.01 -13.56 22.48
CA LYS F 126 88.75 -14.23 22.77
C LYS F 126 87.57 -13.23 22.73
N PRO F 127 86.42 -13.63 22.19
CA PRO F 127 85.30 -12.70 22.12
C PRO F 127 84.83 -12.30 23.50
N VAL F 128 84.37 -11.07 23.62
CA VAL F 128 83.74 -10.61 24.85
C VAL F 128 82.36 -10.06 24.54
N THR F 129 81.43 -10.31 25.45
CA THR F 129 80.09 -9.79 25.31
C THR F 129 79.54 -9.08 26.53
N THR F 130 80.10 -9.30 27.72
CA THR F 130 79.59 -8.64 28.92
C THR F 130 79.91 -7.16 28.85
N GLY F 131 78.90 -6.29 28.98
CA GLY F 131 79.18 -4.86 29.12
C GLY F 131 79.31 -4.08 27.83
N VAL F 132 79.40 -4.75 26.69
CA VAL F 132 79.50 -4.04 25.42
C VAL F 132 78.16 -3.40 25.07
N SER F 133 78.23 -2.43 24.17
CA SER F 133 77.05 -1.69 23.74
C SER F 133 77.38 -1.10 22.38
N GLU F 134 76.34 -0.72 21.66
CA GLU F 134 76.52 -0.16 20.32
C GLU F 134 75.39 0.81 20.04
N THR F 135 75.53 1.55 18.95
CA THR F 135 74.46 2.37 18.41
C THR F 135 73.95 1.75 17.13
N VAL F 136 72.86 2.33 16.59
CA VAL F 136 72.32 1.95 15.27
C VAL F 136 73.09 2.66 14.16
N PHE F 137 72.66 2.44 12.91
CA PHE F 137 73.35 3.04 11.77
C PHE F 137 73.02 4.52 11.73
N LEU F 138 74.03 5.37 11.80
CA LEU F 138 73.85 6.82 11.85
C LEU F 138 74.07 7.44 10.48
N PRO F 139 73.21 8.34 10.03
CA PRO F 139 73.35 8.92 8.69
C PRO F 139 74.49 9.92 8.57
N ARG F 140 75.17 9.90 7.41
CA ARG F 140 76.21 10.86 7.03
C ARG F 140 75.71 11.81 5.94
N GLU F 141 76.34 12.98 5.85
CA GLU F 141 75.85 13.93 4.86
C GLU F 141 76.11 13.45 3.44
N ASP F 142 77.12 12.58 3.22
CA ASP F 142 77.31 11.94 1.92
C ASP F 142 76.44 10.71 1.73
N HIS F 143 75.53 10.43 2.65
CA HIS F 143 74.54 9.35 2.55
C HIS F 143 75.16 7.96 2.66
N LEU F 144 76.37 7.87 3.22
CA LEU F 144 76.85 6.62 3.79
C LEU F 144 76.45 6.54 5.27
N PHE F 145 76.93 5.53 5.98
CA PHE F 145 76.59 5.31 7.39
C PHE F 145 77.82 5.28 8.29
N ARG F 146 77.59 5.53 9.57
CA ARG F 146 78.61 5.34 10.60
C ARG F 146 77.98 4.62 11.79
N LYS F 147 78.83 4.18 12.72
CA LYS F 147 78.37 3.32 13.81
C LYS F 147 79.41 3.33 14.93
N PHE F 148 78.95 3.26 16.17
CA PHE F 148 79.86 3.20 17.31
C PHE F 148 79.62 1.96 18.15
N HIS F 149 80.72 1.35 18.60
CA HIS F 149 80.70 0.25 19.56
C HIS F 149 81.54 0.65 20.77
N TYR F 150 81.08 0.25 21.95
CA TYR F 150 81.69 0.64 23.20
C TYR F 150 81.98 -0.60 24.03
N LEU F 151 83.05 -0.50 24.87
CA LEU F 151 83.47 -1.57 25.78
C LEU F 151 84.20 -0.96 26.97
N PRO F 152 83.53 -0.85 28.12
CA PRO F 152 84.22 -0.36 29.32
C PRO F 152 85.21 -1.41 29.79
N PHE F 153 86.30 -0.94 30.38
CA PHE F 153 87.40 -1.85 30.65
C PHE F 153 88.33 -1.25 31.70
N LEU F 154 89.11 -2.14 32.30
CA LEU F 154 90.12 -1.75 33.25
C LEU F 154 91.50 -1.87 32.60
N PRO F 155 92.19 -0.77 32.33
CA PRO F 155 93.48 -0.83 31.66
C PRO F 155 94.49 -1.67 32.44
N SER F 156 95.27 -2.46 31.69
CA SER F 156 96.33 -3.25 32.26
C SER F 156 97.40 -3.43 31.19
N THR F 157 98.64 -3.73 31.65
CA THR F 157 99.74 -4.03 30.75
C THR F 157 99.58 -5.38 30.05
N GLU F 158 98.74 -6.29 30.55
CA GLU F 158 98.67 -7.65 30.03
C GLU F 158 97.51 -7.90 29.06
N ASP F 159 96.59 -6.96 28.88
CA ASP F 159 95.44 -7.17 28.03
C ASP F 159 95.67 -6.51 26.66
N VAL F 160 95.22 -7.18 25.60
CA VAL F 160 95.17 -6.61 24.26
C VAL F 160 93.75 -6.69 23.73
N TYR F 161 93.35 -5.67 22.95
CA TYR F 161 91.99 -5.56 22.46
C TYR F 161 91.97 -5.46 20.94
N ASP F 162 90.92 -6.03 20.35
CA ASP F 162 90.65 -5.90 18.92
C ASP F 162 89.18 -5.53 18.70
N CYS F 163 88.93 -4.69 17.68
CA CYS F 163 87.59 -4.46 17.13
C CYS F 163 87.55 -5.14 15.77
N ARG F 164 86.69 -6.16 15.62
CA ARG F 164 86.65 -7.01 14.42
C ARG F 164 85.39 -6.70 13.62
N VAL F 165 85.58 -6.15 12.41
CA VAL F 165 84.47 -5.69 11.58
C VAL F 165 84.37 -6.55 10.32
N GLU F 166 83.16 -7.01 10.00
CA GLU F 166 82.87 -7.75 8.78
C GLU F 166 81.90 -6.94 7.93
N HIS F 167 82.24 -6.81 6.65
CA HIS F 167 81.38 -6.06 5.75
C HIS F 167 81.59 -6.61 4.34
N TRP F 168 80.50 -6.59 3.55
CA TRP F 168 80.52 -7.16 2.20
C TRP F 168 81.46 -6.41 1.26
N GLY F 169 81.80 -5.16 1.57
CA GLY F 169 82.84 -4.46 0.84
C GLY F 169 84.27 -4.85 1.21
N LEU F 170 84.48 -5.58 2.31
CA LEU F 170 85.80 -6.03 2.72
C LEU F 170 86.06 -7.44 2.22
N ASP F 171 87.31 -7.73 1.88
CA ASP F 171 87.65 -9.09 1.44
C ASP F 171 87.88 -10.01 2.63
N GLU F 172 88.30 -9.47 3.75
CA GLU F 172 88.57 -10.26 4.93
C GLU F 172 88.24 -9.42 6.14
N PRO F 173 87.83 -10.03 7.24
CA PRO F 173 87.46 -9.27 8.42
C PRO F 173 88.55 -8.28 8.81
N LEU F 174 88.14 -7.07 9.12
CA LEU F 174 89.06 -6.00 9.50
C LEU F 174 89.31 -6.07 11.01
N LEU F 175 90.58 -6.09 11.39
CA LEU F 175 90.98 -6.10 12.79
C LEU F 175 91.74 -4.83 13.10
N LYS F 176 91.20 -4.02 14.01
CA LYS F 176 91.84 -2.80 14.51
C LYS F 176 92.27 -3.03 15.95
N HIS F 177 93.56 -2.78 16.23
CA HIS F 177 94.16 -3.17 17.48
C HIS F 177 94.24 -1.96 18.41
N TRP F 178 94.24 -2.24 19.71
CA TRP F 178 94.55 -1.23 20.71
C TRP F 178 95.26 -1.91 21.88
N GLU F 179 96.32 -1.28 22.39
CA GLU F 179 96.97 -1.71 23.63
C GLU F 179 97.44 -0.50 24.41
N PHE F 180 97.70 -0.71 25.70
CA PHE F 180 98.10 0.38 26.58
C PHE F 180 99.44 0.98 26.16
N ASP F 181 99.46 2.30 26.01
CA ASP F 181 100.69 3.05 25.71
C ASP F 181 101.39 2.51 24.48
N ASP G 2 76.90 -15.39 1.07
CA ASP G 2 75.80 -14.50 0.69
C ASP G 2 76.30 -13.37 -0.20
N THR G 3 76.16 -13.56 -1.52
CA THR G 3 76.51 -12.57 -2.52
C THR G 3 75.29 -12.04 -3.27
N ARG G 4 74.11 -12.14 -2.66
CA ARG G 4 72.92 -11.61 -3.30
C ARG G 4 73.02 -10.11 -3.38
N PRO G 5 72.45 -9.50 -4.41
CA PRO G 5 72.54 -8.05 -4.54
C PRO G 5 71.62 -7.35 -3.54
N ARG G 6 71.97 -6.11 -3.20
CA ARG G 6 71.24 -5.36 -2.20
C ARG G 6 70.69 -4.05 -2.79
N PHE G 7 69.53 -3.64 -2.27
CA PHE G 7 68.82 -2.46 -2.77
C PHE G 7 68.38 -1.61 -1.58
N LEU G 8 68.77 -0.35 -1.58
CA LEU G 8 68.64 0.51 -0.41
C LEU G 8 67.78 1.71 -0.74
N GLU G 9 66.72 1.89 0.04
CA GLU G 9 65.92 3.12 0.00
C GLU G 9 66.25 3.95 1.23
N GLN G 10 66.48 5.24 1.04
CA GLN G 10 66.73 6.18 2.14
C GLN G 10 65.78 7.37 2.04
N VAL G 11 65.35 7.87 3.21
CA VAL G 11 64.52 9.07 3.30
C VAL G 11 65.09 9.94 4.39
N LYS G 12 65.30 11.22 4.09
CA LYS G 12 65.78 12.16 5.09
C LYS G 12 64.89 13.39 5.10
N HIS G 13 64.19 13.64 6.23
CA HIS G 13 63.35 14.83 6.39
C HIS G 13 64.12 15.80 7.26
N GLU G 14 64.53 16.93 6.68
CA GLU G 14 65.60 17.75 7.26
C GLU G 14 65.06 19.12 7.62
N CYS G 15 65.34 19.56 8.84
CA CYS G 15 65.01 20.90 9.30
C CYS G 15 66.29 21.66 9.58
N HIS G 16 66.42 22.81 8.94
CA HIS G 16 67.55 23.69 9.11
C HIS G 16 67.09 24.97 9.80
N PHE G 17 67.69 25.26 10.94
CA PHE G 17 67.35 26.40 11.77
C PHE G 17 68.44 27.45 11.70
N PHE G 18 68.04 28.67 11.36
CA PHE G 18 68.95 29.80 11.40
C PHE G 18 68.45 30.81 12.43
N ASN G 19 69.35 31.27 13.30
CA ASN G 19 69.03 32.22 14.37
C ASN G 19 67.80 31.75 15.15
N GLY G 20 68.00 30.65 15.88
CA GLY G 20 66.91 30.00 16.58
C GLY G 20 65.91 29.40 15.61
N THR G 21 64.68 29.89 15.63
CA THR G 21 63.66 29.47 14.66
C THR G 21 63.16 30.64 13.83
N GLU G 22 63.99 31.67 13.66
CA GLU G 22 63.52 32.84 12.93
C GLU G 22 63.44 32.54 11.45
N ARG G 23 64.41 31.82 10.92
CA ARG G 23 64.40 31.36 9.56
C ARG G 23 64.54 29.85 9.58
N VAL G 24 63.69 29.14 8.85
CA VAL G 24 63.69 27.68 8.84
C VAL G 24 63.59 27.17 7.41
N ARG G 25 64.36 26.12 7.09
CA ARG G 25 64.30 25.51 5.77
C ARG G 25 64.05 24.01 5.94
N PHE G 26 63.03 23.52 5.25
CA PHE G 26 62.62 22.13 5.36
C PHE G 26 62.92 21.40 4.06
N LEU G 27 63.48 20.21 4.17
CA LEU G 27 63.80 19.38 3.00
C LEU G 27 63.24 17.98 3.20
N ASP G 28 62.43 17.54 2.25
CA ASP G 28 61.92 16.17 2.19
C ASP G 28 62.73 15.49 1.07
N ARG G 29 63.71 14.65 1.45
CA ARG G 29 64.71 14.08 0.54
C ARG G 29 64.59 12.57 0.43
N TYR G 30 64.58 12.05 -0.80
CA TYR G 30 64.40 10.62 -1.13
C TYR G 30 65.62 10.09 -1.91
N PHE G 31 66.16 8.95 -1.47
CA PHE G 31 67.44 8.45 -1.97
C PHE G 31 67.32 7.00 -2.39
N TYR G 32 67.89 6.68 -3.56
CA TYR G 32 68.03 5.31 -3.99
C TYR G 32 69.52 4.98 -3.93
N HIS G 33 69.88 4.02 -3.07
CA HIS G 33 71.28 3.76 -2.69
C HIS G 33 71.87 4.99 -2.04
N GLN G 34 72.73 5.72 -2.74
CA GLN G 34 73.24 6.98 -2.20
C GLN G 34 72.90 8.18 -3.09
N GLU G 35 72.02 8.03 -4.06
CA GLU G 35 71.73 9.11 -4.99
C GLU G 35 70.37 9.72 -4.65
N GLU G 36 70.37 11.01 -4.34
CA GLU G 36 69.12 11.71 -4.20
C GLU G 36 68.50 11.88 -5.59
N TYR G 37 67.25 11.44 -5.76
CA TYR G 37 66.56 11.58 -7.03
C TYR G 37 65.39 12.56 -6.99
N VAL G 38 64.77 12.81 -5.83
CA VAL G 38 63.67 13.76 -5.74
C VAL G 38 63.69 14.44 -4.36
N ARG G 39 63.38 15.73 -4.33
CA ARG G 39 63.35 16.44 -3.06
C ARG G 39 62.24 17.48 -3.07
N PHE G 40 61.73 17.80 -1.87
CA PHE G 40 60.88 18.94 -1.63
C PHE G 40 61.68 19.97 -0.83
N ASP G 41 61.80 21.18 -1.37
CA ASP G 41 62.44 22.31 -0.72
C ASP G 41 61.39 23.34 -0.30
N SER G 42 61.28 23.59 1.00
CA SER G 42 60.32 24.58 1.48
C SER G 42 60.52 25.94 0.79
N ASP G 43 61.74 26.23 0.34
CA ASP G 43 62.00 27.47 -0.38
C ASP G 43 61.50 27.42 -1.81
N VAL G 44 61.19 26.24 -2.32
CA VAL G 44 60.68 26.12 -3.69
C VAL G 44 59.18 25.92 -3.70
N GLY G 45 58.67 25.07 -2.79
CA GLY G 45 57.26 24.81 -2.63
C GLY G 45 56.70 23.63 -3.39
N GLU G 46 57.52 22.94 -4.18
CA GLU G 46 57.09 21.76 -4.92
C GLU G 46 58.15 20.69 -4.83
N TYR G 47 57.76 19.46 -5.15
CA TYR G 47 58.75 18.42 -5.41
C TYR G 47 59.41 18.66 -6.74
N ARG G 48 60.75 18.51 -6.78
CA ARG G 48 61.52 18.64 -8.00
C ARG G 48 62.41 17.42 -8.17
N ALA G 49 62.49 16.91 -9.39
CA ALA G 49 63.35 15.78 -9.65
C ALA G 49 64.82 16.22 -9.57
N VAL G 50 65.62 15.47 -8.80
CA VAL G 50 67.05 15.74 -8.77
C VAL G 50 67.76 15.06 -9.92
N THR G 51 67.40 13.80 -10.19
CA THR G 51 67.84 13.04 -11.36
C THR G 51 66.64 12.60 -12.15
N GLU G 52 66.89 12.03 -13.33
CA GLU G 52 65.78 11.57 -14.15
C GLU G 52 65.08 10.38 -13.52
N LEU G 53 65.68 9.77 -12.51
CA LEU G 53 65.06 8.61 -11.89
C LEU G 53 63.87 8.98 -11.03
N GLY G 54 63.79 10.23 -10.60
CA GLY G 54 62.76 10.71 -9.71
C GLY G 54 61.73 11.58 -10.38
N ARG G 55 61.83 11.78 -11.69
CA ARG G 55 60.83 12.58 -12.39
C ARG G 55 59.42 12.01 -12.30
N PRO G 56 59.20 10.68 -12.35
CA PRO G 56 57.85 10.17 -12.10
C PRO G 56 57.30 10.55 -10.73
N ASP G 57 58.15 10.55 -9.70
CA ASP G 57 57.64 10.82 -8.37
C ASP G 57 57.27 12.28 -8.20
N ALA G 58 58.06 13.18 -8.80
CA ALA G 58 57.78 14.60 -8.70
C ALA G 58 56.44 14.94 -9.34
N GLU G 59 56.18 14.40 -10.53
CA GLU G 59 54.97 14.81 -11.21
C GLU G 59 53.74 14.29 -10.49
N TYR G 60 53.84 13.16 -9.80
CA TYR G 60 52.66 12.58 -9.17
C TYR G 60 52.42 13.20 -7.80
N TRP G 61 53.49 13.39 -7.04
CA TRP G 61 53.34 14.02 -5.74
C TRP G 61 52.83 15.46 -5.85
N ASN G 62 53.34 16.23 -6.82
CA ASN G 62 52.81 17.58 -7.00
C ASN G 62 51.38 17.58 -7.47
N SER G 63 50.82 16.43 -7.80
CA SER G 63 49.40 16.40 -8.13
C SER G 63 48.54 16.12 -6.92
N GLN G 64 49.14 15.71 -5.80
CA GLN G 64 48.42 15.43 -4.56
C GLN G 64 48.41 16.70 -3.70
N LYS G 65 47.39 17.55 -3.89
CA LYS G 65 47.46 18.86 -3.24
C LYS G 65 47.42 18.74 -1.72
N ASP G 66 46.69 17.77 -1.18
CA ASP G 66 46.70 17.61 0.27
C ASP G 66 48.05 17.13 0.76
N LEU G 67 48.80 16.43 -0.08
CA LEU G 67 50.17 16.08 0.30
C LEU G 67 51.06 17.31 0.31
N LEU G 68 50.94 18.17 -0.71
CA LEU G 68 51.69 19.42 -0.69
C LEU G 68 51.37 20.27 0.52
N GLU G 69 50.09 20.32 0.93
CA GLU G 69 49.71 21.22 2.02
C GLU G 69 50.41 20.85 3.31
N GLN G 70 50.59 19.56 3.56
CA GLN G 70 51.39 19.17 4.71
C GLN G 70 52.85 19.59 4.56
N LYS G 71 53.47 19.33 3.40
CA LYS G 71 54.89 19.66 3.24
C LYS G 71 55.11 21.16 3.29
N ARG G 72 54.22 21.94 2.69
CA ARG G 72 54.37 23.38 2.69
C ARG G 72 54.20 23.96 4.08
N ALA G 73 53.69 23.19 5.03
CA ALA G 73 53.46 23.67 6.37
C ALA G 73 54.41 23.01 7.37
N ALA G 74 55.33 22.19 6.88
CA ALA G 74 56.18 21.40 7.76
C ALA G 74 57.11 22.29 8.59
N VAL G 75 57.51 23.45 8.04
CA VAL G 75 58.36 24.40 8.78
C VAL G 75 57.73 24.77 10.11
N ASP G 76 56.39 24.86 10.14
CA ASP G 76 55.65 25.17 11.35
C ASP G 76 55.17 23.91 12.07
N THR G 77 54.54 22.98 11.35
CA THR G 77 53.89 21.86 12.02
C THR G 77 54.85 20.76 12.43
N TYR G 78 56.12 20.85 12.03
CA TYR G 78 57.09 19.77 12.22
C TYR G 78 58.42 20.32 12.73
N CYS G 79 59.07 21.16 11.91
CA CYS G 79 60.39 21.67 12.27
C CYS G 79 60.34 22.48 13.57
N ARG G 80 59.70 23.66 13.52
CA ARG G 80 59.52 24.45 14.74
C ARG G 80 58.85 23.63 15.85
N HIS G 81 58.03 22.64 15.54
CA HIS G 81 57.45 21.86 16.62
C HIS G 81 58.51 21.02 17.32
N ASN G 82 59.32 20.28 16.55
CA ASN G 82 60.24 19.35 17.20
C ASN G 82 61.36 20.12 17.88
N TYR G 83 61.79 21.23 17.27
CA TYR G 83 62.73 22.12 17.93
C TYR G 83 62.26 22.43 19.35
N GLY G 84 61.00 22.87 19.48
CA GLY G 84 60.48 23.18 20.80
C GLY G 84 60.48 21.97 21.70
N VAL G 85 60.15 20.80 21.16
CA VAL G 85 59.95 19.64 22.02
C VAL G 85 61.24 19.25 22.73
N GLY G 86 62.38 19.33 22.03
CA GLY G 86 63.66 18.90 22.57
C GLY G 86 64.64 20.00 22.94
N GLU G 87 64.21 21.26 22.93
CA GLU G 87 65.15 22.35 23.08
C GLU G 87 65.89 22.27 24.40
N SER G 88 65.24 21.79 25.46
CA SER G 88 65.86 21.91 26.78
C SER G 88 67.01 20.94 26.95
N PHE G 89 67.10 19.91 26.14
CA PHE G 89 68.14 18.91 26.31
C PHE G 89 69.00 18.74 25.07
N THR G 90 68.73 19.50 24.01
CA THR G 90 69.58 19.48 22.82
C THR G 90 70.21 20.85 22.64
N VAL G 91 69.45 21.86 22.23
CA VAL G 91 69.98 23.22 22.09
C VAL G 91 70.59 23.72 23.39
N GLN G 92 69.99 23.35 24.53
CA GLN G 92 70.43 23.88 25.81
C GLN G 92 71.35 22.91 26.56
N ARG G 93 71.69 21.79 25.94
CA ARG G 93 72.56 20.83 26.62
C ARG G 93 73.94 21.44 26.78
N ARG G 94 74.49 21.34 27.98
CA ARG G 94 75.86 21.80 28.19
C ARG G 94 76.52 20.89 29.21
N VAL G 95 77.68 20.33 28.86
CA VAL G 95 78.47 19.46 29.75
C VAL G 95 79.90 19.98 29.76
N TYR G 96 80.48 20.15 30.96
CA TYR G 96 81.76 20.86 31.02
C TYR G 96 82.89 19.90 30.64
N PRO G 97 83.97 20.41 30.02
CA PRO G 97 85.09 19.54 29.64
C PRO G 97 85.98 19.18 30.81
N GLU G 98 86.46 17.93 30.79
CA GLU G 98 87.54 17.47 31.66
C GLU G 98 88.86 17.64 30.92
N VAL G 99 89.83 18.25 31.59
CA VAL G 99 91.11 18.61 30.97
C VAL G 99 92.23 17.91 31.73
N THR G 100 93.15 17.30 30.98
CA THR G 100 94.27 16.59 31.56
C THR G 100 95.48 16.89 30.72
N VAL G 101 96.61 17.21 31.36
CA VAL G 101 97.86 17.50 30.69
C VAL G 101 98.88 16.45 31.10
N TYR G 102 99.54 15.86 30.10
CA TYR G 102 100.47 14.79 30.37
C TYR G 102 101.51 14.80 29.27
N PRO G 103 102.75 14.43 29.58
CA PRO G 103 103.78 14.35 28.54
C PRO G 103 103.50 13.24 27.57
N ALA G 104 103.69 13.54 26.29
CA ALA G 104 103.45 12.55 25.25
C ALA G 104 104.50 11.45 25.32
N LYS G 105 104.09 10.24 24.96
CA LYS G 105 104.98 9.08 25.02
C LYS G 105 105.76 8.96 23.71
N THR G 106 106.74 9.87 23.56
CA THR G 106 107.64 9.87 22.40
C THR G 106 109.01 10.48 22.74
N LEU G 114 107.21 16.34 23.55
CA LEU G 114 105.81 16.59 23.22
C LEU G 114 104.89 16.58 24.44
N LEU G 115 103.98 17.54 24.50
CA LEU G 115 103.01 17.66 25.58
C LEU G 115 101.61 17.51 25.02
N VAL G 116 100.76 16.77 25.73
CA VAL G 116 99.39 16.56 25.27
C VAL G 116 98.44 17.28 26.22
N CYS G 117 97.45 17.97 25.65
CA CYS G 117 96.33 18.54 26.36
C CYS G 117 95.09 17.78 25.88
N SER G 118 94.48 17.00 26.78
CA SER G 118 93.32 16.15 26.47
C SER G 118 92.08 16.75 27.13
N VAL G 119 91.14 17.23 26.31
CA VAL G 119 89.86 17.74 26.82
C VAL G 119 88.74 16.80 26.38
N ASN G 120 87.99 16.28 27.36
CA ASN G 120 87.12 15.15 27.14
C ASN G 120 85.74 15.41 27.72
N GLY G 121 84.74 14.81 27.07
CA GLY G 121 83.41 14.70 27.64
C GLY G 121 82.57 15.95 27.56
N PHE G 122 82.91 16.90 26.69
CA PHE G 122 82.20 18.18 26.63
C PHE G 122 81.12 18.22 25.56
N TYR G 123 80.21 19.20 25.72
CA TYR G 123 79.05 19.42 24.85
C TYR G 123 78.60 20.85 25.08
N PRO G 124 78.43 21.65 24.03
CA PRO G 124 78.50 21.24 22.62
C PRO G 124 79.92 21.24 22.05
N GLY G 125 80.04 21.16 20.72
CA GLY G 125 81.31 21.02 20.03
C GLY G 125 82.14 22.29 19.93
N SER G 126 81.53 23.47 19.97
CA SER G 126 82.33 24.67 19.74
C SER G 126 83.27 24.89 20.91
N ILE G 127 84.58 24.86 20.66
CA ILE G 127 85.56 24.92 21.73
C ILE G 127 86.84 25.54 21.16
N GLU G 128 87.64 26.13 22.05
CA GLU G 128 88.89 26.77 21.67
C GLU G 128 89.99 26.29 22.62
N VAL G 129 91.06 25.73 22.07
CA VAL G 129 92.19 25.24 22.86
C VAL G 129 93.45 25.86 22.29
N ARG G 130 94.27 26.44 23.17
CA ARG G 130 95.52 27.08 22.76
C ARG G 130 96.62 26.72 23.75
N TRP G 131 97.84 26.63 23.24
CA TRP G 131 98.99 26.34 24.07
C TRP G 131 99.73 27.64 24.34
N PHE G 132 100.24 27.78 25.57
CA PHE G 132 100.96 28.99 25.98
C PHE G 132 102.28 28.59 26.59
N ARG G 133 103.35 29.26 26.16
CA ARG G 133 104.69 29.11 26.74
C ARG G 133 105.21 30.49 27.10
N ASN G 134 105.60 30.67 28.36
CA ASN G 134 106.09 31.97 28.85
C ASN G 134 105.02 33.05 28.66
N GLY G 135 103.77 32.71 28.93
CA GLY G 135 102.70 33.66 28.68
C GLY G 135 102.55 34.07 27.24
N GLN G 136 103.06 33.27 26.31
CA GLN G 136 103.03 33.58 24.90
C GLN G 136 102.32 32.45 24.15
N GLU G 137 101.43 32.83 23.23
CA GLU G 137 100.68 31.84 22.47
C GLU G 137 101.59 31.13 21.47
N GLU G 138 101.63 29.80 21.55
CA GLU G 138 102.39 29.01 20.59
C GLU G 138 101.58 28.79 19.33
N LYS G 139 102.26 28.79 18.18
CA LYS G 139 101.61 28.50 16.91
C LYS G 139 102.43 27.58 16.02
N THR G 140 103.67 27.27 16.36
CA THR G 140 104.45 26.30 15.61
C THR G 140 104.51 25.00 16.39
N GLY G 141 104.42 23.88 15.67
CA GLY G 141 104.50 22.59 16.32
C GLY G 141 103.29 22.23 17.13
N VAL G 142 102.11 22.73 16.75
CA VAL G 142 100.85 22.44 17.41
C VAL G 142 99.97 21.67 16.43
N VAL G 143 99.60 20.44 16.80
CA VAL G 143 98.73 19.59 15.98
C VAL G 143 97.61 19.04 16.85
N SER G 144 96.40 19.02 16.28
CA SER G 144 95.21 18.66 17.04
C SER G 144 94.41 17.61 16.27
N THR G 145 93.83 16.67 17.00
CA THR G 145 93.00 15.66 16.38
C THR G 145 91.77 16.25 15.71
N GLY G 146 91.43 17.49 15.98
CA GLY G 146 90.18 18.01 15.48
C GLY G 146 89.04 17.67 16.42
N LEU G 147 87.83 17.98 15.98
CA LEU G 147 86.67 17.69 16.81
C LEU G 147 86.32 16.21 16.65
N ILE G 148 86.22 15.48 17.75
CA ILE G 148 85.95 14.05 17.71
C ILE G 148 84.64 13.78 18.40
N GLN G 149 83.69 13.21 17.68
CA GLN G 149 82.38 12.87 18.22
C GLN G 149 82.45 11.46 18.81
N ASN G 150 82.14 11.33 20.10
CA ASN G 150 82.18 10.03 20.77
C ASN G 150 80.94 9.18 20.52
N GLY G 151 79.88 9.76 19.94
CA GLY G 151 78.63 9.08 19.67
C GLY G 151 77.65 9.04 20.84
N ASP G 152 77.94 9.72 21.94
CA ASP G 152 77.06 9.66 23.11
C ASP G 152 76.81 11.04 23.65
N TRP G 153 76.70 12.00 22.73
CA TRP G 153 76.44 13.40 23.05
C TRP G 153 77.61 14.03 23.81
N THR G 154 78.84 13.53 23.64
CA THR G 154 80.02 14.23 24.15
C THR G 154 81.09 14.27 23.07
N PHE G 155 81.88 15.34 23.07
CA PHE G 155 83.06 15.42 22.21
C PHE G 155 84.34 15.23 23.00
N GLN G 156 85.44 15.02 22.26
CA GLN G 156 86.79 15.10 22.80
C GLN G 156 87.69 15.64 21.70
N THR G 157 88.82 16.23 22.12
CA THR G 157 89.89 16.62 21.21
C THR G 157 91.21 16.71 21.98
N LEU G 158 92.30 16.34 21.32
CA LEU G 158 93.62 16.34 21.93
C LEU G 158 94.53 17.28 21.15
N VAL G 159 95.15 18.24 21.84
CA VAL G 159 96.06 19.19 21.21
C VAL G 159 97.47 18.94 21.71
N MET G 160 98.38 18.58 20.79
CA MET G 160 99.78 18.31 21.13
C MET G 160 100.66 19.51 20.80
N LEU G 161 101.70 19.68 21.61
CA LEU G 161 102.66 20.77 21.45
C LEU G 161 104.05 20.16 21.33
N GLU G 162 104.68 20.36 20.17
CA GLU G 162 106.04 19.89 19.95
C GLU G 162 106.99 20.96 20.48
N THR G 163 107.60 20.68 21.63
CA THR G 163 108.45 21.65 22.31
C THR G 163 109.60 20.91 22.97
N VAL G 164 110.70 21.64 23.20
CA VAL G 164 111.88 21.13 23.90
C VAL G 164 111.86 21.61 25.34
N PRO G 165 111.43 20.77 26.29
CA PRO G 165 111.25 21.24 27.67
C PRO G 165 112.56 21.68 28.30
N ARG G 166 112.58 22.93 28.80
CA ARG G 166 113.69 23.46 29.56
C ARG G 166 113.29 23.50 31.04
N SER G 167 114.29 23.38 31.90
CA SER G 167 114.04 23.39 33.34
C SER G 167 113.51 24.75 33.75
N GLY G 168 112.44 24.77 34.55
CA GLY G 168 111.84 26.00 34.99
C GLY G 168 110.71 26.51 34.13
N GLU G 169 110.59 26.01 32.90
CA GLU G 169 109.55 26.48 32.00
C GLU G 169 108.19 25.95 32.44
N VAL G 170 107.16 26.77 32.28
CA VAL G 170 105.81 26.40 32.64
C VAL G 170 104.97 26.45 31.38
N TYR G 171 104.34 25.32 31.04
CA TYR G 171 103.48 25.22 29.89
C TYR G 171 102.05 25.14 30.38
N THR G 172 101.16 25.92 29.77
CA THR G 172 99.79 25.98 30.22
C THR G 172 98.87 25.78 29.04
N CYS G 173 97.83 24.97 29.24
CA CYS G 173 96.83 24.75 28.21
C CYS G 173 95.56 25.50 28.61
N GLN G 174 95.02 26.31 27.68
CA GLN G 174 93.83 27.11 27.94
C GLN G 174 92.65 26.61 27.11
N VAL G 175 91.53 26.40 27.77
CA VAL G 175 90.33 25.90 27.12
C VAL G 175 89.23 26.91 27.36
N GLU G 176 88.62 27.36 26.29
CA GLU G 176 87.43 28.18 26.34
C GLU G 176 86.29 27.36 25.78
N HIS G 177 85.13 27.39 26.47
CA HIS G 177 83.95 26.59 26.16
C HIS G 177 82.67 27.22 26.71
N PRO G 178 81.55 27.13 26.01
CA PRO G 178 80.32 27.77 26.50
C PRO G 178 79.89 27.32 27.90
N SER G 179 80.31 26.15 28.37
CA SER G 179 79.96 25.76 29.73
C SER G 179 80.80 26.48 30.79
N LEU G 180 81.82 27.24 30.40
CA LEU G 180 82.70 27.89 31.36
C LEU G 180 82.49 29.40 31.31
N THR G 181 82.45 30.03 32.47
CA THR G 181 82.32 31.48 32.53
C THR G 181 83.65 32.21 32.48
N SER G 182 84.76 31.48 32.62
CA SER G 182 86.12 31.99 32.47
C SER G 182 86.96 30.88 31.85
N PRO G 183 88.05 31.21 31.15
CA PRO G 183 88.90 30.16 30.56
C PRO G 183 89.43 29.20 31.61
N LEU G 184 89.55 27.95 31.23
CA LEU G 184 90.13 26.93 32.10
C LEU G 184 91.60 26.75 31.72
N THR G 185 92.48 26.72 32.72
CA THR G 185 93.91 26.62 32.50
C THR G 185 94.47 25.53 33.39
N VAL G 186 95.41 24.77 32.85
CA VAL G 186 96.05 23.69 33.60
C VAL G 186 97.53 23.73 33.28
N GLU G 187 98.37 23.66 34.32
CA GLU G 187 99.79 23.84 34.17
C GLU G 187 100.51 22.50 34.29
N TRP G 188 101.60 22.37 33.55
CA TRP G 188 102.54 21.26 33.69
C TRP G 188 103.94 21.83 33.80
N ARG G 189 104.69 21.46 34.85
CA ARG G 189 106.04 21.98 35.08
C ARG G 189 107.05 20.83 35.02
N ALA G 190 108.11 21.02 34.23
CA ALA G 190 109.17 20.02 34.10
C ALA G 190 109.96 19.86 35.41
N GLY H 1 56.49 16.96 25.87
CA GLY H 1 56.33 17.16 24.46
C GLY H 1 56.48 15.88 23.67
N VAL H 2 55.87 15.88 22.50
CA VAL H 2 55.79 14.72 21.63
C VAL H 2 56.38 15.09 20.26
N TYR H 3 57.34 14.29 19.79
CA TYR H 3 57.87 14.47 18.44
C TYR H 3 56.82 14.13 17.38
N ALA H 4 56.80 14.92 16.33
CA ALA H 4 55.96 14.73 15.15
C ALA H 4 56.74 13.98 14.08
N THR H 5 56.08 13.01 13.44
CA THR H 5 56.63 12.25 12.31
C THR H 5 56.24 12.97 11.03
C CIR H 6 56.96 12.52 7.97
O CIR H 6 57.49 11.39 8.20
CA CIR H 6 57.05 13.69 8.95
N CIR H 6 57.43 13.24 10.30
C3 CIR H 6 58.03 14.74 8.44
C4 CIR H 6 57.56 15.24 7.08
C5 CIR H 6 57.05 16.66 7.19
N6 CIR H 6 55.73 16.61 7.79
C7 CIR H 6 54.64 16.04 7.03
O7 CIR H 6 54.78 15.60 5.94
N8 CIR H 6 53.35 15.98 7.68
N SER H 7 55.63 12.39 7.46
CA SER H 7 55.31 11.19 6.69
C SER H 7 56.06 11.09 5.37
N SER H 8 56.56 9.91 5.07
CA SER H 8 57.11 9.66 3.74
C SER H 8 55.98 9.43 2.75
N ALA H 9 56.06 10.09 1.60
CA ALA H 9 55.12 9.92 0.49
C ALA H 9 55.16 8.48 -0.07
N VAL H 10 54.13 8.10 -0.84
CA VAL H 10 54.04 6.77 -1.43
C VAL H 10 54.11 6.91 -2.95
N ARG H 11 54.95 6.07 -3.58
CA ARG H 11 55.04 6.02 -5.03
C ARG H 11 53.83 5.35 -5.64
N LEU H 12 53.53 5.75 -6.88
CA LEU H 12 52.33 5.33 -7.60
C LEU H 12 52.27 3.83 -7.89
N ARG H 13 53.11 3.34 -8.82
CA ARG H 13 52.95 1.99 -9.41
C ARG H 13 53.00 0.89 -8.36
N GLY I 2 44.89 10.89 28.24
CA GLY I 2 45.12 12.32 28.37
C GLY I 2 44.66 13.06 27.13
N ASP I 3 43.99 12.36 26.22
CA ASP I 3 43.53 12.97 24.98
C ASP I 3 42.01 13.07 25.01
N SER I 4 41.48 14.25 24.72
CA SER I 4 40.05 14.44 24.76
C SER I 4 39.67 15.67 23.95
N VAL I 5 38.46 15.61 23.39
CA VAL I 5 37.84 16.74 22.72
C VAL I 5 36.45 16.87 23.30
N THR I 6 36.15 18.03 23.85
CA THR I 6 34.87 18.24 24.49
C THR I 6 34.07 19.16 23.59
N GLN I 7 32.85 18.74 23.30
CA GLN I 7 31.93 19.41 22.41
C GLN I 7 30.67 19.81 23.19
N THR I 8 29.83 20.65 22.57
CA THR I 8 28.55 21.04 23.17
C THR I 8 27.67 19.80 23.30
N GLU I 9 27.18 19.55 24.51
CA GLU I 9 26.51 18.27 24.74
C GLU I 9 25.10 18.28 24.18
N GLY I 10 24.64 17.11 23.73
CA GLY I 10 23.24 16.99 23.34
C GLY I 10 22.92 17.68 22.03
N GLN I 11 21.69 18.18 21.94
CA GLN I 11 21.19 18.82 20.74
C GLN I 11 21.21 20.34 20.89
N VAL I 12 21.17 21.02 19.74
CA VAL I 12 21.03 22.47 19.67
C VAL I 12 19.99 22.79 18.61
N THR I 13 18.92 23.49 19.01
CA THR I 13 17.85 23.88 18.10
C THR I 13 18.02 25.35 17.74
N VAL I 14 18.06 25.63 16.43
CA VAL I 14 18.19 27.00 15.92
C VAL I 14 17.18 27.21 14.80
N SER I 15 16.62 28.42 14.71
CA SER I 15 15.69 28.75 13.64
C SER I 15 16.44 29.31 12.44
N GLU I 16 15.77 29.25 11.29
CA GLU I 16 16.40 29.60 10.03
C GLU I 16 16.88 31.05 10.01
N SER I 17 17.98 31.29 9.30
CA SER I 17 18.64 32.59 9.13
C SER I 17 19.29 33.11 10.41
N LYS I 18 19.34 32.32 11.47
CA LYS I 18 19.92 32.76 12.73
C LYS I 18 21.35 32.23 12.86
N SER I 19 22.14 32.89 13.71
CA SER I 19 23.56 32.57 13.91
C SER I 19 23.72 31.27 14.66
N LEU I 20 24.92 30.71 14.57
CA LEU I 20 25.26 29.46 15.22
C LEU I 20 26.69 29.56 15.71
N ILE I 21 26.96 28.93 16.86
CA ILE I 21 28.31 28.74 17.35
C ILE I 21 28.30 27.46 18.17
N ILE I 22 29.16 26.52 17.79
CA ILE I 22 29.32 25.21 18.43
C ILE I 22 30.64 25.23 19.19
N ASN I 23 30.58 24.93 20.47
CA ASN I 23 31.79 24.91 21.29
C ASN I 23 32.62 23.66 21.00
N CYS I 24 33.94 23.85 20.79
CA CYS I 24 34.87 22.75 20.79
C CYS I 24 36.19 23.21 21.38
N THR I 25 36.65 22.54 22.43
CA THR I 25 38.02 22.70 22.88
C THR I 25 38.66 21.31 23.01
N TYR I 26 39.98 21.26 23.21
CA TYR I 26 40.71 19.99 23.23
C TYR I 26 41.89 20.03 24.20
N SER I 27 42.33 18.84 24.63
CA SER I 27 43.58 18.72 25.37
C SER I 27 44.24 17.39 25.01
N THR I 28 45.53 17.43 24.73
CA THR I 28 46.25 16.27 24.22
C THR I 28 47.48 16.00 25.06
N THR I 29 47.79 14.74 25.24
CA THR I 29 49.05 14.36 25.84
C THR I 29 49.86 13.39 24.98
N SER I 30 49.31 12.87 23.89
CA SER I 30 50.06 11.98 23.03
C SER I 30 50.07 12.40 21.56
N ILE I 31 49.38 13.49 21.21
CA ILE I 31 49.46 14.14 19.90
C ILE I 31 50.68 15.05 19.83
N ALA I 32 51.21 15.18 18.64
CA ALA I 32 52.38 16.04 18.47
C ALA I 32 51.93 17.44 18.08
N TYR I 33 51.56 17.63 16.81
CA TYR I 33 51.05 18.91 16.37
C TYR I 33 49.66 18.70 15.77
N PRO I 34 48.59 19.06 16.48
CA PRO I 34 47.26 18.67 15.99
C PRO I 34 46.89 19.35 14.69
N ASN I 35 46.17 18.63 13.85
CA ASN I 35 45.31 19.20 12.82
C ASN I 35 43.86 19.10 13.27
N LEU I 36 43.06 20.12 12.97
CA LEU I 36 41.72 20.19 13.54
C LEU I 36 40.68 19.97 12.47
N PHE I 37 39.60 19.30 12.85
CA PHE I 37 38.60 18.88 11.88
C PHE I 37 37.21 19.10 12.43
N TRP I 38 36.29 19.43 11.51
CA TRP I 38 34.84 19.30 11.69
C TRP I 38 34.30 18.35 10.64
N TYR I 39 33.68 17.25 11.09
CA TYR I 39 32.91 16.34 10.27
C TYR I 39 31.43 16.49 10.56
N VAL I 40 30.62 16.29 9.52
CA VAL I 40 29.17 16.46 9.57
C VAL I 40 28.50 15.19 9.05
N ARG I 41 27.38 14.82 9.67
CA ARG I 41 26.66 13.60 9.31
C ARG I 41 25.18 13.95 9.13
N TYR I 42 24.75 14.12 7.88
CA TYR I 42 23.36 14.42 7.56
C TYR I 42 22.48 13.17 7.77
N PRO I 43 21.19 13.37 8.02
CA PRO I 43 20.29 12.23 8.25
C PRO I 43 20.41 11.18 7.16
N GLY I 44 20.64 9.95 7.58
CA GLY I 44 20.67 8.83 6.67
C GLY I 44 22.01 8.60 6.02
N GLU I 45 22.74 9.69 5.74
CA GLU I 45 24.10 9.60 5.20
C GLU I 45 25.09 9.20 6.29
N GLY I 46 26.34 8.95 5.85
CA GLY I 46 27.44 8.70 6.75
C GLY I 46 28.19 10.00 7.01
N LEU I 47 29.35 9.87 7.66
CA LEU I 47 30.14 11.03 8.03
C LEU I 47 30.93 11.58 6.84
N GLN I 48 31.01 12.92 6.74
CA GLN I 48 31.85 13.52 5.71
C GLN I 48 32.51 14.79 6.26
N LEU I 49 33.64 15.13 5.65
CA LEU I 49 34.40 16.29 6.08
C LEU I 49 33.65 17.58 5.80
N LEU I 50 33.66 18.48 6.76
CA LEU I 50 33.16 19.83 6.56
C LEU I 50 34.29 20.83 6.31
N LEU I 51 35.32 20.84 7.16
CA LEU I 51 36.45 21.74 6.98
C LEU I 51 37.59 21.28 7.88
N LYS I 52 38.80 21.79 7.61
CA LYS I 52 39.96 21.41 8.40
C LYS I 52 40.98 22.53 8.37
N VAL I 53 41.81 22.61 9.42
CA VAL I 53 42.91 23.55 9.43
C VAL I 53 44.18 22.83 9.85
N ILE I 54 45.27 23.09 9.14
CA ILE I 54 46.57 22.46 9.40
C ILE I 54 47.41 23.28 10.36
N THR I 55 47.56 24.57 10.07
CA THR I 55 48.45 25.45 10.82
C THR I 55 47.67 26.25 11.86
N ALA I 56 48.30 26.43 13.03
CA ALA I 56 47.63 27.02 14.17
C ALA I 56 47.18 28.46 13.90
N GLY I 57 47.86 29.20 13.02
CA GLY I 57 47.37 30.56 12.84
C GLY I 57 46.09 30.75 12.04
N GLN I 58 45.60 29.76 11.31
CA GLN I 58 44.68 30.03 10.21
C GLN I 58 43.28 29.47 10.48
N LYS I 59 42.32 29.83 9.61
CA LYS I 59 40.94 29.37 9.70
C LYS I 59 40.44 28.72 8.41
N GLY I 60 39.56 27.75 8.56
CA GLY I 60 38.93 27.08 7.44
C GLY I 60 37.46 27.43 7.31
N SER I 61 36.92 27.34 6.09
CA SER I 61 35.53 27.67 5.82
C SER I 61 35.00 26.80 4.68
N SER I 62 33.72 26.42 4.79
CA SER I 62 33.03 25.63 3.79
C SER I 62 31.54 25.76 4.00
N ARG I 63 30.80 26.08 2.93
CA ARG I 63 29.34 26.16 2.99
C ARG I 63 28.87 27.17 4.05
N GLY I 64 29.52 28.33 4.09
CA GLY I 64 29.20 29.33 5.09
C GLY I 64 29.63 29.05 6.51
N PHE I 65 30.06 27.83 6.83
CA PHE I 65 30.63 27.57 8.15
C PHE I 65 32.08 28.04 8.21
N GLU I 66 32.59 28.18 9.44
CA GLU I 66 33.92 28.72 9.66
C GLU I 66 34.37 28.22 11.02
N ALA I 67 35.68 27.97 11.14
CA ALA I 67 36.34 27.61 12.40
C ALA I 67 37.79 28.05 12.34
N THR I 68 38.32 28.49 13.48
CA THR I 68 39.67 29.02 13.54
C THR I 68 40.50 28.15 14.46
N TYR I 69 41.64 27.68 13.96
CA TYR I 69 42.59 26.94 14.78
C TYR I 69 43.25 27.92 15.73
N ASN I 70 43.02 27.75 17.03
CA ASN I 70 43.52 28.70 18.02
C ASN I 70 44.32 27.93 19.07
N LYS I 71 45.64 27.95 18.96
CA LYS I 71 46.51 27.25 19.89
C LYS I 71 46.70 28.01 21.20
N GLU I 72 46.43 29.33 21.20
CA GLU I 72 46.46 30.09 22.45
C GLU I 72 45.45 29.52 23.44
N THR I 73 44.21 29.36 23.02
CA THR I 73 43.16 28.92 23.91
C THR I 73 42.61 27.55 23.54
N THR I 74 43.37 26.77 22.78
CA THR I 74 43.13 25.36 22.49
C THR I 74 41.66 25.09 22.11
N SER I 75 41.18 25.89 21.17
CA SER I 75 39.79 25.83 20.77
C SER I 75 39.67 25.77 19.25
N PHE I 76 38.51 25.34 18.79
CA PHE I 76 38.24 25.22 17.36
C PHE I 76 36.74 25.42 17.16
N HIS I 77 36.22 26.59 17.55
CA HIS I 77 34.78 26.81 17.53
C HIS I 77 34.25 26.94 16.10
N LEU I 78 33.16 26.24 15.81
CA LEU I 78 32.51 26.31 14.51
C LEU I 78 31.37 27.33 14.55
N GLN I 79 31.37 28.24 13.58
CA GLN I 79 30.38 29.31 13.51
C GLN I 79 29.80 29.41 12.11
N LYS I 80 28.57 29.96 12.02
CA LYS I 80 27.95 30.27 10.75
C LYS I 80 26.96 31.40 10.96
N ALA I 81 26.95 32.37 10.03
CA ALA I 81 26.16 33.59 10.22
C ALA I 81 24.67 33.33 10.07
N SER I 82 24.26 32.72 8.97
CA SER I 82 22.84 32.51 8.66
C SER I 82 22.59 31.04 8.31
N VAL I 83 22.02 30.30 9.25
CA VAL I 83 21.85 28.86 9.07
C VAL I 83 20.68 28.60 8.12
N GLN I 84 20.85 27.61 7.26
CA GLN I 84 19.83 27.19 6.33
C GLN I 84 19.29 25.82 6.71
N GLU I 85 18.17 25.45 6.10
CA GLU I 85 17.49 24.20 6.43
C GLU I 85 18.34 22.99 6.09
N SER I 86 19.29 23.14 5.17
CA SER I 86 20.16 22.04 4.84
C SER I 86 21.18 21.74 5.93
N ASP I 87 21.30 22.60 6.94
CA ASP I 87 22.36 22.50 7.94
C ASP I 87 21.95 21.64 9.13
N SER I 88 20.96 20.77 8.96
CA SER I 88 20.40 19.96 10.04
C SER I 88 21.11 18.61 10.01
N ALA I 89 22.04 18.41 10.94
CA ALA I 89 22.85 17.21 10.94
C ALA I 89 23.57 17.08 12.29
N VAL I 90 24.45 16.09 12.38
CA VAL I 90 25.28 15.86 13.56
C VAL I 90 26.69 16.32 13.20
N TYR I 91 27.22 17.22 14.00
CA TYR I 91 28.54 17.78 13.75
C TYR I 91 29.54 17.22 14.75
N TYR I 92 30.65 16.72 14.25
CA TYR I 92 31.71 16.15 15.07
C TYR I 92 32.97 16.99 14.95
N CYS I 93 33.48 17.42 16.10
CA CYS I 93 34.79 18.08 16.20
C CYS I 93 35.87 17.02 16.41
N ALA I 94 36.95 17.10 15.65
CA ALA I 94 38.00 16.10 15.81
C ALA I 94 39.40 16.70 15.63
N LEU I 95 40.38 16.03 16.22
CA LEU I 95 41.78 16.33 15.90
C LEU I 95 42.54 15.06 15.60
N GLY I 96 43.53 15.19 14.72
CA GLY I 96 44.39 14.07 14.35
C GLY I 96 45.86 14.48 14.24
N ASP I 97 46.75 13.47 14.33
CA ASP I 97 48.18 13.59 14.11
C ASP I 97 48.52 13.01 12.74
N THR I 98 48.89 13.88 11.80
CA THR I 98 49.11 13.47 10.41
C THR I 98 50.20 12.41 10.25
N GLY I 99 51.12 12.30 11.24
CA GLY I 99 52.18 11.32 11.12
C GLY I 99 51.89 9.92 11.57
N ASN I 100 50.68 9.60 12.00
CA ASN I 100 50.38 8.30 12.58
C ASN I 100 48.86 8.13 12.62
N TYR I 101 48.40 7.04 13.21
CA TYR I 101 46.98 6.69 13.16
C TYR I 101 46.10 7.56 14.05
N LYS I 102 46.65 8.19 15.11
CA LYS I 102 45.84 8.77 16.19
C LYS I 102 44.80 9.76 15.68
N TYR I 103 43.59 9.62 16.19
CA TYR I 103 42.53 10.59 16.00
C TYR I 103 41.78 10.68 17.31
N VAL I 104 41.40 11.90 17.70
CA VAL I 104 40.52 12.10 18.87
C VAL I 104 39.21 12.76 18.41
N PHE I 105 38.07 12.18 18.81
CA PHE I 105 36.76 12.65 18.39
C PHE I 105 35.93 13.13 19.57
N GLY I 106 35.27 14.26 19.41
CA GLY I 106 34.33 14.71 20.42
C GLY I 106 33.03 13.90 20.40
N ALA I 107 32.16 14.23 21.36
CA ALA I 107 30.94 13.45 21.50
C ALA I 107 29.90 13.78 20.42
N GLY I 108 30.08 14.87 19.68
CA GLY I 108 29.13 15.18 18.64
C GLY I 108 28.00 16.10 19.08
N THR I 109 27.62 17.02 18.20
CA THR I 109 26.53 17.96 18.47
C THR I 109 25.49 17.86 17.36
N ARG I 110 24.25 17.55 17.73
CA ARG I 110 23.18 17.43 16.75
C ARG I 110 22.58 18.81 16.54
N LEU I 111 22.44 19.23 15.29
CA LEU I 111 21.82 20.52 15.00
C LEU I 111 20.41 20.31 14.44
N LYS I 112 19.44 21.01 15.01
CA LYS I 112 18.06 20.97 14.54
C LYS I 112 17.67 22.36 14.04
N VAL I 113 17.46 22.48 12.73
CA VAL I 113 16.95 23.72 12.16
C VAL I 113 15.44 23.63 12.04
N ILE I 114 14.76 24.69 12.48
CA ILE I 114 13.32 24.72 12.53
C ILE I 114 12.85 25.98 11.81
N ALA I 115 11.53 26.04 11.58
CA ALA I 115 10.98 27.09 10.75
C ALA I 115 11.02 28.43 11.48
N HIS I 116 11.34 29.49 10.75
CA HIS I 116 11.39 30.84 11.29
C HIS I 116 10.07 31.51 10.95
N ILE I 117 9.24 31.76 11.97
CA ILE I 117 7.91 32.33 11.79
C ILE I 117 7.83 33.64 12.57
N GLN I 118 7.41 34.71 11.88
CA GLN I 118 7.11 36.00 12.49
C GLN I 118 5.63 36.31 12.51
N ASN I 119 4.79 35.39 12.04
CA ASN I 119 3.33 35.57 12.01
C ASN I 119 2.66 34.29 12.53
N PRO I 120 2.88 33.96 13.80
CA PRO I 120 2.33 32.69 14.32
C PRO I 120 0.82 32.72 14.42
N ASP I 121 0.21 31.55 14.28
CA ASP I 121 -1.23 31.38 14.35
C ASP I 121 -1.55 30.05 15.05
N PRO I 122 -1.14 29.92 16.31
CA PRO I 122 -1.20 28.60 16.96
C PRO I 122 -2.63 28.09 17.10
N ALA I 123 -2.85 26.85 16.70
CA ALA I 123 -4.16 26.22 16.72
C ALA I 123 -4.00 24.71 16.71
N VAL I 124 -5.05 24.01 17.14
CA VAL I 124 -5.06 22.56 17.14
C VAL I 124 -6.26 22.08 16.33
N TYR I 125 -6.10 20.95 15.66
CA TYR I 125 -7.14 20.37 14.83
C TYR I 125 -7.22 18.88 15.10
N GLN I 126 -8.17 18.21 14.47
CA GLN I 126 -8.42 16.79 14.70
C GLN I 126 -8.59 16.10 13.36
N LEU I 127 -7.78 15.07 13.11
CA LEU I 127 -7.78 14.33 11.86
C LEU I 127 -8.34 12.94 12.06
N ARG I 128 -9.00 12.42 11.03
CA ARG I 128 -9.55 11.06 11.05
C ARG I 128 -8.81 10.19 10.04
N ASP I 129 -8.73 8.90 10.34
CA ASP I 129 -8.07 7.96 9.44
C ASP I 129 -8.78 7.93 8.10
N SER I 130 -8.00 7.88 7.02
CA SER I 130 -8.56 7.74 5.69
C SER I 130 -8.96 6.30 5.39
N LYS I 131 -8.68 5.37 6.30
CA LYS I 131 -9.13 3.98 6.21
C LYS I 131 -9.74 3.58 7.57
N SER I 132 -10.94 4.13 7.85
CA SER I 132 -11.78 3.80 8.99
C SER I 132 -11.19 4.29 10.33
N SER I 133 -11.94 5.15 11.02
CA SER I 133 -11.58 5.58 12.37
C SER I 133 -12.84 5.89 13.19
N SER I 136 -9.18 11.23 15.26
CA SER I 136 -8.36 10.08 15.64
C SER I 136 -7.00 10.49 16.21
N VAL I 137 -6.41 11.53 15.61
CA VAL I 137 -5.15 12.11 16.05
C VAL I 137 -5.30 13.62 16.14
N CYS I 138 -4.55 14.22 17.06
CA CYS I 138 -4.57 15.66 17.26
C CYS I 138 -3.29 16.30 16.72
N LEU I 139 -3.42 17.51 16.19
CA LEU I 139 -2.31 18.20 15.52
C LEU I 139 -2.27 19.64 15.99
N PHE I 140 -1.18 20.02 16.68
CA PHE I 140 -0.91 21.40 17.05
C PHE I 140 0.14 21.95 16.10
N THR I 141 -0.19 23.03 15.40
CA THR I 141 0.69 23.55 14.37
C THR I 141 0.67 25.07 14.42
N ASP I 142 1.54 25.66 13.60
CA ASP I 142 1.59 27.10 13.39
C ASP I 142 1.95 27.85 14.68
N PHE I 143 2.86 27.29 15.46
CA PHE I 143 3.35 27.95 16.66
C PHE I 143 4.79 28.39 16.47
N ASP I 144 5.22 29.34 17.30
CA ASP I 144 6.54 29.93 17.20
C ASP I 144 7.63 28.94 17.64
N SER I 145 8.87 29.31 17.35
CA SER I 145 10.01 28.49 17.78
C SER I 145 10.24 28.53 19.28
N GLN I 146 9.64 29.48 20.00
CA GLN I 146 9.81 29.55 21.45
C GLN I 146 8.93 28.55 22.20
N THR I 147 7.97 27.93 21.52
CA THR I 147 7.05 27.02 22.17
C THR I 147 7.79 25.75 22.61
N ASN I 148 7.56 25.33 23.85
CA ASN I 148 8.08 24.08 24.38
C ASN I 148 6.92 23.09 24.53
N VAL I 149 7.11 21.89 24.01
CA VAL I 149 6.07 20.86 24.02
C VAL I 149 6.24 19.97 25.24
N SER I 150 5.24 19.94 26.11
CA SER I 150 5.27 19.08 27.28
C SER I 150 4.89 17.65 26.91
N GLN I 151 5.32 16.70 27.74
CA GLN I 151 5.04 15.29 27.51
C GLN I 151 3.68 14.92 28.12
N SER I 152 3.35 13.63 28.11
CA SER I 152 2.09 13.14 28.65
C SER I 152 2.27 12.65 30.08
N LYS I 153 1.20 12.76 30.87
CA LYS I 153 1.28 12.40 32.28
C LYS I 153 1.05 10.91 32.50
N ASP I 154 0.22 10.29 31.68
CA ASP I 154 -0.07 8.87 31.77
C ASP I 154 0.51 8.14 30.56
N SER I 155 0.72 6.83 30.75
CA SER I 155 1.48 6.02 29.81
C SER I 155 0.69 5.65 28.56
N ASP I 156 -0.63 5.83 28.56
CA ASP I 156 -1.45 5.48 27.42
C ASP I 156 -1.83 6.70 26.58
N VAL I 157 -1.06 7.78 26.68
CA VAL I 157 -1.19 8.94 25.81
C VAL I 157 0.21 9.32 25.34
N TYR I 158 0.36 9.55 24.03
CA TYR I 158 1.65 9.83 23.41
C TYR I 158 1.67 11.24 22.82
N ILE I 159 2.81 11.92 22.95
CA ILE I 159 3.01 13.26 22.42
C ILE I 159 4.39 13.30 21.78
N THR I 160 4.49 13.97 20.64
CA THR I 160 5.74 14.12 19.92
C THR I 160 6.32 15.51 20.17
N ASP I 161 7.62 15.62 19.93
CA ASP I 161 8.28 16.91 20.04
C ASP I 161 8.00 17.73 18.78
N LYS I 162 8.59 18.93 18.72
CA LYS I 162 8.52 19.73 17.52
C LYS I 162 9.16 18.97 16.37
N CYS I 163 8.48 18.92 15.23
CA CYS I 163 9.02 18.21 14.08
C CYS I 163 10.17 18.98 13.44
N VAL I 164 11.12 18.23 12.88
CA VAL I 164 12.26 18.79 12.15
C VAL I 164 11.88 18.95 10.70
N LEU I 165 12.17 20.11 10.13
CA LEU I 165 11.84 20.38 8.74
C LEU I 165 12.64 19.46 7.83
N ASP I 166 12.14 19.29 6.60
CA ASP I 166 12.86 18.51 5.60
C ASP I 166 14.13 19.22 5.17
N MET I 167 15.19 18.44 4.93
CA MET I 167 16.49 18.98 4.56
C MET I 167 16.37 19.87 3.34
N ARG I 168 15.70 19.37 2.30
CA ARG I 168 15.51 20.13 1.09
C ARG I 168 14.05 20.51 0.89
N SER I 169 13.42 21.07 1.91
CA SER I 169 12.08 21.63 1.77
C SER I 169 12.16 23.07 1.25
N MET I 170 11.27 23.41 0.33
CA MET I 170 11.28 24.74 -0.26
C MET I 170 9.98 25.50 -0.09
N ASP I 171 9.01 24.95 0.63
CA ASP I 171 7.74 25.65 0.84
C ASP I 171 7.04 25.01 2.03
N PHE I 172 6.01 25.72 2.51
CA PHE I 172 5.15 25.23 3.59
C PHE I 172 5.97 24.79 4.80
N LYS I 173 6.87 25.67 5.23
CA LYS I 173 7.67 25.43 6.43
C LYS I 173 6.85 25.83 7.64
N SER I 174 6.42 24.85 8.42
CA SER I 174 5.54 25.10 9.56
C SER I 174 5.89 24.10 10.67
N ASN I 175 6.00 24.61 11.90
CA ASN I 175 6.19 23.73 13.03
C ASN I 175 4.88 23.05 13.40
N SER I 176 4.95 21.77 13.75
CA SER I 176 3.76 20.99 14.06
C SER I 176 4.11 19.92 15.07
N ALA I 177 3.07 19.40 15.74
CA ALA I 177 3.25 18.31 16.68
C ALA I 177 1.96 17.49 16.72
N VAL I 178 2.08 16.22 17.09
CA VAL I 178 1.00 15.27 16.96
C VAL I 178 0.86 14.48 18.26
N ALA I 179 -0.39 14.22 18.66
CA ALA I 179 -0.68 13.39 19.82
C ALA I 179 -1.83 12.45 19.50
N TRP I 180 -1.79 11.26 20.10
CA TRP I 180 -2.83 10.26 19.89
C TRP I 180 -2.91 9.35 21.10
N SER I 181 -4.02 8.62 21.20
CA SER I 181 -4.26 7.75 22.35
C SER I 181 -5.24 6.65 21.92
N ASN I 182 -5.67 5.84 22.89
CA ASN I 182 -6.65 4.78 22.66
C ASN I 182 -7.86 4.91 23.58
N ASP I 185 -11.28 7.96 27.77
CA ASP I 185 -11.90 8.34 26.51
C ASP I 185 -11.77 9.84 26.26
N PHE I 186 -10.66 10.43 26.70
CA PHE I 186 -10.42 11.84 26.46
C PHE I 186 -10.06 12.08 24.99
N ALA I 187 -10.34 13.28 24.51
CA ALA I 187 -10.17 13.65 23.11
C ALA I 187 -9.22 14.84 23.01
N CYS I 188 -9.20 15.46 21.83
CA CYS I 188 -8.25 16.53 21.53
C CYS I 188 -8.49 17.76 22.40
N ALA I 189 -7.60 17.94 23.39
CA ALA I 189 -7.63 19.07 24.32
C ALA I 189 -6.41 18.96 25.23
N ASN I 190 -6.11 17.75 25.67
CA ASN I 190 -4.92 17.50 26.49
C ASN I 190 -3.65 17.73 25.68
N ALA I 191 -2.63 18.25 26.34
CA ALA I 191 -1.34 18.58 25.72
C ALA I 191 -1.53 19.50 24.53
N ALA J 3 35.09 5.85 -3.28
CA ALA J 3 34.76 6.20 -1.91
C ALA J 3 35.03 5.02 -0.96
N VAL J 4 34.29 4.96 0.16
CA VAL J 4 34.32 3.84 1.09
C VAL J 4 32.90 3.31 1.22
N THR J 5 32.70 2.01 1.00
CA THR J 5 31.40 1.36 1.13
C THR J 5 31.52 0.21 2.12
N GLN J 6 30.53 0.08 2.99
CA GLN J 6 30.50 -0.98 4.00
C GLN J 6 29.14 -1.66 3.97
N SER J 7 29.09 -2.89 4.45
CA SER J 7 27.91 -3.73 4.39
C SER J 7 27.97 -4.74 5.53
N PRO J 8 26.83 -5.10 6.13
CA PRO J 8 25.51 -4.60 5.75
C PRO J 8 25.24 -3.24 6.38
N ARG J 9 24.26 -2.49 5.86
CA ARG J 9 23.89 -1.22 6.46
C ARG J 9 23.06 -1.40 7.73
N SER J 10 22.33 -2.50 7.84
CA SER J 10 21.56 -2.80 9.03
C SER J 10 21.72 -4.29 9.29
N LYS J 11 21.69 -4.68 10.56
CA LYS J 11 21.71 -6.09 10.91
C LYS J 11 20.99 -6.33 12.24
N VAL J 12 20.27 -7.44 12.34
CA VAL J 12 19.71 -7.91 13.61
C VAL J 12 20.20 -9.33 13.87
N ALA J 13 20.84 -9.55 15.03
CA ALA J 13 21.39 -10.84 15.38
C ALA J 13 21.10 -11.17 16.83
N VAL J 14 21.19 -12.46 17.17
CA VAL J 14 20.96 -12.94 18.53
C VAL J 14 22.28 -13.02 19.30
N THR J 15 22.17 -13.03 20.62
CA THR J 15 23.36 -13.15 21.46
C THR J 15 24.01 -14.51 21.26
N GLY J 16 25.34 -14.52 21.18
CA GLY J 16 26.04 -15.74 20.87
C GLY J 16 26.16 -16.04 19.40
N GLY J 17 25.68 -15.15 18.53
CA GLY J 17 25.79 -15.34 17.10
C GLY J 17 26.98 -14.60 16.51
N LYS J 18 27.46 -15.09 15.36
CA LYS J 18 28.59 -14.50 14.66
C LYS J 18 28.11 -13.40 13.71
N VAL J 19 28.69 -12.21 13.84
CA VAL J 19 28.38 -11.07 12.99
C VAL J 19 29.67 -10.53 12.42
N THR J 20 29.70 -10.35 11.11
CA THR J 20 30.86 -9.77 10.44
C THR J 20 30.38 -8.56 9.66
N LEU J 21 31.12 -7.47 9.77
CA LEU J 21 30.87 -6.25 9.01
C LEU J 21 31.99 -6.08 7.99
N SER J 22 31.62 -5.96 6.72
CA SER J 22 32.59 -5.79 5.64
C SER J 22 32.80 -4.32 5.31
N CYS J 23 34.00 -4.03 4.80
CA CYS J 23 34.31 -2.67 4.37
C CYS J 23 35.23 -2.72 3.16
N HIS J 24 34.96 -1.86 2.18
CA HIS J 24 35.68 -1.85 0.92
C HIS J 24 35.91 -0.39 0.54
N GLN J 25 37.12 -0.07 0.07
CA GLN J 25 37.45 1.30 -0.30
C GLN J 25 38.18 1.30 -1.63
N THR J 26 37.93 2.33 -2.44
CA THR J 26 38.46 2.42 -3.80
C THR J 26 39.42 3.59 -3.94
N ASN J 27 40.21 3.87 -2.91
CA ASN J 27 41.15 4.98 -2.95
C ASN J 27 42.59 4.51 -2.90
N ASN J 28 42.82 3.22 -2.67
CA ASN J 28 44.16 2.65 -2.51
C ASN J 28 44.83 3.16 -1.26
N HIS J 29 44.04 3.36 -0.24
CA HIS J 29 44.56 3.95 0.98
C HIS J 29 45.26 2.88 1.81
N ASP J 30 46.23 3.32 2.60
CA ASP J 30 46.98 2.43 3.48
C ASP J 30 46.32 2.23 4.84
N TYR J 31 45.73 3.28 5.41
CA TYR J 31 45.06 3.11 6.70
C TYR J 31 43.61 2.71 6.49
N MET J 32 43.14 1.75 7.30
CA MET J 32 41.71 1.49 7.42
C MET J 32 41.34 1.35 8.90
N TYR J 33 40.10 1.75 9.23
CA TYR J 33 39.67 1.84 10.62
C TYR J 33 38.23 1.37 10.76
N TRP J 34 37.92 0.88 11.97
CA TRP J 34 36.58 0.52 12.41
C TRP J 34 36.27 1.32 13.69
N TYR J 35 35.34 2.24 13.60
CA TYR J 35 34.95 3.04 14.74
C TYR J 35 33.59 2.58 15.26
N ARG J 36 33.29 2.96 16.48
CA ARG J 36 32.02 2.64 17.09
C ARG J 36 31.40 3.95 17.55
N GLN J 37 30.16 4.19 17.15
CA GLN J 37 29.45 5.42 17.50
C GLN J 37 28.38 5.05 18.50
N ASP J 38 28.55 5.51 19.74
CA ASP J 38 27.57 5.30 20.79
C ASP J 38 27.01 6.66 21.18
N THR J 39 25.70 6.70 21.41
CA THR J 39 25.03 7.96 21.66
C THR J 39 25.58 8.59 22.93
N GLY J 40 25.90 9.88 22.85
CA GLY J 40 26.43 10.61 23.98
C GLY J 40 27.89 10.39 24.26
N HIS J 41 28.49 9.34 23.70
CA HIS J 41 29.89 9.00 23.93
C HIS J 41 30.83 9.46 22.83
N GLY J 42 30.38 9.45 21.58
CA GLY J 42 31.24 9.90 20.49
C GLY J 42 31.66 8.78 19.57
N LEU J 43 32.92 8.81 19.14
CA LEU J 43 33.47 7.83 18.20
C LEU J 43 34.70 7.18 18.79
N ARG J 44 34.63 5.90 19.13
CA ARG J 44 35.72 5.17 19.74
C ARG J 44 36.35 4.17 18.76
N LEU J 45 37.67 4.03 18.78
CA LEU J 45 38.36 3.19 17.82
C LEU J 45 38.45 1.74 18.30
N ILE J 46 38.09 0.80 17.42
CA ILE J 46 38.05 -0.61 17.76
C ILE J 46 39.32 -1.30 17.26
N HIS J 47 39.55 -1.25 15.95
CA HIS J 47 40.77 -1.74 15.34
C HIS J 47 41.13 -0.85 14.16
N TYR J 48 42.42 -0.90 13.76
CA TYR J 48 42.88 -0.22 12.56
C TYR J 48 43.98 -1.03 11.89
N SER J 49 44.36 -0.59 10.69
CA SER J 49 45.33 -1.32 9.89
C SER J 49 46.00 -0.33 8.96
N TYR J 50 47.33 -0.35 8.93
CA TYR J 50 48.09 0.47 8.03
C TYR J 50 48.86 -0.35 7.01
N VAL J 51 48.78 -1.67 7.08
CA VAL J 51 49.50 -2.51 6.13
C VAL J 51 48.73 -3.82 5.96
N ALA J 52 48.81 -4.38 4.76
CA ALA J 52 48.05 -5.57 4.46
C ALA J 52 48.55 -6.75 5.29
N ASP J 53 47.61 -7.64 5.63
CA ASP J 53 47.85 -8.85 6.43
C ASP J 53 48.14 -8.57 7.90
N SER J 54 47.97 -7.34 8.37
CA SER J 54 48.25 -6.99 9.76
C SER J 54 47.18 -6.05 10.29
N THR J 55 46.80 -6.24 11.57
CA THR J 55 45.83 -5.35 12.22
C THR J 55 46.34 -4.97 13.61
N GLU J 56 45.98 -3.77 14.04
CA GLU J 56 46.35 -3.28 15.35
C GLU J 56 45.15 -3.24 16.28
N LYS J 57 45.43 -3.31 17.59
CA LYS J 57 44.35 -3.52 18.54
C LYS J 57 43.57 -2.26 18.86
N GLY J 58 44.17 -1.07 18.76
CA GLY J 58 43.22 0.02 18.94
C GLY J 58 42.86 0.27 20.41
N ASP J 59 41.72 0.92 20.63
CA ASP J 59 41.31 1.40 21.96
C ASP J 59 40.34 0.48 22.69
N ILE J 60 39.36 -0.10 21.99
CA ILE J 60 38.42 -1.01 22.64
C ILE J 60 38.24 -2.28 21.81
N PRO J 61 39.24 -3.15 21.73
CA PRO J 61 39.12 -4.34 20.88
C PRO J 61 38.39 -5.52 21.52
N ASP J 62 37.99 -5.41 22.78
CA ASP J 62 37.39 -6.55 23.46
C ASP J 62 36.07 -6.91 22.81
N GLY J 63 35.91 -8.18 22.49
CA GLY J 63 34.74 -8.66 21.78
C GLY J 63 34.83 -8.57 20.28
N TYR J 64 35.81 -7.86 19.74
CA TYR J 64 35.94 -7.68 18.31
C TYR J 64 37.26 -8.24 17.82
N LYS J 65 37.29 -8.59 16.54
CA LYS J 65 38.49 -9.03 15.86
C LYS J 65 38.47 -8.41 14.47
N ALA J 66 39.64 -8.06 13.95
CA ALA J 66 39.75 -7.47 12.63
C ALA J 66 40.53 -8.37 11.69
N SER J 67 40.41 -8.11 10.40
CA SER J 67 41.18 -8.84 9.40
C SER J 67 41.28 -7.99 8.14
N ARG J 68 42.50 -7.87 7.61
CA ARG J 68 42.73 -7.07 6.42
C ARG J 68 43.47 -7.94 5.40
N PRO J 69 42.73 -8.68 4.56
CA PRO J 69 43.36 -9.58 3.59
C PRO J 69 43.86 -8.91 2.34
N SER J 70 43.51 -7.64 2.11
CA SER J 70 43.97 -6.91 0.93
C SER J 70 44.04 -5.43 1.25
N GLN J 71 44.59 -4.66 0.31
CA GLN J 71 44.66 -3.21 0.44
C GLN J 71 43.29 -2.54 0.43
N GLU J 72 42.23 -3.20 -0.04
CA GLU J 72 40.93 -2.58 -0.24
C GLU J 72 39.85 -3.03 0.74
N ASN J 73 40.10 -4.05 1.56
CA ASN J 73 39.08 -4.65 2.41
C ASN J 73 39.51 -4.73 3.86
N PHE J 74 38.59 -4.44 4.76
CA PHE J 74 38.87 -4.47 6.20
C PHE J 74 37.62 -4.95 6.91
N SER J 75 37.63 -6.16 7.46
CA SER J 75 36.43 -6.73 8.04
C SER J 75 36.49 -6.70 9.56
N LEU J 76 35.33 -6.67 10.19
CA LEU J 76 35.22 -6.66 11.64
C LEU J 76 34.33 -7.83 12.05
N ILE J 77 34.87 -8.74 12.85
CA ILE J 77 34.23 -10.01 13.17
C ILE J 77 33.87 -10.03 14.64
N LEU J 78 32.60 -10.33 14.94
CA LEU J 78 32.08 -10.46 16.30
C LEU J 78 31.70 -11.91 16.53
N GLU J 79 32.60 -12.66 17.17
CA GLU J 79 32.37 -14.09 17.29
C GLU J 79 31.16 -14.38 18.16
N LEU J 80 31.07 -13.73 19.31
CA LEU J 80 29.96 -13.92 20.23
C LEU J 80 29.34 -12.55 20.47
N ALA J 81 28.21 -12.30 19.81
CA ALA J 81 27.56 -11.00 19.91
C ALA J 81 26.94 -10.84 21.28
N SER J 82 27.14 -9.66 21.86
CA SER J 82 26.68 -9.34 23.20
C SER J 82 25.70 -8.17 23.13
N LEU J 83 24.93 -8.01 24.21
CA LEU J 83 23.98 -6.90 24.30
C LEU J 83 24.69 -5.56 24.24
N SER J 84 25.90 -5.47 24.78
CA SER J 84 26.59 -4.19 24.83
C SER J 84 27.09 -3.74 23.46
N GLN J 85 27.01 -4.59 22.44
CA GLN J 85 27.62 -4.31 21.16
C GLN J 85 26.65 -3.70 20.15
N THR J 86 25.48 -3.26 20.59
CA THR J 86 24.57 -2.58 19.68
C THR J 86 25.03 -1.14 19.54
N ALA J 87 25.38 -0.76 18.33
CA ALA J 87 25.79 0.62 18.04
C ALA J 87 25.71 0.82 16.53
N VAL J 88 26.16 1.99 16.08
CA VAL J 88 26.41 2.25 14.68
C VAL J 88 27.91 2.18 14.45
N TYR J 89 28.35 1.25 13.60
CA TYR J 89 29.77 1.05 13.30
C TYR J 89 30.15 1.77 12.01
N PHE J 90 31.21 2.56 12.08
CA PHE J 90 31.71 3.34 10.95
C PHE J 90 33.09 2.83 10.55
N CYS J 91 33.25 2.55 9.26
CA CYS J 91 34.52 2.22 8.63
C CYS J 91 35.16 3.46 8.06
N ALA J 92 36.50 3.48 8.03
CA ALA J 92 37.14 4.63 7.43
C ALA J 92 38.48 4.22 6.85
N SER J 93 38.94 5.02 5.89
CA SER J 93 40.27 4.87 5.32
C SER J 93 40.97 6.23 5.27
N SER J 94 42.32 6.19 5.17
CA SER J 94 43.15 7.39 4.97
C SER J 94 44.49 7.01 4.37
N ALA J 95 45.17 8.02 3.81
CA ALA J 95 46.52 7.77 3.33
C ALA J 95 47.37 9.03 3.45
N VAL J 96 48.68 8.82 3.53
CA VAL J 96 49.59 9.95 3.66
C VAL J 96 49.44 10.90 2.46
N ASN J 97 49.19 10.36 1.27
CA ASN J 97 49.14 11.18 0.06
C ASN J 97 47.96 12.14 0.09
N SER J 98 47.03 11.94 1.01
CA SER J 98 45.88 12.80 1.16
C SER J 98 45.90 13.49 2.53
N GLY J 99 47.05 13.46 3.19
CA GLY J 99 47.20 14.08 4.47
C GLY J 99 46.68 13.30 5.65
N ASN J 100 46.34 12.02 5.47
CA ASN J 100 45.72 11.20 6.53
C ASN J 100 44.41 11.80 7.08
N THR J 101 43.77 12.74 6.37
CA THR J 101 42.34 12.98 6.55
C THR J 101 41.55 11.67 6.48
N LEU J 102 40.60 11.47 7.41
CA LEU J 102 39.70 10.30 7.37
C LEU J 102 38.65 10.42 6.28
N TYR J 103 38.34 9.29 5.64
CA TYR J 103 37.23 9.17 4.70
C TYR J 103 36.27 8.12 5.22
N PHE J 104 35.03 8.48 5.45
CA PHE J 104 34.17 7.55 6.16
C PHE J 104 33.21 6.84 5.21
N GLY J 105 32.83 5.61 5.58
CA GLY J 105 31.77 4.91 4.90
C GLY J 105 30.40 5.38 5.34
N GLU J 106 29.38 4.67 4.85
CA GLU J 106 28.01 5.07 5.14
C GLU J 106 27.62 4.81 6.59
N GLY J 107 28.20 3.78 7.20
CA GLY J 107 27.84 3.37 8.55
C GLY J 107 26.98 2.12 8.59
N SER J 108 27.15 1.27 9.60
CA SER J 108 26.41 0.01 9.71
C SER J 108 25.72 -0.03 11.06
N ARG J 109 24.39 0.02 11.05
CA ARG J 109 23.65 0.06 12.29
C ARG J 109 23.35 -1.36 12.73
N LEU J 110 23.87 -1.75 13.87
CA LEU J 110 23.74 -3.11 14.38
C LEU J 110 22.89 -3.13 15.65
N ILE J 111 21.90 -4.02 15.67
CA ILE J 111 21.02 -4.25 16.82
C ILE J 111 21.17 -5.70 17.24
N VAL J 112 21.38 -5.94 18.53
CA VAL J 112 21.55 -7.29 19.07
C VAL J 112 20.40 -7.55 20.02
N VAL J 113 19.76 -8.71 19.86
CA VAL J 113 18.60 -9.11 20.65
C VAL J 113 18.83 -10.50 21.23
N GLU J 114 17.93 -10.91 22.11
CA GLU J 114 18.06 -12.18 22.81
C GLU J 114 17.23 -13.29 22.19
N ASP J 115 16.12 -12.98 21.55
CA ASP J 115 15.22 -13.99 21.02
C ASP J 115 14.85 -13.82 19.56
N LEU J 116 15.21 -12.70 18.94
CA LEU J 116 14.97 -12.45 17.51
C LEU J 116 13.48 -12.34 17.18
N ASN J 117 12.61 -12.70 18.12
CA ASN J 117 11.17 -12.60 17.95
C ASN J 117 10.61 -11.29 18.51
N LYS J 118 11.48 -10.35 18.85
CA LYS J 118 11.08 -9.01 19.26
C LYS J 118 11.09 -8.04 18.08
N VAL J 119 11.26 -8.54 16.87
CA VAL J 119 11.27 -7.72 15.67
C VAL J 119 9.86 -7.64 15.12
N PHE J 120 9.33 -6.42 14.99
CA PHE J 120 8.00 -6.16 14.46
C PHE J 120 8.08 -5.13 13.34
N PRO J 121 7.53 -5.42 12.16
CA PRO J 121 7.36 -4.39 11.13
C PRO J 121 6.35 -3.35 11.59
N PRO J 122 6.37 -2.16 10.99
CA PRO J 122 5.43 -1.10 11.38
C PRO J 122 4.09 -1.21 10.68
N GLU J 123 3.09 -0.59 11.31
CA GLU J 123 1.74 -0.48 10.76
C GLU J 123 1.49 0.99 10.43
N VAL J 124 1.28 1.28 9.15
CA VAL J 124 1.22 2.65 8.65
C VAL J 124 -0.20 3.01 8.32
N ALA J 125 -0.61 4.22 8.71
CA ALA J 125 -1.93 4.72 8.34
C ALA J 125 -1.81 6.22 8.06
N VAL J 126 -2.71 6.72 7.23
CA VAL J 126 -2.70 8.12 6.82
C VAL J 126 -4.00 8.74 7.26
N PHE J 127 -3.92 9.95 7.80
CA PHE J 127 -5.08 10.64 8.33
C PHE J 127 -5.39 11.85 7.46
N GLU J 128 -6.68 12.04 7.17
CA GLU J 128 -7.07 13.13 6.30
C GLU J 128 -7.03 14.45 7.06
N PRO J 129 -6.72 15.55 6.37
CA PRO J 129 -6.77 16.86 7.02
C PRO J 129 -8.18 17.17 7.50
N SER J 130 -8.25 18.06 8.49
CA SER J 130 -9.52 18.47 9.07
C SER J 130 -10.15 19.57 8.25
N GLU J 131 -11.49 19.59 8.25
CA GLU J 131 -12.20 20.65 7.54
C GLU J 131 -11.96 22.00 8.21
N ALA J 132 -11.70 22.01 9.52
CA ALA J 132 -11.47 23.27 10.21
C ALA J 132 -10.19 23.94 9.72
N GLU J 133 -9.12 23.16 9.56
CA GLU J 133 -7.86 23.73 9.11
C GLU J 133 -8.00 24.29 7.70
N ILE J 134 -8.75 23.60 6.85
CA ILE J 134 -8.96 24.07 5.48
C ILE J 134 -9.68 25.41 5.49
N SER J 135 -10.77 25.50 6.25
CA SER J 135 -11.53 26.75 6.28
C SER J 135 -10.75 27.86 6.96
N HIS J 136 -9.94 27.54 7.97
CA HIS J 136 -9.28 28.58 8.75
C HIS J 136 -8.04 29.11 8.04
N THR J 137 -7.22 28.22 7.47
CA THR J 137 -5.91 28.61 6.96
C THR J 137 -5.74 28.34 5.47
N GLN J 138 -6.74 27.78 4.79
CA GLN J 138 -6.63 27.41 3.37
C GLN J 138 -5.43 26.50 3.12
N LYS J 139 -5.11 25.66 4.11
CA LYS J 139 -4.03 24.71 4.03
C LYS J 139 -4.54 23.37 4.52
N ALA J 140 -3.97 22.29 3.99
CA ALA J 140 -4.33 20.95 4.39
C ALA J 140 -3.08 20.20 4.78
N THR J 141 -3.06 19.63 5.98
CA THR J 141 -1.92 18.88 6.48
C THR J 141 -2.34 17.42 6.70
N LEU J 142 -1.68 16.50 5.99
CA LEU J 142 -1.88 15.07 6.22
C LEU J 142 -0.89 14.57 7.25
N VAL J 143 -1.36 13.67 8.12
CA VAL J 143 -0.53 13.09 9.17
C VAL J 143 -0.38 11.60 8.92
N CYS J 144 0.87 11.13 8.89
CA CYS J 144 1.17 9.72 8.75
C CYS J 144 1.66 9.16 10.08
N LEU J 145 1.27 7.92 10.37
CA LEU J 145 1.58 7.29 11.64
C LEU J 145 2.07 5.87 11.40
N ALA J 146 3.29 5.59 11.87
CA ALA J 146 3.86 4.25 11.86
C ALA J 146 4.06 3.82 13.31
N THR J 147 3.51 2.66 13.67
CA THR J 147 3.43 2.25 15.06
C THR J 147 3.84 0.79 15.21
N GLY J 148 4.32 0.47 16.41
CA GLY J 148 4.57 -0.91 16.82
C GLY J 148 5.69 -1.62 16.10
N PHE J 149 6.79 -0.95 15.81
CA PHE J 149 7.90 -1.53 15.10
C PHE J 149 9.14 -1.57 16.00
N PHE J 150 10.02 -2.51 15.73
CA PHE J 150 11.27 -2.66 16.45
C PHE J 150 12.28 -3.34 15.55
N PRO J 151 13.48 -2.79 15.39
CA PRO J 151 14.05 -1.61 16.03
C PRO J 151 13.52 -0.32 15.44
N ASP J 152 14.01 0.82 15.92
CA ASP J 152 13.53 2.13 15.50
C ASP J 152 14.23 2.66 14.25
N HIS J 153 14.90 1.80 13.50
CA HIS J 153 15.56 2.21 12.25
C HIS J 153 14.57 2.11 11.10
N VAL J 154 13.85 3.20 10.87
CA VAL J 154 12.90 3.30 9.77
C VAL J 154 13.09 4.63 9.06
N GLU J 155 12.87 4.63 7.75
CA GLU J 155 12.96 5.85 6.95
C GLU J 155 11.59 6.12 6.34
N LEU J 156 11.07 7.33 6.56
CA LEU J 156 9.74 7.74 6.14
C LEU J 156 9.85 8.68 4.95
N SER J 157 8.94 8.55 3.99
CA SER J 157 8.94 9.42 2.84
C SER J 157 7.50 9.57 2.35
N TRP J 158 7.22 10.70 1.69
CA TRP J 158 5.92 11.01 1.14
C TRP J 158 6.01 10.96 -0.38
N TRP J 159 4.91 10.53 -1.00
CA TRP J 159 4.84 10.38 -2.46
C TRP J 159 3.49 10.93 -2.92
N VAL J 160 3.54 12.01 -3.69
CA VAL J 160 2.36 12.66 -4.23
C VAL J 160 2.35 12.43 -5.74
N ASN J 161 1.34 11.70 -6.21
CA ASN J 161 1.19 11.38 -7.64
C ASN J 161 2.43 10.66 -8.18
N GLY J 162 2.96 9.72 -7.39
CA GLY J 162 4.07 8.92 -7.83
C GLY J 162 5.43 9.58 -7.76
N LYS J 163 5.55 10.76 -7.19
CA LYS J 163 6.83 11.41 -7.06
C LYS J 163 7.10 11.68 -5.60
N GLU J 164 8.34 11.47 -5.17
CA GLU J 164 8.70 11.82 -3.81
C GLU J 164 8.70 13.34 -3.65
N VAL J 165 8.14 13.80 -2.53
CA VAL J 165 8.06 15.21 -2.18
C VAL J 165 8.82 15.48 -0.89
N HIS J 166 9.21 16.75 -0.72
CA HIS J 166 9.99 17.23 0.42
C HIS J 166 9.38 18.53 0.93
N SER J 167 9.06 19.46 0.04
CA SER J 167 8.47 20.71 0.46
C SER J 167 7.18 20.45 1.22
N GLY J 168 7.09 21.01 2.43
CA GLY J 168 5.92 20.85 3.27
C GLY J 168 5.93 19.64 4.16
N VAL J 169 6.95 18.80 4.10
CA VAL J 169 6.99 17.63 4.98
C VAL J 169 7.79 18.00 6.22
N CYS J 170 7.39 17.41 7.34
CA CYS J 170 8.00 17.72 8.63
C CYS J 170 7.85 16.48 9.49
N THR J 171 8.95 15.75 9.68
CA THR J 171 8.91 14.47 10.35
C THR J 171 9.57 14.56 11.71
N ASP J 172 9.24 13.60 12.56
CA ASP J 172 9.76 13.61 13.91
C ASP J 172 11.27 13.34 13.92
N PRO J 173 11.99 13.87 14.93
CA PRO J 173 13.44 13.65 14.94
C PRO J 173 13.82 12.21 15.21
N GLN J 174 13.06 11.52 16.06
CA GLN J 174 13.34 10.12 16.36
C GLN J 174 12.04 9.46 16.79
N PRO J 175 11.94 8.14 16.65
CA PRO J 175 10.73 7.45 17.11
C PRO J 175 10.65 7.49 18.62
N LEU J 176 9.42 7.42 19.13
CA LEU J 176 9.18 7.36 20.57
C LEU J 176 8.78 5.96 20.99
N LYS J 177 9.09 5.63 22.25
CA LYS J 177 8.79 4.30 22.77
C LYS J 177 7.32 4.23 23.19
N GLU J 178 6.63 3.19 22.74
CA GLU J 178 5.23 3.01 23.11
C GLU J 178 5.09 2.72 24.60
N GLN J 179 5.94 1.86 25.14
CA GLN J 179 5.98 1.55 26.56
C GLN J 179 7.39 1.82 27.06
N PRO J 180 7.71 3.08 27.35
CA PRO J 180 9.11 3.44 27.67
C PRO J 180 9.61 2.86 28.99
N ALA J 181 8.83 2.00 29.63
CA ALA J 181 9.23 1.41 30.90
C ALA J 181 9.96 0.08 30.74
N LEU J 182 9.82 -0.58 29.60
CA LEU J 182 10.43 -1.88 29.39
C LEU J 182 11.58 -1.76 28.39
N ASN J 183 12.50 -2.72 28.49
CA ASN J 183 13.68 -2.77 27.64
C ASN J 183 13.43 -3.47 26.31
N ASP J 184 12.17 -3.80 26.01
CA ASP J 184 11.79 -4.40 24.73
C ASP J 184 10.68 -3.60 24.08
N SER J 185 10.66 -2.29 24.32
CA SER J 185 9.55 -1.47 23.87
C SER J 185 9.60 -1.29 22.36
N ARG J 186 8.44 -1.39 21.73
CA ARG J 186 8.29 -1.08 20.32
C ARG J 186 8.12 0.43 20.14
N TYR J 187 8.49 0.92 18.97
CA TYR J 187 8.56 2.34 18.71
C TYR J 187 7.44 2.78 17.76
N ALA J 188 7.24 4.09 17.73
CA ALA J 188 6.24 4.72 16.88
C ALA J 188 6.80 6.04 16.34
N LEU J 189 6.38 6.40 15.12
CA LEU J 189 6.93 7.54 14.42
C LEU J 189 5.83 8.21 13.59
N SER J 190 5.82 9.54 13.56
CA SER J 190 4.85 10.29 12.78
C SER J 190 5.54 11.30 11.87
N SER J 191 4.76 11.84 10.92
CA SER J 191 5.24 12.83 9.96
C SER J 191 4.05 13.58 9.37
N ARG J 192 4.31 14.81 8.94
CA ARG J 192 3.29 15.72 8.42
C ARG J 192 3.63 16.10 6.99
N LEU J 193 2.61 16.10 6.12
CA LEU J 193 2.73 16.69 4.79
C LEU J 193 1.69 17.78 4.66
N ARG J 194 2.13 19.00 4.31
CA ARG J 194 1.24 20.15 4.17
C ARG J 194 1.17 20.60 2.72
N VAL J 195 -0.05 20.70 2.18
CA VAL J 195 -0.30 21.13 0.81
C VAL J 195 -1.37 22.21 0.83
N SER J 196 -1.65 22.76 -0.34
CA SER J 196 -2.69 23.77 -0.40
C SER J 196 -4.06 23.12 -0.29
N ALA J 197 -5.04 23.92 0.13
CA ALA J 197 -6.40 23.42 0.24
C ALA J 197 -6.92 22.96 -1.11
N THR J 198 -6.72 23.77 -2.16
CA THR J 198 -7.19 23.39 -3.48
C THR J 198 -6.51 22.12 -3.99
N PHE J 199 -5.23 21.92 -3.66
CA PHE J 199 -4.55 20.71 -4.11
C PHE J 199 -5.15 19.47 -3.44
N TRP J 200 -5.48 19.58 -2.15
CA TRP J 200 -6.05 18.44 -1.44
C TRP J 200 -7.48 18.16 -1.87
N GLN J 201 -8.22 19.20 -2.27
CA GLN J 201 -9.60 19.08 -2.70
C GLN J 201 -9.72 18.49 -4.11
N ASN J 202 -8.62 18.06 -4.73
CA ASN J 202 -8.66 17.42 -6.03
C ASN J 202 -8.68 15.92 -5.85
N PRO J 203 -9.76 15.22 -6.22
CA PRO J 203 -9.77 13.75 -6.06
C PRO J 203 -8.79 13.03 -6.95
N ARG J 204 -8.17 13.71 -7.92
CA ARG J 204 -7.20 13.09 -8.82
C ARG J 204 -5.78 13.09 -8.25
N ASN J 205 -5.57 13.67 -7.07
CA ASN J 205 -4.25 13.70 -6.47
C ASN J 205 -4.10 12.52 -5.51
N HIS J 206 -3.01 11.77 -5.69
CA HIS J 206 -2.76 10.55 -4.94
C HIS J 206 -1.63 10.78 -3.94
N PHE J 207 -1.87 10.41 -2.69
CA PHE J 207 -0.92 10.60 -1.61
C PHE J 207 -0.55 9.25 -1.04
N ARG J 208 0.75 9.01 -0.88
CA ARG J 208 1.25 7.78 -0.29
C ARG J 208 2.32 8.09 0.75
N CYS J 209 2.23 7.40 1.87
CA CYS J 209 3.19 7.49 2.95
C CYS J 209 3.97 6.18 2.99
N GLN J 210 5.26 6.25 2.73
CA GLN J 210 6.08 5.06 2.54
C GLN J 210 7.08 4.98 3.71
N VAL J 211 7.20 3.79 4.30
CA VAL J 211 8.05 3.58 5.47
C VAL J 211 8.96 2.41 5.16
N GLN J 212 10.27 2.67 5.11
CA GLN J 212 11.25 1.62 4.91
C GLN J 212 11.59 1.07 6.29
N PHE J 213 11.40 -0.22 6.46
CA PHE J 213 11.69 -0.90 7.73
C PHE J 213 12.88 -1.81 7.54
N TYR J 214 13.78 -1.81 8.51
CA TYR J 214 14.98 -2.64 8.47
C TYR J 214 14.80 -3.69 9.55
N GLY J 215 14.73 -4.95 9.15
CA GLY J 215 14.48 -6.01 10.11
C GLY J 215 15.34 -7.22 9.85
N LEU J 216 14.74 -8.42 9.78
CA LEU J 216 15.47 -9.65 9.56
C LEU J 216 15.90 -9.79 8.10
N SER J 217 16.76 -10.77 7.85
CA SER J 217 17.26 -11.07 6.52
C SER J 217 16.54 -12.27 5.96
N GLU J 218 16.82 -12.56 4.70
CA GLU J 218 16.20 -13.71 4.07
C GLU J 218 16.72 -15.01 4.66
N ASN J 219 17.97 -15.02 5.14
CA ASN J 219 18.60 -16.22 5.66
C ASN J 219 18.51 -16.30 7.19
N ASP J 220 17.44 -15.78 7.77
CA ASP J 220 17.25 -15.78 9.21
C ASP J 220 16.11 -16.73 9.55
N GLU J 221 16.41 -17.77 10.33
CA GLU J 221 15.40 -18.77 10.65
C GLU J 221 14.25 -18.16 11.43
N TRP J 222 13.03 -18.40 10.97
CA TRP J 222 11.82 -17.86 11.59
C TRP J 222 10.85 -19.01 11.80
N THR J 223 10.47 -19.24 13.06
CA THR J 223 9.61 -20.34 13.43
C THR J 223 8.42 -19.86 14.26
N GLN J 224 7.79 -18.77 13.85
CA GLN J 224 6.61 -18.24 14.51
C GLN J 224 5.44 -18.19 13.54
N ASP J 225 4.23 -18.09 14.10
CA ASP J 225 3.03 -18.13 13.26
C ASP J 225 2.95 -16.91 12.35
N ARG J 226 3.25 -15.73 12.87
CA ARG J 226 3.13 -14.53 12.08
C ARG J 226 4.15 -14.52 10.94
N ALA J 227 4.04 -13.51 10.09
CA ALA J 227 4.92 -13.42 8.94
C ALA J 227 6.32 -12.99 9.36
N LYS J 228 7.32 -13.51 8.67
CA LYS J 228 8.70 -13.20 9.03
C LYS J 228 8.93 -11.70 8.86
N PRO J 229 9.34 -10.99 9.90
CA PRO J 229 9.55 -9.53 9.79
C PRO J 229 10.86 -9.15 9.11
N VAL J 230 10.90 -9.35 7.79
CA VAL J 230 12.11 -9.05 7.03
C VAL J 230 12.14 -7.55 6.79
N THR J 231 13.30 -7.05 6.38
CA THR J 231 13.40 -5.71 5.84
C THR J 231 12.44 -5.52 4.67
N GLN J 232 11.53 -4.56 4.81
CA GLN J 232 10.40 -4.47 3.89
C GLN J 232 9.88 -3.03 3.91
N ILE J 233 8.94 -2.76 3.02
CA ILE J 233 8.26 -1.48 2.96
C ILE J 233 6.77 -1.70 3.26
N VAL J 234 6.21 -0.88 4.15
CA VAL J 234 4.78 -0.81 4.41
C VAL J 234 4.30 0.60 4.09
N SER J 235 3.16 0.69 3.41
CA SER J 235 2.62 1.95 2.91
C SER J 235 1.18 2.14 3.35
N ALA J 236 0.73 3.39 3.29
CA ALA J 236 -0.66 3.75 3.45
C ALA J 236 -0.96 4.91 2.52
N GLU J 237 -2.09 4.83 1.83
CA GLU J 237 -2.40 5.81 0.79
C GLU J 237 -3.77 6.41 1.03
N ALA J 238 -3.97 7.57 0.40
CA ALA J 238 -5.22 8.31 0.50
C ALA J 238 -5.40 9.15 -0.75
N TRP J 239 -6.66 9.38 -1.12
CA TRP J 239 -6.99 10.26 -2.23
C TRP J 239 -7.54 11.57 -1.70
N GLY J 240 -7.37 12.64 -2.47
CA GLY J 240 -8.01 13.89 -2.14
C GLY J 240 -9.53 13.81 -2.23
N ARG J 241 -10.19 14.64 -1.41
CA ARG J 241 -11.64 14.73 -1.34
C ARG J 241 -12.05 16.17 -1.59
N ALA J 242 -12.93 16.38 -2.57
CA ALA J 242 -13.49 17.70 -2.84
C ALA J 242 -14.41 18.17 -1.72
N ASP J 243 -15.09 17.24 -1.04
CA ASP J 243 -15.98 17.59 0.07
C ASP J 243 -15.84 16.58 1.21
C1 NAG K . -78.39 -7.04 9.58
C2 NAG K . -78.43 -5.53 9.71
C3 NAG K . -77.39 -5.07 10.74
C4 NAG K . -77.63 -5.76 12.08
C5 NAG K . -77.59 -7.27 11.88
C6 NAG K . -77.91 -8.08 13.13
C7 NAG K . -79.11 -4.27 7.74
C8 NAG K . -78.68 -3.61 6.46
N2 NAG K . -78.16 -4.89 8.44
O3 NAG K . -77.41 -3.65 10.90
O4 NAG K . -76.51 -5.28 12.85
O5 NAG K . -78.56 -7.66 10.89
O6 NAG K . -76.76 -8.72 13.63
O7 NAG K . -80.28 -4.26 8.13
C1 NAG K . -76.34 -5.33 14.27
C2 NAG K . -74.99 -4.57 14.38
C3 NAG K . -75.17 -3.08 14.65
C4 NAG K . -76.59 -2.64 14.31
C5 NAG K . -77.56 -3.35 15.25
C6 NAG K . -79.02 -3.12 14.92
C7 NAG K . -73.16 -6.10 14.87
C8 NAG K . -73.27 -6.48 13.43
N2 NAG K . -74.04 -5.19 15.29
O3 NAG K . -74.32 -2.39 13.76
O4 NAG K . -76.74 -1.24 14.47
O5 NAG K . -77.35 -4.77 15.22
O6 NAG K . -79.89 -3.98 15.66
O7 NAG K . -72.35 -6.63 15.64
C1 NAG L . -66.85 20.74 -3.20
C2 NAG L . -67.77 20.83 -4.40
C3 NAG L . -67.20 21.78 -5.45
C4 NAG L . -66.92 23.14 -4.82
C5 NAG L . -66.01 22.98 -3.60
C6 NAG L . -65.78 24.27 -2.83
C7 NAG L . -69.15 18.90 -5.00
C8 NAG L . -69.16 17.52 -5.59
N2 NAG L . -67.97 19.51 -4.97
O3 NAG L . -68.14 21.94 -6.51
O4 NAG L . -66.33 23.99 -5.80
O5 NAG L . -66.62 22.06 -2.67
O6 NAG L . -66.99 24.87 -2.38
O7 NAG L . -70.16 19.44 -4.57
C1 NAG L . -67.16 25.15 -6.05
C2 NAG L . -66.35 26.22 -6.82
C3 NAG L . -67.24 27.44 -7.10
C4 NAG L . -68.49 27.00 -7.86
C5 NAG L . -69.21 25.90 -7.08
C6 NAG L . -70.41 25.33 -7.81
C7 NAG L . -65.11 27.18 -4.89
C8 NAG L . -63.74 27.52 -4.37
N2 NAG L . -65.15 26.62 -6.11
O3 NAG L . -66.53 28.43 -7.84
O4 NAG L . -69.37 28.11 -8.06
O5 NAG L . -68.33 24.80 -6.84
O6 NAG L . -71.38 24.80 -6.90
O7 NAG L . -66.12 27.43 -4.24
C1 NAG M . 77.84 -11.66 9.99
C2 NAG M . 78.17 -12.08 8.57
C3 NAG M . 77.04 -12.90 7.99
C4 NAG M . 76.79 -14.10 8.88
C5 NAG M . 76.56 -13.65 10.32
C6 NAG M . 76.48 -14.80 11.30
C7 NAG M . 77.86 -9.93 7.28
C8 NAG M . 76.46 -9.79 7.81
N2 NAG M . 78.58 -10.99 7.69
O3 NAG M . 77.28 -13.30 6.64
O4 NAG M . 75.62 -14.73 8.38
O5 NAG M . 77.63 -12.81 10.78
O6 NAG M . 77.67 -15.57 11.27
O7 NAG M . 78.34 -9.11 6.51
C1 NAG M . 76.03 -16.01 8.02
C2 NAG M . 74.68 -16.72 8.06
C3 NAG M . 74.13 -17.10 6.67
C4 NAG M . 75.14 -17.77 5.82
C5 NAG M . 76.58 -17.33 6.14
C6 NAG M . 77.46 -17.28 4.95
C7 NAG M . 75.61 -18.60 9.45
C8 NAG M . 75.27 -19.58 10.54
N2 NAG M . 74.60 -17.79 9.06
O3 NAG M . 73.77 -15.85 6.05
O4 NAG M . 75.12 -19.18 5.88
O5 NAG M . 76.52 -16.00 6.74
O6 NAG M . 78.73 -16.72 5.19
O7 NAG M . 76.71 -18.58 8.92
C1 NAG M . 74.45 -19.52 4.79
C2 NAG M . 75.14 -20.76 4.10
C3 NAG M . 74.12 -21.55 3.29
C4 NAG M . 72.96 -22.00 4.20
C5 NAG M . 72.08 -20.85 4.53
C6 NAG M . 71.09 -21.25 5.61
C7 NAG M . 77.19 -21.19 2.74
C8 NAG M . 78.34 -20.45 1.96
N2 NAG M . 76.28 -20.38 3.28
O3 NAG M . 74.81 -22.70 2.87
O4 NAG M . 72.14 -22.84 3.37
O5 NAG M . 72.91 -19.82 5.09
O6 NAG M . 71.65 -22.12 6.62
O7 NAG M . 77.10 -22.38 2.77
C1 GOL N . -78.00 -22.74 -6.69
O1 GOL N . -77.39 -21.64 -7.33
C2 GOL N . -79.29 -23.17 -7.45
O2 GOL N . -79.02 -23.99 -8.52
C3 GOL N . -80.08 -23.93 -6.40
O3 GOL N . -80.92 -24.78 -7.09
C1 GOL O . -73.84 -6.86 -17.43
O1 GOL O . -73.59 -7.37 -18.72
C2 GOL O . -74.32 -8.05 -16.52
O2 GOL O . -75.67 -8.20 -16.58
C3 GOL O . -73.96 -7.65 -15.11
O3 GOL O . -74.57 -8.62 -14.26
C1 GOL P . -84.26 -2.24 -15.79
O1 GOL P . -84.82 -1.05 -15.29
C2 GOL P . -85.13 -3.41 -15.26
O2 GOL P . -86.26 -3.66 -16.04
C3 GOL P . -84.13 -4.62 -15.15
O3 GOL P . -84.56 -5.42 -14.08
S SO4 Q . -63.85 31.20 -7.33
O1 SO4 Q . -63.85 32.54 -6.75
O2 SO4 Q . -62.82 30.38 -6.69
O3 SO4 Q . -65.16 30.58 -7.13
O4 SO4 Q . -63.58 31.29 -8.77
S SO4 R . -93.52 -25.99 11.38
O1 SO4 R . -92.49 -25.59 10.44
O2 SO4 R . -92.93 -26.70 12.51
O3 SO4 R . -94.22 -24.81 11.86
O4 SO4 R . -94.45 -26.89 10.71
C1 NAG S . -67.24 -12.99 -38.57
C2 NAG S . -67.09 -12.50 -40.02
C3 NAG S . -66.59 -13.64 -40.90
C4 NAG S . -65.26 -14.20 -40.38
C5 NAG S . -64.83 -13.61 -39.02
C6 NAG S . -64.12 -12.28 -39.11
C7 NAG S . -68.44 -10.74 -41.09
C8 NAG S . -69.80 -10.34 -41.58
N2 NAG S . -68.35 -11.96 -40.54
O3 NAG S . -66.41 -13.19 -42.24
O4 NAG S . -65.36 -15.61 -40.23
O5 NAG S . -65.93 -13.49 -38.09
O6 NAG S . -62.76 -12.41 -39.49
O7 NAG S . -67.47 -9.99 -41.19
C1 GOL T . -83.34 -18.73 -32.86
O1 GOL T . -84.35 -17.98 -33.48
C2 GOL T . -83.88 -20.16 -32.74
O2 GOL T . -85.04 -20.21 -32.01
C3 GOL T . -82.77 -20.98 -32.06
O3 GOL T . -83.18 -22.32 -32.06
C1 GOL U . -72.23 4.25 -25.60
O1 GOL U . -71.06 4.74 -26.17
C2 GOL U . -71.85 3.87 -24.16
O2 GOL U . -70.62 4.41 -23.83
C3 GOL U . -71.83 2.31 -24.11
O3 GOL U . -71.63 1.96 -22.76
S SO4 V . -72.47 -27.89 -20.98
O1 SO4 V . -72.68 -26.96 -22.09
O2 SO4 V . -71.11 -27.70 -20.44
O3 SO4 V . -73.44 -27.65 -19.91
O4 SO4 V . -72.63 -29.26 -21.43
C1 GOL W . -25.76 1.51 -26.94
O1 GOL W . -25.72 1.60 -28.34
C2 GOL W . -24.77 0.39 -26.49
O2 GOL W . -24.88 -0.76 -27.24
C3 GOL W . -25.06 0.11 -25.01
O3 GOL W . -24.36 -1.07 -24.71
S SO4 X . -20.65 -8.97 -12.54
O1 SO4 X . -19.45 -8.57 -13.26
O2 SO4 X . -20.76 -8.15 -11.33
O3 SO4 X . -21.79 -8.74 -13.43
O4 SO4 X . -20.63 -10.38 -12.16
C1 GOL Y . -13.27 -5.53 -12.92
O1 GOL Y . -12.86 -5.47 -11.58
C2 GOL Y . -13.37 -7.03 -13.25
O2 GOL Y . -12.26 -7.68 -12.76
C3 GOL Y . -14.65 -7.56 -12.56
O3 GOL Y . -14.52 -8.97 -12.49
S SO4 Z . -51.83 0.55 -2.44
O1 SO4 Z . -52.35 1.51 -3.41
O2 SO4 Z . -50.46 0.92 -2.11
O3 SO4 Z . -52.64 0.61 -1.23
O4 SO4 Z . -51.78 -0.81 -2.95
S SO4 AA . -9.66 5.98 -22.73
O1 SO4 AA . -9.23 7.18 -23.44
O2 SO4 AA . -8.53 5.25 -22.17
O3 SO4 AA . -10.62 6.35 -21.70
O4 SO4 AA . -10.31 5.12 -23.71
C1 NAG BA . 66.41 1.28 -17.62
C2 NAG BA . 67.29 2.53 -17.73
C3 NAG BA . 66.72 3.50 -18.76
C4 NAG BA . 66.56 2.80 -20.10
C5 NAG BA . 65.65 1.59 -19.92
C6 NAG BA . 65.51 0.79 -21.19
C7 NAG BA . 68.41 2.98 -15.60
C8 NAG BA . 68.39 3.79 -14.33
N2 NAG BA . 67.41 3.21 -16.45
O3 NAG BA . 67.57 4.64 -18.89
O4 NAG BA . 66.01 3.69 -21.07
O5 NAG BA . 66.21 0.71 -18.93
O6 NAG BA . 65.66 1.65 -22.30
O7 NAG BA . 69.28 2.16 -15.83
C1 GOL CA . 83.98 -11.19 2.71
O1 GOL CA . 84.54 -12.16 1.87
C2 GOL CA . 84.79 -11.21 4.05
O2 GOL CA . 84.26 -10.31 4.99
C3 GOL CA . 84.78 -12.68 4.55
O3 GOL CA . 84.94 -12.64 5.93
C1 GOL DA . 77.45 -8.04 -2.07
O1 GOL DA . 78.32 -7.47 -3.00
C2 GOL DA . 78.02 -9.45 -1.69
O2 GOL DA . 77.31 -10.02 -0.63
C3 GOL DA . 79.56 -9.26 -1.42
O3 GOL DA . 80.04 -10.42 -0.82
S SO4 EA . 84.60 13.27 6.39
O1 SO4 EA . 85.82 14.07 6.44
O2 SO4 EA . 84.79 12.05 7.18
O3 SO4 EA . 83.51 14.06 6.94
O4 SO4 EA . 84.33 12.93 5.00
C1 GOL FA . 71.84 21.24 -1.72
O1 GOL FA . 72.27 21.44 -3.04
C2 GOL FA . 71.59 22.64 -1.06
O2 GOL FA . 70.76 23.45 -1.85
C3 GOL FA . 70.97 22.33 0.35
O3 GOL FA . 71.44 21.08 0.79
S SO4 GA . 79.01 5.16 26.71
O1 SO4 GA . 78.54 6.15 27.67
O2 SO4 GA . 80.30 5.59 26.20
O3 SO4 GA . 79.17 3.87 27.38
O4 SO4 GA . 78.05 5.04 25.61
S SO4 HA . 66.15 38.60 16.30
O1 SO4 HA . 66.28 40.06 16.44
O2 SO4 HA . 67.27 37.93 16.94
O3 SO4 HA . 64.94 38.15 16.97
O4 SO4 HA . 66.12 38.23 14.89
S SO4 IA . 60.03 30.74 7.50
O1 SO4 IA . 61.08 30.31 8.42
O2 SO4 IA . 60.67 31.49 6.43
O3 SO4 IA . 59.07 31.58 8.21
O4 SO4 IA . 59.30 29.60 6.96
S SO4 JA . 61.94 42.49 14.13
O1 SO4 JA . 62.01 43.13 15.45
O2 SO4 JA . 63.18 41.78 13.88
O3 SO4 JA . 61.75 43.52 13.11
O4 SO4 JA . 60.82 41.54 14.12
S SO4 KA . 98.42 32.81 30.24
O1 SO4 KA . 99.35 33.92 30.36
O2 SO4 KA . 98.84 31.70 31.12
O3 SO4 KA . 97.08 33.24 30.61
O4 SO4 KA . 98.43 32.36 28.86
S SO4 LA . 20.46 9.98 11.81
O1 SO4 LA . 21.26 11.18 11.60
O2 SO4 LA . 20.69 9.47 13.16
O3 SO4 LA . 19.05 10.32 11.67
O4 SO4 LA . 20.79 8.93 10.83
S SO4 MA . 24.57 12.35 19.64
O1 SO4 MA . 24.11 13.09 20.81
O2 SO4 MA . 25.68 13.11 19.06
O3 SO4 MA . 23.50 12.24 18.67
O4 SO4 MA . 25.02 11.00 20.00
S SO4 NA . 9.38 19.04 -3.67
O1 SO4 NA . 10.33 20.14 -3.53
O2 SO4 NA . 9.12 18.46 -2.36
O3 SO4 NA . 8.13 19.52 -4.24
O4 SO4 NA . 9.95 18.03 -4.54
S SO4 OA . 33.69 5.88 -7.03
O1 SO4 OA . 34.15 7.12 -7.65
O2 SO4 OA . 34.60 5.45 -5.97
O3 SO4 OA . 32.37 6.09 -6.45
O4 SO4 OA . 33.62 4.83 -8.05
#